data_2MB0
#
_entry.id   2MB0
#
loop_
_entity.id
_entity.type
_entity.pdbx_description
1 polymer 'RNA-binding motif protein, X chromosome'
2 polymer "RNA_(5'-R(*AP*UP*CP*AP*AP*A)-3')"
#
loop_
_entity_poly.entity_id
_entity_poly.type
_entity_poly.pdbx_seq_one_letter_code
_entity_poly.pdbx_strand_id
1 'polypeptide(L)'
;MVEADRPGKLFIGGLNTETNEKALEAVFGKYGRIVEVLLMKDRETNKSRGFAFVTFESPADAKDAARDMNGKSLDGKAIK
VEQATKPSFESGRRG
;
B
2 'polyribonucleotide' AUCAAA A
#
# COMPACT_ATOMS: atom_id res chain seq x y z
N MET A 1 -19.73 0.07 -8.71
CA MET A 1 -18.53 -0.48 -9.37
C MET A 1 -17.61 -1.13 -8.35
N VAL A 2 -17.50 -2.46 -8.42
CA VAL A 2 -16.58 -3.21 -7.59
C VAL A 2 -15.33 -3.50 -8.42
N GLU A 3 -14.24 -2.84 -8.07
CA GLU A 3 -12.99 -2.94 -8.81
C GLU A 3 -11.81 -3.17 -7.88
N ALA A 4 -10.95 -4.10 -8.30
CA ALA A 4 -9.72 -4.43 -7.61
C ALA A 4 -8.64 -4.65 -8.67
N ASP A 5 -7.63 -3.79 -8.63
CA ASP A 5 -6.54 -3.75 -9.59
C ASP A 5 -5.56 -4.90 -9.39
N ARG A 6 -5.99 -6.11 -9.79
CA ARG A 6 -5.29 -7.39 -9.81
C ARG A 6 -4.62 -7.81 -8.50
N PRO A 7 -4.57 -9.13 -8.23
CA PRO A 7 -3.94 -9.69 -7.04
C PRO A 7 -2.50 -9.25 -6.88
N GLY A 8 -2.05 -9.05 -5.63
CA GLY A 8 -0.65 -8.79 -5.34
C GLY A 8 -0.45 -7.32 -5.02
N LYS A 9 -1.42 -6.46 -5.35
CA LYS A 9 -1.30 -5.05 -5.03
C LYS A 9 -2.06 -4.77 -3.75
N LEU A 10 -1.39 -4.14 -2.79
CA LEU A 10 -1.98 -3.87 -1.51
C LEU A 10 -2.19 -2.38 -1.33
N PHE A 11 -3.14 -2.02 -0.47
CA PHE A 11 -3.40 -0.67 -0.03
C PHE A 11 -2.96 -0.56 1.42
N ILE A 12 -2.14 0.45 1.73
CA ILE A 12 -1.55 0.60 3.05
C ILE A 12 -1.98 1.93 3.65
N GLY A 13 -3.20 2.00 4.19
CA GLY A 13 -3.73 3.27 4.69
C GLY A 13 -3.49 3.45 6.18
N GLY A 14 -3.25 4.70 6.62
CA GLY A 14 -3.12 5.05 8.03
C GLY A 14 -1.66 5.20 8.43
N LEU A 15 -0.75 5.22 7.44
CA LEU A 15 0.66 5.30 7.68
C LEU A 15 1.06 6.64 8.29
N ASN A 16 2.27 6.68 8.84
CA ASN A 16 2.84 7.89 9.40
C ASN A 16 3.28 8.84 8.28
N THR A 17 3.43 10.12 8.60
CA THR A 17 3.90 11.10 7.62
C THR A 17 5.39 10.94 7.40
N GLU A 18 6.04 10.14 8.26
CA GLU A 18 7.48 9.96 8.28
C GLU A 18 7.88 8.70 7.51
N THR A 19 6.88 7.89 7.14
CA THR A 19 7.11 6.66 6.38
C THR A 19 7.40 6.99 4.92
N ASN A 20 8.27 6.21 4.30
CA ASN A 20 8.57 6.35 2.88
C ASN A 20 8.62 4.96 2.24
N GLU A 21 9.09 4.92 1.01
CA GLU A 21 9.09 3.71 0.21
C GLU A 21 10.08 2.70 0.75
N LYS A 22 11.21 3.15 1.29
CA LYS A 22 12.24 2.26 1.79
C LYS A 22 11.74 1.48 3.02
N ALA A 23 10.84 2.09 3.79
CA ALA A 23 10.33 1.46 5.00
C ALA A 23 9.20 0.51 4.62
N LEU A 24 8.60 0.79 3.46
CA LEU A 24 7.45 0.09 2.94
C LEU A 24 7.90 -1.12 2.14
N GLU A 25 9.10 -1.06 1.57
CA GLU A 25 9.70 -2.22 0.92
C GLU A 25 10.32 -3.13 1.95
N ALA A 26 10.77 -2.52 3.04
CA ALA A 26 11.49 -3.21 4.10
C ALA A 26 10.54 -3.95 5.03
N VAL A 27 9.29 -3.52 5.07
CA VAL A 27 8.30 -4.07 6.00
C VAL A 27 7.35 -5.04 5.33
N PHE A 28 7.01 -4.78 4.07
CA PHE A 28 6.16 -5.68 3.31
C PHE A 28 7.01 -6.69 2.52
N GLY A 29 8.33 -6.45 2.45
CA GLY A 29 9.22 -7.38 1.78
C GLY A 29 9.47 -8.59 2.68
N LYS A 30 8.90 -8.57 3.89
CA LYS A 30 9.04 -9.60 4.89
C LYS A 30 8.06 -10.75 4.63
N TYR A 31 7.11 -10.51 3.72
CA TYR A 31 6.08 -11.46 3.39
C TYR A 31 6.21 -12.00 1.97
N GLY A 32 6.94 -11.30 1.09
CA GLY A 32 7.10 -11.72 -0.29
C GLY A 32 8.06 -10.85 -1.06
N ARG A 33 8.49 -11.33 -2.22
CA ARG A 33 9.36 -10.58 -3.08
C ARG A 33 8.57 -9.47 -3.73
N ILE A 34 8.95 -8.24 -3.43
CA ILE A 34 8.31 -7.06 -3.98
C ILE A 34 8.73 -6.84 -5.42
N VAL A 35 7.79 -6.41 -6.26
CA VAL A 35 8.05 -6.05 -7.65
C VAL A 35 7.89 -4.54 -7.84
N GLU A 36 7.13 -3.89 -6.96
CA GLU A 36 6.93 -2.45 -7.00
C GLU A 36 6.43 -1.97 -5.65
N VAL A 37 6.77 -0.73 -5.26
CA VAL A 37 6.20 -0.08 -4.10
C VAL A 37 5.83 1.34 -4.43
N LEU A 38 4.73 1.80 -3.83
CA LEU A 38 4.26 3.17 -3.92
C LEU A 38 4.20 3.76 -2.53
N LEU A 39 4.31 5.07 -2.46
CA LEU A 39 4.08 5.81 -1.23
C LEU A 39 3.57 7.16 -1.65
N MET A 40 2.34 7.49 -1.25
CA MET A 40 1.70 8.68 -1.75
C MET A 40 2.08 9.85 -0.87
N LYS A 41 2.30 11.03 -1.45
CA LYS A 41 2.68 12.19 -0.66
C LYS A 41 2.20 13.50 -1.23
N ASP A 42 2.13 14.49 -0.33
CA ASP A 42 1.82 15.87 -0.64
C ASP A 42 2.79 16.41 -1.69
N ARG A 43 2.32 17.31 -2.57
CA ARG A 43 3.14 17.83 -3.66
C ARG A 43 3.91 19.09 -3.26
N GLU A 44 3.71 19.56 -2.03
CA GLU A 44 4.38 20.76 -1.52
C GLU A 44 5.27 20.44 -0.32
N THR A 45 5.12 19.26 0.28
CA THR A 45 5.94 18.88 1.44
C THR A 45 6.58 17.52 1.23
N ASN A 46 6.08 16.74 0.26
CA ASN A 46 6.67 15.46 -0.09
C ASN A 46 6.74 14.49 1.09
N LYS A 47 5.88 14.71 2.10
CA LYS A 47 5.79 13.88 3.29
C LYS A 47 5.14 12.55 2.98
N SER A 48 3.82 12.51 3.12
CA SER A 48 2.97 11.36 2.89
C SER A 48 1.51 11.83 2.82
N ARG A 49 0.68 11.09 2.09
CA ARG A 49 -0.77 11.31 2.06
C ARG A 49 -1.41 10.47 3.15
N GLY A 50 -0.59 9.68 3.86
CA GLY A 50 -1.03 8.79 4.93
C GLY A 50 -1.46 7.42 4.40
N PHE A 51 -1.37 7.19 3.09
CA PHE A 51 -1.64 5.88 2.54
C PHE A 51 -0.66 5.57 1.41
N ALA A 52 -0.53 4.29 1.07
CA ALA A 52 0.44 3.83 0.09
C ALA A 52 -0.01 2.53 -0.56
N PHE A 53 0.84 1.99 -1.45
CA PHE A 53 0.55 0.76 -2.17
C PHE A 53 1.83 -0.07 -2.31
N VAL A 54 1.68 -1.37 -2.57
CA VAL A 54 2.81 -2.26 -2.78
C VAL A 54 2.38 -3.43 -3.65
N THR A 55 3.25 -3.85 -4.57
CA THR A 55 2.97 -4.99 -5.43
C THR A 55 3.93 -6.14 -5.11
N PHE A 56 3.35 -7.29 -4.78
CA PHE A 56 4.08 -8.52 -4.51
C PHE A 56 4.23 -9.38 -5.76
N GLU A 57 5.25 -10.24 -5.80
CA GLU A 57 5.43 -11.19 -6.87
C GLU A 57 4.43 -12.34 -6.76
N SER A 58 3.87 -12.59 -5.57
CA SER A 58 2.82 -13.59 -5.41
C SER A 58 1.59 -12.93 -4.82
N PRO A 59 0.40 -13.33 -5.28
CA PRO A 59 -0.85 -12.76 -4.83
C PRO A 59 -1.17 -13.24 -3.41
N ALA A 60 -0.42 -14.22 -2.90
CA ALA A 60 -0.69 -14.80 -1.59
C ALA A 60 0.41 -14.42 -0.60
N ASP A 61 1.54 -13.92 -1.10
CA ASP A 61 2.52 -13.32 -0.22
C ASP A 61 1.96 -11.99 0.26
N ALA A 62 1.11 -11.38 -0.57
CA ALA A 62 0.40 -10.17 -0.23
C ALA A 62 -0.76 -10.48 0.72
N LYS A 63 -1.36 -11.67 0.60
CA LYS A 63 -2.41 -12.09 1.52
C LYS A 63 -1.80 -12.33 2.89
N ASP A 64 -0.59 -12.89 2.92
CA ASP A 64 0.06 -13.21 4.18
C ASP A 64 0.44 -11.94 4.92
N ALA A 65 0.79 -10.89 4.16
CA ALA A 65 1.07 -9.59 4.75
C ALA A 65 -0.24 -8.93 5.15
N ALA A 66 -1.25 -8.98 4.28
CA ALA A 66 -2.53 -8.34 4.54
C ALA A 66 -3.31 -9.07 5.64
N ARG A 67 -2.80 -10.23 6.08
CA ARG A 67 -3.33 -11.00 7.20
C ARG A 67 -2.45 -10.89 8.45
N ASP A 68 -1.41 -10.05 8.42
CA ASP A 68 -0.48 -9.94 9.53
C ASP A 68 -0.32 -8.49 9.92
N MET A 69 -0.03 -7.68 8.90
CA MET A 69 0.25 -6.27 9.02
C MET A 69 -1.03 -5.44 9.04
N ASN A 70 -2.19 -6.05 8.76
CA ASN A 70 -3.44 -5.34 8.78
C ASN A 70 -3.85 -5.09 10.22
N GLY A 71 -4.09 -3.82 10.56
CA GLY A 71 -4.51 -3.42 11.90
C GLY A 71 -3.31 -3.15 12.81
N LYS A 72 -2.10 -3.41 12.32
CA LYS A 72 -0.85 -3.11 13.00
C LYS A 72 -0.49 -1.66 12.77
N SER A 73 0.81 -1.37 12.83
CA SER A 73 1.32 -0.01 12.77
C SER A 73 2.59 0.10 11.95
N LEU A 74 2.83 1.34 11.50
CA LEU A 74 4.01 1.70 10.75
C LEU A 74 4.54 3.00 11.31
N ASP A 75 5.82 3.04 11.64
CA ASP A 75 6.44 4.23 12.17
C ASP A 75 5.68 4.79 13.37
N GLY A 76 4.90 3.94 14.03
CA GLY A 76 4.19 4.31 15.23
C GLY A 76 2.72 4.63 15.00
N LYS A 77 2.26 4.62 13.74
CA LYS A 77 0.89 4.97 13.39
C LYS A 77 0.14 3.75 12.83
N ALA A 78 -1.05 3.49 13.37
CA ALA A 78 -1.80 2.30 13.04
C ALA A 78 -2.34 2.34 11.60
N ILE A 79 -2.27 1.19 10.92
CA ILE A 79 -2.62 1.10 9.51
C ILE A 79 -3.68 0.05 9.19
N LYS A 80 -4.07 0.05 7.91
CA LYS A 80 -4.92 -0.95 7.27
C LYS A 80 -4.11 -1.58 6.14
N VAL A 81 -4.31 -2.88 5.91
CA VAL A 81 -3.69 -3.56 4.77
C VAL A 81 -4.74 -4.42 4.09
N GLU A 82 -4.89 -4.23 2.78
CA GLU A 82 -5.94 -4.90 2.02
C GLU A 82 -5.54 -4.91 0.55
N GLN A 83 -6.20 -5.72 -0.28
CA GLN A 83 -5.98 -5.66 -1.72
C GLN A 83 -6.40 -4.27 -2.20
N ALA A 84 -5.61 -3.67 -3.08
CA ALA A 84 -5.81 -2.29 -3.50
C ALA A 84 -6.97 -2.16 -4.48
N THR A 85 -7.58 -0.96 -4.48
CA THR A 85 -8.58 -0.57 -5.47
C THR A 85 -8.02 0.53 -6.33
N LYS A 86 -8.83 1.00 -7.28
CA LYS A 86 -8.44 2.03 -8.23
C LYS A 86 -8.65 3.43 -7.64
N PRO A 87 -7.90 4.43 -8.12
CA PRO A 87 -7.93 5.79 -7.61
C PRO A 87 -9.27 6.45 -7.91
N SER A 88 -9.58 7.55 -7.20
CA SER A 88 -10.88 8.19 -7.29
C SER A 88 -10.79 9.70 -7.52
N PHE A 89 -9.59 10.23 -7.81
CA PHE A 89 -9.42 11.65 -8.08
C PHE A 89 -9.78 11.99 -9.53
N GLU A 90 -10.22 11.00 -10.31
CA GLU A 90 -10.53 11.19 -11.71
C GLU A 90 -11.74 10.35 -12.12
N SER A 91 -12.42 10.75 -13.19
CA SER A 91 -13.65 10.14 -13.64
C SER A 91 -13.70 10.11 -15.16
N GLY A 92 -14.67 9.36 -15.71
CA GLY A 92 -14.88 9.28 -17.14
C GLY A 92 -15.33 10.63 -17.69
N ARG A 93 -15.09 10.85 -18.99
CA ARG A 93 -15.41 12.10 -19.66
C ARG A 93 -15.82 11.86 -21.11
N ARG A 94 -16.51 12.84 -21.70
CA ARG A 94 -17.05 12.78 -23.06
C ARG A 94 -17.97 11.58 -23.29
N GLY A 95 -18.51 11.46 -24.51
CA GLY A 95 -19.40 10.38 -24.88
C GLY A 95 -20.75 10.51 -24.18
N MET A 1 -18.93 -0.07 -8.49
CA MET A 1 -17.60 -0.30 -7.91
C MET A 1 -17.54 -1.68 -7.26
N VAL A 2 -16.90 -2.61 -7.98
CA VAL A 2 -16.57 -3.96 -7.52
C VAL A 2 -15.12 -4.22 -7.89
N GLU A 3 -14.43 -3.14 -8.25
CA GLU A 3 -13.14 -3.20 -8.87
C GLU A 3 -12.02 -3.57 -7.91
N ALA A 4 -11.08 -4.35 -8.44
CA ALA A 4 -9.86 -4.75 -7.77
C ALA A 4 -8.81 -4.90 -8.87
N ASP A 5 -7.91 -3.94 -8.96
CA ASP A 5 -6.98 -3.79 -10.07
C ASP A 5 -6.20 -5.06 -10.41
N ARG A 6 -5.26 -5.48 -9.57
CA ARG A 6 -4.49 -6.69 -9.82
C ARG A 6 -4.11 -7.34 -8.49
N PRO A 7 -4.19 -8.68 -8.38
CA PRO A 7 -3.75 -9.41 -7.21
C PRO A 7 -2.31 -9.06 -6.87
N GLY A 8 -1.99 -8.98 -5.58
CA GLY A 8 -0.64 -8.71 -5.15
C GLY A 8 -0.45 -7.22 -4.89
N LYS A 9 -1.41 -6.39 -5.30
CA LYS A 9 -1.30 -4.97 -5.03
C LYS A 9 -2.04 -4.67 -3.75
N LEU A 10 -1.37 -4.03 -2.81
CA LEU A 10 -1.94 -3.77 -1.50
C LEU A 10 -2.13 -2.28 -1.31
N PHE A 11 -3.11 -1.93 -0.47
CA PHE A 11 -3.35 -0.57 -0.04
C PHE A 11 -2.88 -0.47 1.40
N ILE A 12 -2.04 0.53 1.69
CA ILE A 12 -1.44 0.69 3.00
C ILE A 12 -1.84 2.04 3.59
N GLY A 13 -3.07 2.15 4.11
CA GLY A 13 -3.56 3.43 4.61
C GLY A 13 -3.29 3.58 6.10
N GLY A 14 -2.95 4.80 6.54
CA GLY A 14 -2.81 5.13 7.95
C GLY A 14 -1.35 5.23 8.37
N LEU A 15 -0.43 5.21 7.39
CA LEU A 15 0.99 5.23 7.64
C LEU A 15 1.44 6.55 8.26
N ASN A 16 2.65 6.56 8.82
CA ASN A 16 3.24 7.73 9.42
C ASN A 16 3.80 8.67 8.35
N THR A 17 3.95 9.95 8.69
CA THR A 17 4.53 10.96 7.81
C THR A 17 6.04 10.73 7.68
N GLU A 18 6.56 9.81 8.48
CA GLU A 18 7.98 9.53 8.60
C GLU A 18 8.35 8.29 7.79
N THR A 19 7.33 7.58 7.30
CA THR A 19 7.51 6.36 6.51
C THR A 19 7.77 6.73 5.06
N ASN A 20 8.61 5.94 4.40
CA ASN A 20 8.87 6.10 2.97
C ASN A 20 8.92 4.73 2.32
N GLU A 21 9.33 4.70 1.05
CA GLU A 21 9.30 3.50 0.23
C GLU A 21 10.28 2.46 0.75
N LYS A 22 11.43 2.89 1.28
CA LYS A 22 12.44 1.95 1.75
C LYS A 22 11.96 1.18 2.98
N ALA A 23 11.08 1.79 3.77
CA ALA A 23 10.59 1.15 4.98
C ALA A 23 9.41 0.27 4.62
N LEU A 24 8.81 0.56 3.47
CA LEU A 24 7.63 -0.09 2.95
C LEU A 24 8.03 -1.32 2.15
N GLU A 25 9.23 -1.28 1.58
CA GLU A 25 9.79 -2.45 0.92
C GLU A 25 10.41 -3.37 1.95
N ALA A 26 10.86 -2.78 3.05
CA ALA A 26 11.58 -3.48 4.10
C ALA A 26 10.61 -4.19 5.05
N VAL A 27 9.36 -3.74 5.08
CA VAL A 27 8.37 -4.25 6.01
C VAL A 27 7.38 -5.20 5.35
N PHE A 28 7.01 -4.90 4.10
CA PHE A 28 6.14 -5.79 3.35
C PHE A 28 6.96 -6.81 2.54
N GLY A 29 8.28 -6.60 2.46
CA GLY A 29 9.14 -7.56 1.80
C GLY A 29 9.36 -8.78 2.68
N LYS A 30 8.81 -8.74 3.88
CA LYS A 30 8.91 -9.78 4.88
C LYS A 30 7.91 -10.90 4.62
N TYR A 31 6.96 -10.63 3.71
CA TYR A 31 5.90 -11.55 3.36
C TYR A 31 6.03 -12.10 1.94
N GLY A 32 6.79 -11.43 1.08
CA GLY A 32 6.96 -11.87 -0.30
C GLY A 32 7.92 -10.99 -1.07
N ARG A 33 8.33 -11.48 -2.24
CA ARG A 33 9.22 -10.73 -3.09
C ARG A 33 8.44 -9.61 -3.75
N ILE A 34 8.85 -8.39 -3.46
CA ILE A 34 8.24 -7.18 -4.00
C ILE A 34 8.67 -6.98 -5.44
N VAL A 35 7.73 -6.50 -6.28
CA VAL A 35 8.01 -6.16 -7.66
C VAL A 35 7.88 -4.65 -7.86
N GLU A 36 7.13 -3.98 -6.98
CA GLU A 36 6.95 -2.53 -7.03
C GLU A 36 6.46 -2.03 -5.67
N VAL A 37 6.80 -0.79 -5.31
CA VAL A 37 6.26 -0.13 -4.14
C VAL A 37 5.89 1.32 -4.47
N LEU A 38 4.83 1.78 -3.83
CA LEU A 38 4.36 3.15 -3.90
C LEU A 38 4.35 3.73 -2.50
N LEU A 39 4.47 5.05 -2.42
CA LEU A 39 4.29 5.77 -1.19
C LEU A 39 3.82 7.16 -1.59
N MET A 40 2.62 7.53 -1.15
CA MET A 40 2.01 8.75 -1.66
C MET A 40 2.37 9.92 -0.77
N LYS A 41 2.66 11.08 -1.37
CA LYS A 41 2.94 12.27 -0.59
C LYS A 41 2.23 13.50 -1.13
N ASP A 42 1.96 14.43 -0.21
CA ASP A 42 1.29 15.67 -0.51
C ASP A 42 2.07 16.49 -1.52
N ARG A 43 1.37 17.19 -2.42
CA ARG A 43 2.00 17.90 -3.53
C ARG A 43 2.51 19.28 -3.11
N GLU A 44 2.18 19.71 -1.89
CA GLU A 44 2.56 21.02 -1.38
C GLU A 44 3.48 20.93 -0.16
N THR A 45 3.61 19.76 0.44
CA THR A 45 4.46 19.59 1.63
C THR A 45 5.42 18.42 1.47
N ASN A 46 5.15 17.55 0.48
CA ASN A 46 6.05 16.45 0.16
C ASN A 46 6.31 15.52 1.35
N LYS A 47 5.40 15.54 2.33
CA LYS A 47 5.45 14.73 3.53
C LYS A 47 5.10 13.29 3.19
N SER A 48 3.90 12.89 3.58
CA SER A 48 3.26 11.64 3.20
C SER A 48 1.76 11.89 3.24
N ARG A 49 1.01 11.29 2.31
CA ARG A 49 -0.45 11.40 2.30
C ARG A 49 -1.01 10.50 3.39
N GLY A 50 -0.13 9.71 4.01
CA GLY A 50 -0.51 8.76 5.05
C GLY A 50 -1.03 7.46 4.45
N PHE A 51 -0.96 7.30 3.12
CA PHE A 51 -1.35 6.04 2.50
C PHE A 51 -0.37 5.68 1.39
N ALA A 52 -0.30 4.40 1.05
CA ALA A 52 0.68 3.89 0.10
C ALA A 52 0.20 2.60 -0.55
N PHE A 53 1.02 2.03 -1.43
CA PHE A 53 0.69 0.79 -2.11
C PHE A 53 1.95 -0.07 -2.27
N VAL A 54 1.78 -1.36 -2.55
CA VAL A 54 2.89 -2.27 -2.78
C VAL A 54 2.42 -3.42 -3.65
N THR A 55 3.28 -3.86 -4.58
CA THR A 55 2.97 -4.99 -5.44
C THR A 55 3.89 -6.15 -5.12
N PHE A 56 3.29 -7.30 -4.79
CA PHE A 56 4.00 -8.54 -4.52
C PHE A 56 4.11 -9.41 -5.77
N GLU A 57 5.11 -10.29 -5.81
CA GLU A 57 5.26 -11.26 -6.88
C GLU A 57 4.22 -12.37 -6.77
N SER A 58 3.66 -12.61 -5.58
CA SER A 58 2.58 -13.58 -5.42
C SER A 58 1.35 -12.90 -4.85
N PRO A 59 0.16 -13.28 -5.34
CA PRO A 59 -1.10 -12.69 -4.90
C PRO A 59 -1.49 -13.26 -3.54
N ALA A 60 -0.67 -14.14 -2.97
CA ALA A 60 -0.95 -14.73 -1.66
C ALA A 60 0.15 -14.37 -0.66
N ASP A 61 1.31 -13.91 -1.13
CA ASP A 61 2.30 -13.35 -0.25
C ASP A 61 1.79 -12.00 0.24
N ALA A 62 0.97 -11.35 -0.60
CA ALA A 62 0.33 -10.10 -0.26
C ALA A 62 -0.83 -10.34 0.71
N LYS A 63 -1.45 -11.52 0.64
CA LYS A 63 -2.53 -11.86 1.57
C LYS A 63 -1.94 -12.17 2.93
N ASP A 64 -0.77 -12.81 2.94
CA ASP A 64 -0.11 -13.18 4.18
C ASP A 64 0.38 -11.94 4.91
N ALA A 65 0.61 -10.86 4.16
CA ALA A 65 0.91 -9.57 4.74
C ALA A 65 -0.37 -8.86 5.14
N ALA A 66 -1.37 -8.89 4.24
CA ALA A 66 -2.61 -8.17 4.46
C ALA A 66 -3.48 -8.81 5.53
N ARG A 67 -3.10 -9.99 6.02
CA ARG A 67 -3.74 -10.64 7.16
C ARG A 67 -2.85 -10.62 8.40
N ASP A 68 -1.74 -9.88 8.38
CA ASP A 68 -0.79 -9.88 9.48
C ASP A 68 -0.51 -8.46 9.90
N MET A 69 -0.16 -7.65 8.90
CA MET A 69 0.20 -6.26 9.03
C MET A 69 -1.04 -5.36 9.05
N ASN A 70 -2.21 -5.93 8.76
CA ASN A 70 -3.45 -5.17 8.78
C ASN A 70 -3.87 -4.91 10.23
N GLY A 71 -4.11 -3.64 10.56
CA GLY A 71 -4.51 -3.23 11.89
C GLY A 71 -3.32 -2.99 12.81
N LYS A 72 -2.11 -3.31 12.34
CA LYS A 72 -0.88 -3.03 13.03
C LYS A 72 -0.48 -1.59 12.79
N SER A 73 0.82 -1.32 12.88
CA SER A 73 1.37 0.02 12.80
C SER A 73 2.65 0.08 12.01
N LEU A 74 2.96 1.29 11.53
CA LEU A 74 4.17 1.56 10.79
C LEU A 74 4.79 2.83 11.36
N ASP A 75 6.06 2.74 11.74
CA ASP A 75 6.83 3.82 12.31
C ASP A 75 6.26 4.34 13.62
N GLY A 76 4.98 4.10 13.88
CA GLY A 76 4.34 4.55 15.08
C GLY A 76 2.84 4.81 14.91
N LYS A 77 2.33 4.72 13.68
CA LYS A 77 0.95 5.04 13.37
C LYS A 77 0.22 3.82 12.83
N ALA A 78 -0.99 3.57 13.34
CA ALA A 78 -1.75 2.37 13.00
C ALA A 78 -2.25 2.43 11.56
N ILE A 79 -2.17 1.30 10.86
CA ILE A 79 -2.52 1.22 9.45
C ILE A 79 -3.62 0.21 9.13
N LYS A 80 -4.00 0.21 7.85
CA LYS A 80 -4.87 -0.76 7.21
C LYS A 80 -4.08 -1.42 6.09
N VAL A 81 -4.26 -2.72 5.87
CA VAL A 81 -3.62 -3.41 4.76
C VAL A 81 -4.63 -4.34 4.10
N GLU A 82 -4.80 -4.18 2.79
CA GLU A 82 -5.79 -4.95 2.04
C GLU A 82 -5.46 -4.89 0.55
N GLN A 83 -6.04 -5.78 -0.27
CA GLN A 83 -5.87 -5.68 -1.71
C GLN A 83 -6.36 -4.31 -2.14
N ALA A 84 -5.58 -3.64 -3.00
CA ALA A 84 -5.87 -2.27 -3.40
C ALA A 84 -7.02 -2.18 -4.38
N THR A 85 -7.61 -0.98 -4.45
CA THR A 85 -8.63 -0.67 -5.44
C THR A 85 -8.15 0.48 -6.31
N LYS A 86 -8.88 0.71 -7.40
CA LYS A 86 -8.52 1.70 -8.39
C LYS A 86 -8.65 3.13 -7.85
N PRO A 87 -7.85 4.07 -8.37
CA PRO A 87 -7.83 5.45 -7.91
C PRO A 87 -9.12 6.16 -8.29
N SER A 88 -9.36 7.32 -7.68
CA SER A 88 -10.62 8.05 -7.81
C SER A 88 -10.44 9.44 -8.41
N PHE A 89 -9.23 9.83 -8.78
CA PHE A 89 -8.99 11.11 -9.43
C PHE A 89 -9.15 11.01 -10.94
N GLU A 90 -9.45 9.81 -11.44
CA GLU A 90 -9.63 9.55 -12.85
C GLU A 90 -11.06 9.85 -13.29
N SER A 91 -11.34 9.71 -14.59
CA SER A 91 -12.64 10.01 -15.16
C SER A 91 -12.93 9.06 -16.33
N GLY A 92 -14.19 9.01 -16.76
CA GLY A 92 -14.58 8.16 -17.87
C GLY A 92 -13.93 8.64 -19.17
N ARG A 93 -13.28 7.72 -19.87
CA ARG A 93 -12.61 8.00 -21.14
C ARG A 93 -12.58 6.74 -22.01
N ARG A 94 -12.23 6.92 -23.29
CA ARG A 94 -12.14 5.84 -24.27
C ARG A 94 -13.44 5.01 -24.33
N GLY A 95 -14.57 5.65 -24.05
CA GLY A 95 -15.87 5.00 -24.04
C GLY A 95 -16.97 5.98 -23.65
N MET A 1 -18.30 1.14 -9.20
CA MET A 1 -17.01 0.91 -8.52
C MET A 1 -17.07 -0.39 -7.72
N VAL A 2 -16.67 -1.48 -8.38
CA VAL A 2 -16.48 -2.79 -7.79
C VAL A 2 -15.08 -3.28 -8.17
N GLU A 3 -14.27 -2.33 -8.64
CA GLU A 3 -13.00 -2.62 -9.26
C GLU A 3 -11.93 -2.99 -8.26
N ALA A 4 -11.13 -3.98 -8.66
CA ALA A 4 -10.01 -4.47 -7.90
C ALA A 4 -8.84 -4.55 -8.87
N ASP A 5 -7.83 -3.72 -8.59
CA ASP A 5 -6.67 -3.51 -9.43
C ASP A 5 -5.69 -4.70 -9.42
N ARG A 6 -6.22 -5.91 -9.67
CA ARG A 6 -5.53 -7.18 -9.74
C ARG A 6 -4.82 -7.60 -8.45
N PRO A 7 -4.76 -8.92 -8.17
CA PRO A 7 -4.09 -9.48 -7.01
C PRO A 7 -2.63 -9.04 -6.91
N GLY A 8 -2.12 -8.96 -5.67
CA GLY A 8 -0.71 -8.71 -5.43
C GLY A 8 -0.48 -7.26 -5.08
N LYS A 9 -1.47 -6.38 -5.34
CA LYS A 9 -1.32 -4.99 -4.99
C LYS A 9 -2.08 -4.71 -3.71
N LEU A 10 -1.41 -4.07 -2.76
CA LEU A 10 -2.00 -3.80 -1.46
C LEU A 10 -2.19 -2.31 -1.28
N PHE A 11 -3.16 -1.94 -0.46
CA PHE A 11 -3.41 -0.59 -0.03
C PHE A 11 -2.98 -0.48 1.42
N ILE A 12 -2.16 0.52 1.74
CA ILE A 12 -1.57 0.66 3.05
C ILE A 12 -1.98 2.01 3.65
N GLY A 13 -3.18 2.10 4.24
CA GLY A 13 -3.68 3.37 4.75
C GLY A 13 -3.40 3.53 6.24
N GLY A 14 -3.11 4.76 6.68
CA GLY A 14 -2.96 5.09 8.10
C GLY A 14 -1.49 5.20 8.50
N LEU A 15 -0.60 5.17 7.51
CA LEU A 15 0.84 5.22 7.74
C LEU A 15 1.26 6.53 8.39
N ASN A 16 2.47 6.54 8.96
CA ASN A 16 3.06 7.71 9.57
C ASN A 16 3.51 8.70 8.49
N THR A 17 3.68 9.97 8.88
CA THR A 17 4.16 11.01 7.99
C THR A 17 5.66 10.85 7.75
N GLU A 18 6.26 9.88 8.46
CA GLU A 18 7.70 9.65 8.49
C GLU A 18 8.08 8.43 7.65
N THR A 19 7.08 7.69 7.17
CA THR A 19 7.28 6.47 6.43
C THR A 19 7.61 6.81 4.97
N ASN A 20 8.49 6.01 4.37
CA ASN A 20 8.82 6.15 2.96
C ASN A 20 8.85 4.77 2.31
N GLU A 21 9.34 4.73 1.07
CA GLU A 21 9.35 3.51 0.27
C GLU A 21 10.31 2.49 0.85
N LYS A 22 11.45 2.93 1.41
CA LYS A 22 12.43 2.01 1.94
C LYS A 22 11.88 1.25 3.14
N ALA A 23 10.96 1.86 3.89
CA ALA A 23 10.43 1.24 5.08
C ALA A 23 9.26 0.35 4.68
N LEU A 24 8.71 0.63 3.50
CA LEU A 24 7.53 -0.02 2.97
C LEU A 24 7.95 -1.26 2.17
N GLU A 25 9.15 -1.23 1.60
CA GLU A 25 9.70 -2.39 0.95
C GLU A 25 10.32 -3.32 1.98
N ALA A 26 10.77 -2.74 3.09
CA ALA A 26 11.47 -3.45 4.13
C ALA A 26 10.50 -4.17 5.05
N VAL A 27 9.25 -3.70 5.11
CA VAL A 27 8.24 -4.22 6.02
C VAL A 27 7.27 -5.17 5.34
N PHE A 28 6.94 -4.89 4.08
CA PHE A 28 6.08 -5.77 3.31
C PHE A 28 6.90 -6.77 2.52
N GLY A 29 8.22 -6.56 2.45
CA GLY A 29 9.11 -7.52 1.78
C GLY A 29 9.34 -8.74 2.67
N LYS A 30 8.75 -8.71 3.87
CA LYS A 30 8.87 -9.76 4.87
C LYS A 30 7.89 -10.89 4.59
N TYR A 31 6.97 -10.64 3.66
CA TYR A 31 5.92 -11.57 3.31
C TYR A 31 6.05 -12.10 1.89
N GLY A 32 6.81 -11.40 1.03
CA GLY A 32 6.99 -11.81 -0.36
C GLY A 32 7.99 -10.92 -1.06
N ARG A 33 8.52 -11.42 -2.18
CA ARG A 33 9.42 -10.60 -2.97
C ARG A 33 8.59 -9.54 -3.66
N ILE A 34 8.98 -8.30 -3.42
CA ILE A 34 8.32 -7.13 -3.96
C ILE A 34 8.76 -6.89 -5.40
N VAL A 35 7.83 -6.43 -6.23
CA VAL A 35 8.08 -6.10 -7.63
C VAL A 35 7.92 -4.61 -7.84
N GLU A 36 7.16 -3.94 -6.98
CA GLU A 36 6.99 -2.50 -7.03
C GLU A 36 6.46 -2.00 -5.68
N VAL A 37 6.79 -0.76 -5.32
CA VAL A 37 6.22 -0.11 -4.15
C VAL A 37 5.86 1.33 -4.47
N LEU A 38 4.78 1.79 -3.85
CA LEU A 38 4.32 3.17 -3.93
C LEU A 38 4.29 3.75 -2.54
N LEU A 39 4.43 5.07 -2.47
CA LEU A 39 4.28 5.79 -1.24
C LEU A 39 3.80 7.17 -1.62
N MET A 40 2.60 7.54 -1.15
CA MET A 40 1.97 8.75 -1.63
C MET A 40 2.34 9.92 -0.74
N LYS A 41 2.65 11.07 -1.35
CA LYS A 41 2.96 12.28 -0.61
C LYS A 41 2.51 13.53 -1.37
N ASP A 42 2.25 14.59 -0.61
CA ASP A 42 1.89 15.89 -1.15
C ASP A 42 3.02 16.48 -1.98
N ARG A 43 2.73 17.50 -2.79
CA ARG A 43 3.72 18.14 -3.66
C ARG A 43 4.02 19.57 -3.21
N GLU A 44 3.30 20.05 -2.20
CA GLU A 44 3.52 21.36 -1.61
C GLU A 44 4.18 21.23 -0.24
N THR A 45 4.20 20.03 0.33
CA THR A 45 4.84 19.76 1.61
C THR A 45 5.73 18.54 1.55
N ASN A 46 5.60 17.72 0.49
CA ASN A 46 6.40 16.52 0.33
C ASN A 46 6.15 15.51 1.47
N LYS A 47 5.09 15.73 2.25
CA LYS A 47 4.73 14.86 3.36
C LYS A 47 3.83 13.73 2.87
N SER A 48 4.00 12.56 3.47
CA SER A 48 3.19 11.40 3.13
C SER A 48 1.71 11.72 3.28
N ARG A 49 0.90 11.23 2.33
CA ARG A 49 -0.55 11.40 2.31
C ARG A 49 -1.18 10.54 3.41
N GLY A 50 -0.37 9.68 4.03
CA GLY A 50 -0.83 8.75 5.05
C GLY A 50 -1.29 7.43 4.46
N PHE A 51 -1.21 7.26 3.13
CA PHE A 51 -1.54 6.00 2.49
C PHE A 51 -0.51 5.67 1.41
N ALA A 52 -0.40 4.39 1.06
CA ALA A 52 0.58 3.91 0.11
C ALA A 52 0.12 2.60 -0.54
N PHE A 53 0.95 2.04 -1.43
CA PHE A 53 0.64 0.80 -2.11
C PHE A 53 1.90 -0.03 -2.26
N VAL A 54 1.73 -1.34 -2.53
CA VAL A 54 2.85 -2.25 -2.74
C VAL A 54 2.40 -3.39 -3.64
N THR A 55 3.27 -3.82 -4.54
CA THR A 55 2.99 -4.94 -5.43
C THR A 55 3.90 -6.12 -5.11
N PHE A 56 3.29 -7.25 -4.79
CA PHE A 56 3.97 -8.50 -4.57
C PHE A 56 4.04 -9.32 -5.85
N GLU A 57 5.01 -10.24 -5.93
CA GLU A 57 5.12 -11.14 -7.06
C GLU A 57 4.14 -12.29 -6.91
N SER A 58 3.67 -12.56 -5.69
CA SER A 58 2.64 -13.57 -5.48
C SER A 58 1.41 -12.91 -4.90
N PRO A 59 0.22 -13.30 -5.36
CA PRO A 59 -1.02 -12.71 -4.90
C PRO A 59 -1.36 -13.21 -3.51
N ALA A 60 -0.59 -14.18 -2.98
CA ALA A 60 -0.87 -14.75 -1.67
C ALA A 60 0.23 -14.39 -0.68
N ASP A 61 1.38 -13.90 -1.17
CA ASP A 61 2.38 -13.32 -0.31
C ASP A 61 1.83 -11.98 0.18
N ALA A 62 0.98 -11.37 -0.64
CA ALA A 62 0.29 -10.15 -0.29
C ALA A 62 -0.87 -10.45 0.66
N LYS A 63 -1.49 -11.63 0.54
CA LYS A 63 -2.54 -12.03 1.44
C LYS A 63 -1.94 -12.29 2.82
N ASP A 64 -0.75 -12.89 2.85
CA ASP A 64 -0.10 -13.23 4.10
C ASP A 64 0.31 -11.95 4.84
N ALA A 65 0.66 -10.92 4.08
CA ALA A 65 0.97 -9.62 4.68
C ALA A 65 -0.33 -8.92 5.10
N ALA A 66 -1.33 -8.97 4.24
CA ALA A 66 -2.60 -8.30 4.50
C ALA A 66 -3.38 -9.02 5.61
N ARG A 67 -2.89 -10.19 6.03
CA ARG A 67 -3.42 -10.96 7.14
C ARG A 67 -2.55 -10.88 8.38
N ASP A 68 -1.49 -10.05 8.37
CA ASP A 68 -0.56 -9.96 9.47
C ASP A 68 -0.37 -8.51 9.88
N MET A 69 -0.07 -7.70 8.86
CA MET A 69 0.23 -6.30 8.98
C MET A 69 -1.03 -5.44 9.02
N ASN A 70 -2.20 -6.02 8.75
CA ASN A 70 -3.44 -5.27 8.81
C ASN A 70 -3.81 -5.01 10.26
N GLY A 71 -4.04 -3.74 10.60
CA GLY A 71 -4.44 -3.34 11.95
C GLY A 71 -3.22 -3.10 12.84
N LYS A 72 -2.02 -3.38 12.34
CA LYS A 72 -0.76 -3.11 13.02
C LYS A 72 -0.39 -1.66 12.81
N SER A 73 0.92 -1.38 12.87
CA SER A 73 1.44 -0.03 12.81
C SER A 73 2.70 0.06 11.99
N LEU A 74 2.98 1.28 11.52
CA LEU A 74 4.16 1.59 10.75
C LEU A 74 4.78 2.85 11.29
N ASP A 75 6.06 2.77 11.61
CA ASP A 75 6.84 3.87 12.17
C ASP A 75 6.33 4.37 13.51
N GLY A 76 5.07 4.10 13.82
CA GLY A 76 4.48 4.53 15.06
C GLY A 76 2.96 4.75 14.96
N LYS A 77 2.40 4.67 13.75
CA LYS A 77 0.99 4.98 13.51
C LYS A 77 0.27 3.74 12.97
N ALA A 78 -0.92 3.48 13.50
CA ALA A 78 -1.67 2.29 13.15
C ALA A 78 -2.22 2.37 11.73
N ILE A 79 -2.16 1.25 11.01
CA ILE A 79 -2.53 1.19 9.60
C ILE A 79 -3.63 0.19 9.30
N LYS A 80 -3.98 0.14 8.01
CA LYS A 80 -4.85 -0.84 7.40
C LYS A 80 -4.10 -1.46 6.24
N VAL A 81 -4.31 -2.75 5.99
CA VAL A 81 -3.73 -3.42 4.83
C VAL A 81 -4.82 -4.24 4.16
N GLU A 82 -4.96 -4.07 2.84
CA GLU A 82 -6.04 -4.67 2.08
C GLU A 82 -5.63 -4.75 0.62
N GLN A 83 -6.32 -5.55 -0.20
CA GLN A 83 -6.07 -5.54 -1.63
C GLN A 83 -6.47 -4.17 -2.17
N ALA A 84 -5.65 -3.61 -3.06
CA ALA A 84 -5.86 -2.26 -3.55
C ALA A 84 -7.02 -2.18 -4.54
N THR A 85 -7.60 -0.98 -4.65
CA THR A 85 -8.62 -0.68 -5.64
C THR A 85 -8.13 0.47 -6.53
N LYS A 86 -8.92 0.80 -7.55
CA LYS A 86 -8.59 1.86 -8.49
C LYS A 86 -8.60 3.22 -7.79
N PRO A 87 -7.82 4.19 -8.29
CA PRO A 87 -7.73 5.52 -7.71
C PRO A 87 -9.06 6.25 -7.84
N SER A 88 -9.32 7.21 -6.96
CA SER A 88 -10.60 7.90 -6.93
C SER A 88 -10.70 9.00 -7.98
N PHE A 89 -9.66 9.20 -8.80
CA PHE A 89 -9.69 10.15 -9.89
C PHE A 89 -10.03 9.47 -11.21
N GLU A 90 -10.30 8.17 -11.18
CA GLU A 90 -10.50 7.38 -12.38
C GLU A 90 -11.83 6.64 -12.35
N SER A 91 -12.35 6.35 -13.55
CA SER A 91 -13.66 5.76 -13.75
C SER A 91 -13.65 4.79 -14.94
N GLY A 92 -12.46 4.31 -15.32
CA GLY A 92 -12.31 3.49 -16.51
C GLY A 92 -12.26 4.36 -17.74
N ARG A 93 -12.76 3.83 -18.87
CA ARG A 93 -12.73 4.50 -20.17
C ARG A 93 -11.33 5.02 -20.48
N ARG A 94 -11.24 6.21 -21.10
CA ARG A 94 -10.00 6.84 -21.52
C ARG A 94 -10.17 8.35 -21.44
N GLY A 95 -9.07 9.07 -21.20
CA GLY A 95 -9.07 10.53 -21.10
C GLY A 95 -9.81 10.99 -19.85
N MET A 1 -20.23 -2.05 -6.00
CA MET A 1 -19.10 -1.31 -6.59
C MET A 1 -17.83 -1.55 -5.82
N VAL A 2 -17.12 -2.63 -6.20
CA VAL A 2 -15.79 -2.93 -5.74
C VAL A 2 -15.01 -3.48 -6.93
N GLU A 3 -13.85 -2.90 -7.20
CA GLU A 3 -13.02 -3.30 -8.32
C GLU A 3 -11.56 -3.51 -7.87
N ALA A 4 -11.04 -4.70 -8.16
CA ALA A 4 -9.68 -5.09 -7.83
C ALA A 4 -8.91 -5.23 -9.13
N ASP A 5 -8.04 -4.25 -9.41
CA ASP A 5 -7.36 -4.18 -10.68
C ASP A 5 -6.35 -5.31 -10.89
N ARG A 6 -5.65 -5.74 -9.83
CA ARG A 6 -4.66 -6.81 -9.95
C ARG A 6 -4.32 -7.40 -8.58
N PRO A 7 -4.28 -8.73 -8.45
CA PRO A 7 -3.78 -9.40 -7.26
C PRO A 7 -2.35 -8.99 -6.94
N GLY A 8 -2.00 -8.98 -5.65
CA GLY A 8 -0.63 -8.72 -5.23
C GLY A 8 -0.44 -7.25 -4.91
N LYS A 9 -1.34 -6.39 -5.42
CA LYS A 9 -1.30 -4.99 -5.07
C LYS A 9 -2.07 -4.78 -3.78
N LEU A 10 -1.44 -4.10 -2.82
CA LEU A 10 -2.03 -3.84 -1.53
C LEU A 10 -2.22 -2.34 -1.32
N PHE A 11 -3.15 -1.99 -0.45
CA PHE A 11 -3.40 -0.64 -0.01
C PHE A 11 -2.93 -0.52 1.43
N ILE A 12 -2.12 0.49 1.72
CA ILE A 12 -1.52 0.67 3.03
C ILE A 12 -1.93 2.02 3.60
N GLY A 13 -3.13 2.13 4.17
CA GLY A 13 -3.62 3.41 4.67
C GLY A 13 -3.36 3.58 6.16
N GLY A 14 -3.07 4.79 6.60
CA GLY A 14 -2.94 5.11 8.02
C GLY A 14 -1.48 5.23 8.43
N LEU A 15 -0.56 5.18 7.46
CA LEU A 15 0.87 5.22 7.72
C LEU A 15 1.28 6.56 8.32
N ASN A 16 2.48 6.60 8.88
CA ASN A 16 3.06 7.80 9.43
C ASN A 16 3.46 8.77 8.32
N THR A 17 3.60 10.05 8.65
CA THR A 17 4.02 11.06 7.69
C THR A 17 5.51 10.95 7.42
N GLU A 18 6.17 10.07 8.17
CA GLU A 18 7.62 9.93 8.18
C GLU A 18 8.06 8.66 7.43
N THR A 19 7.09 7.83 7.03
CA THR A 19 7.35 6.58 6.34
C THR A 19 7.64 6.85 4.88
N ASN A 20 8.54 6.06 4.28
CA ASN A 20 8.84 6.17 2.86
C ASN A 20 8.87 4.79 2.24
N GLU A 21 9.34 4.74 0.99
CA GLU A 21 9.33 3.53 0.21
C GLU A 21 10.31 2.51 0.78
N LYS A 22 11.43 2.96 1.34
CA LYS A 22 12.43 2.05 1.88
C LYS A 22 11.89 1.30 3.09
N ALA A 23 10.98 1.92 3.84
CA ALA A 23 10.45 1.30 5.04
C ALA A 23 9.29 0.39 4.66
N LEU A 24 8.72 0.65 3.48
CA LEU A 24 7.55 0.00 2.96
C LEU A 24 7.95 -1.22 2.15
N GLU A 25 9.15 -1.19 1.56
CA GLU A 25 9.69 -2.36 0.89
C GLU A 25 10.33 -3.29 1.91
N ALA A 26 10.80 -2.69 3.01
CA ALA A 26 11.51 -3.42 4.05
C ALA A 26 10.56 -4.13 4.99
N VAL A 27 9.31 -3.65 5.06
CA VAL A 27 8.32 -4.19 5.98
C VAL A 27 7.35 -5.15 5.32
N PHE A 28 6.97 -4.85 4.08
CA PHE A 28 6.11 -5.74 3.32
C PHE A 28 6.93 -6.75 2.51
N GLY A 29 8.24 -6.53 2.42
CA GLY A 29 9.12 -7.47 1.75
C GLY A 29 9.35 -8.70 2.63
N LYS A 30 8.80 -8.67 3.84
CA LYS A 30 8.93 -9.72 4.84
C LYS A 30 7.94 -10.85 4.58
N TYR A 31 6.99 -10.60 3.68
CA TYR A 31 5.94 -11.53 3.35
C TYR A 31 6.07 -12.06 1.92
N GLY A 32 6.79 -11.37 1.05
CA GLY A 32 6.96 -11.79 -0.33
C GLY A 32 7.91 -10.89 -1.09
N ARG A 33 8.35 -11.37 -2.26
CA ARG A 33 9.23 -10.61 -3.11
C ARG A 33 8.43 -9.49 -3.75
N ILE A 34 8.82 -8.26 -3.45
CA ILE A 34 8.18 -7.08 -4.00
C ILE A 34 8.62 -6.86 -5.44
N VAL A 35 7.68 -6.43 -6.29
CA VAL A 35 7.96 -6.09 -7.68
C VAL A 35 7.83 -4.58 -7.89
N GLU A 36 7.04 -3.92 -7.04
CA GLU A 36 6.86 -2.48 -7.10
C GLU A 36 6.34 -1.98 -5.76
N VAL A 37 6.65 -0.72 -5.41
CA VAL A 37 6.08 -0.07 -4.23
C VAL A 37 5.70 1.36 -4.57
N LEU A 38 4.63 1.81 -3.93
CA LEU A 38 4.14 3.19 -4.03
C LEU A 38 4.18 3.79 -2.64
N LEU A 39 4.30 5.11 -2.60
CA LEU A 39 4.20 5.84 -1.37
C LEU A 39 3.73 7.23 -1.74
N MET A 40 2.58 7.64 -1.21
CA MET A 40 1.97 8.89 -1.65
C MET A 40 2.43 10.02 -0.74
N LYS A 41 2.71 11.19 -1.31
CA LYS A 41 3.09 12.35 -0.53
C LYS A 41 2.59 13.65 -1.15
N ASP A 42 2.43 14.67 -0.29
CA ASP A 42 1.97 16.00 -0.64
C ASP A 42 2.97 16.72 -1.55
N ARG A 43 2.51 17.76 -2.25
CA ARG A 43 3.33 18.52 -3.20
C ARG A 43 3.77 19.86 -2.63
N GLU A 44 3.31 20.20 -1.43
CA GLU A 44 3.68 21.45 -0.75
C GLU A 44 4.46 21.18 0.52
N THR A 45 4.46 19.94 1.02
CA THR A 45 5.22 19.56 2.20
C THR A 45 6.09 18.34 1.93
N ASN A 46 5.83 17.63 0.84
CA ASN A 46 6.58 16.44 0.48
C ASN A 46 6.43 15.34 1.54
N LYS A 47 5.50 15.53 2.48
CA LYS A 47 5.19 14.56 3.52
C LYS A 47 4.21 13.53 3.00
N SER A 48 4.32 12.31 3.52
CA SER A 48 3.46 11.22 3.11
C SER A 48 2.00 11.59 3.34
N ARG A 49 1.13 11.21 2.40
CA ARG A 49 -0.29 11.49 2.44
C ARG A 49 -0.97 10.60 3.48
N GLY A 50 -0.18 9.71 4.10
CA GLY A 50 -0.66 8.79 5.12
C GLY A 50 -1.14 7.47 4.52
N PHE A 51 -1.03 7.29 3.20
CA PHE A 51 -1.39 6.02 2.57
C PHE A 51 -0.41 5.68 1.45
N ALA A 52 -0.33 4.39 1.12
CA ALA A 52 0.62 3.89 0.13
C ALA A 52 0.11 2.61 -0.51
N PHE A 53 0.91 2.04 -1.42
CA PHE A 53 0.57 0.79 -2.09
C PHE A 53 1.83 -0.06 -2.28
N VAL A 54 1.65 -1.36 -2.53
CA VAL A 54 2.78 -2.26 -2.76
C VAL A 54 2.33 -3.42 -3.64
N THR A 55 3.18 -3.84 -4.58
CA THR A 55 2.90 -4.97 -5.45
C THR A 55 3.83 -6.12 -5.14
N PHE A 56 3.25 -7.27 -4.79
CA PHE A 56 3.98 -8.50 -4.53
C PHE A 56 4.10 -9.36 -5.78
N GLU A 57 5.11 -10.23 -5.82
CA GLU A 57 5.28 -11.18 -6.90
C GLU A 57 4.27 -12.32 -6.80
N SER A 58 3.72 -12.57 -5.60
CA SER A 58 2.67 -13.55 -5.44
C SER A 58 1.43 -12.87 -4.87
N PRO A 59 0.23 -13.25 -5.34
CA PRO A 59 -1.00 -12.65 -4.90
C PRO A 59 -1.36 -13.14 -3.51
N ALA A 60 -0.62 -14.12 -2.98
CA ALA A 60 -0.90 -14.70 -1.68
C ALA A 60 0.18 -14.35 -0.68
N ASP A 61 1.34 -13.89 -1.15
CA ASP A 61 2.34 -13.32 -0.27
C ASP A 61 1.80 -11.98 0.22
N ALA A 62 0.96 -11.35 -0.60
CA ALA A 62 0.27 -10.13 -0.25
C ALA A 62 -0.90 -10.42 0.67
N LYS A 63 -1.53 -11.60 0.53
CA LYS A 63 -2.61 -11.99 1.44
C LYS A 63 -2.02 -12.26 2.80
N ASP A 64 -0.83 -12.87 2.85
CA ASP A 64 -0.20 -13.19 4.11
C ASP A 64 0.20 -11.92 4.85
N ALA A 65 0.63 -10.91 4.11
CA ALA A 65 0.96 -9.62 4.70
C ALA A 65 -0.33 -8.90 5.13
N ALA A 66 -1.35 -8.93 4.26
CA ALA A 66 -2.61 -8.27 4.54
C ALA A 66 -3.39 -8.98 5.63
N ARG A 67 -2.90 -10.16 6.05
CA ARG A 67 -3.45 -10.92 7.17
C ARG A 67 -2.56 -10.84 8.41
N ASP A 68 -1.52 -10.00 8.41
CA ASP A 68 -0.60 -9.90 9.52
C ASP A 68 -0.42 -8.46 9.91
N MET A 69 -0.09 -7.65 8.90
CA MET A 69 0.22 -6.25 9.00
C MET A 69 -1.04 -5.38 9.04
N ASN A 70 -2.21 -5.96 8.76
CA ASN A 70 -3.45 -5.22 8.80
C ASN A 70 -3.84 -4.94 10.26
N GLY A 71 -4.05 -3.66 10.58
CA GLY A 71 -4.45 -3.25 11.93
C GLY A 71 -3.24 -3.02 12.83
N LYS A 72 -2.03 -3.34 12.35
CA LYS A 72 -0.79 -3.07 13.02
C LYS A 72 -0.39 -1.63 12.81
N SER A 73 0.92 -1.37 12.88
CA SER A 73 1.46 -0.03 12.83
C SER A 73 2.73 0.06 12.00
N LEU A 74 3.00 1.28 11.55
CA LEU A 74 4.18 1.61 10.78
C LEU A 74 4.74 2.91 11.32
N ASP A 75 6.03 2.92 11.63
CA ASP A 75 6.68 4.10 12.15
C ASP A 75 5.96 4.67 13.36
N GLY A 76 5.17 3.83 14.04
CA GLY A 76 4.49 4.22 15.24
C GLY A 76 3.01 4.59 15.03
N LYS A 77 2.53 4.57 13.78
CA LYS A 77 1.17 4.96 13.45
C LYS A 77 0.39 3.77 12.92
N ALA A 78 -0.80 3.53 13.46
CA ALA A 78 -1.60 2.36 13.14
C ALA A 78 -2.16 2.43 11.71
N ILE A 79 -2.11 1.31 11.00
CA ILE A 79 -2.48 1.24 9.59
C ILE A 79 -3.61 0.25 9.29
N LYS A 80 -3.95 0.23 7.99
CA LYS A 80 -4.85 -0.71 7.36
C LYS A 80 -4.08 -1.37 6.22
N VAL A 81 -4.29 -2.67 6.02
CA VAL A 81 -3.71 -3.36 4.87
C VAL A 81 -4.80 -4.18 4.20
N GLU A 82 -4.94 -4.04 2.88
CA GLU A 82 -6.03 -4.66 2.14
C GLU A 82 -5.63 -4.76 0.67
N GLN A 83 -6.34 -5.57 -0.11
CA GLN A 83 -6.09 -5.61 -1.55
C GLN A 83 -6.57 -4.28 -2.14
N ALA A 84 -5.74 -3.65 -2.97
CA ALA A 84 -6.00 -2.30 -3.43
C ALA A 84 -7.04 -2.23 -4.54
N THR A 85 -7.80 -1.13 -4.57
CA THR A 85 -8.76 -0.89 -5.63
C THR A 85 -8.33 0.29 -6.49
N LYS A 86 -8.99 0.44 -7.64
CA LYS A 86 -8.69 1.50 -8.59
C LYS A 86 -8.83 2.88 -7.94
N PRO A 87 -8.06 3.87 -8.39
CA PRO A 87 -8.08 5.22 -7.85
C PRO A 87 -9.38 5.91 -8.21
N SER A 88 -9.74 6.94 -7.44
CA SER A 88 -11.01 7.65 -7.58
C SER A 88 -11.03 8.53 -8.82
N PHE A 89 -9.88 8.70 -9.48
CA PHE A 89 -9.78 9.47 -10.72
C PHE A 89 -9.58 8.56 -11.93
N GLU A 90 -9.65 7.24 -11.71
CA GLU A 90 -9.47 6.19 -12.71
C GLU A 90 -8.23 6.35 -13.57
N SER A 91 -8.13 5.55 -14.63
CA SER A 91 -6.97 5.56 -15.51
C SER A 91 -7.38 5.24 -16.95
N GLY A 92 -6.66 5.80 -17.92
CA GLY A 92 -6.94 5.57 -19.33
C GLY A 92 -6.39 4.23 -19.81
N ARG A 93 -5.69 3.50 -18.94
CA ARG A 93 -5.05 2.24 -19.27
C ARG A 93 -5.83 1.05 -18.72
N ARG A 94 -6.51 1.23 -17.58
CA ARG A 94 -7.17 0.14 -16.87
C ARG A 94 -8.52 0.53 -16.27
N GLY A 95 -9.05 1.71 -16.65
CA GLY A 95 -10.33 2.19 -16.14
C GLY A 95 -11.48 1.29 -16.59
N MET A 1 -19.63 -0.35 -8.32
CA MET A 1 -18.49 -0.93 -9.06
C MET A 1 -17.54 -1.64 -8.12
N VAL A 2 -17.46 -2.96 -8.25
CA VAL A 2 -16.52 -3.77 -7.50
C VAL A 2 -15.32 -4.02 -8.39
N GLU A 3 -14.20 -3.40 -8.05
CA GLU A 3 -12.98 -3.49 -8.85
C GLU A 3 -11.77 -3.72 -7.95
N ALA A 4 -10.85 -4.56 -8.44
CA ALA A 4 -9.63 -4.90 -7.73
C ALA A 4 -8.51 -5.07 -8.75
N ASP A 5 -7.66 -4.05 -8.87
CA ASP A 5 -6.59 -4.03 -9.84
C ASP A 5 -5.36 -4.82 -9.35
N ARG A 6 -4.89 -5.73 -10.21
CA ARG A 6 -3.68 -6.54 -10.06
C ARG A 6 -3.51 -7.20 -8.69
N PRO A 7 -3.71 -8.53 -8.60
CA PRO A 7 -3.40 -9.29 -7.40
C PRO A 7 -1.96 -9.02 -6.94
N GLY A 8 -1.74 -8.99 -5.63
CA GLY A 8 -0.42 -8.73 -5.08
C GLY A 8 -0.27 -7.25 -4.79
N LYS A 9 -1.13 -6.40 -5.38
CA LYS A 9 -1.12 -4.99 -5.07
C LYS A 9 -1.92 -4.77 -3.79
N LEU A 10 -1.32 -4.06 -2.84
CA LEU A 10 -1.92 -3.78 -1.56
C LEU A 10 -2.10 -2.29 -1.37
N PHE A 11 -3.00 -1.92 -0.46
CA PHE A 11 -3.23 -0.55 -0.04
C PHE A 11 -2.79 -0.43 1.41
N ILE A 12 -1.97 0.58 1.71
CA ILE A 12 -1.37 0.74 3.02
C ILE A 12 -1.77 2.11 3.60
N GLY A 13 -2.97 2.22 4.17
CA GLY A 13 -3.46 3.50 4.68
C GLY A 13 -3.18 3.67 6.18
N GLY A 14 -2.89 4.90 6.62
CA GLY A 14 -2.80 5.22 8.04
C GLY A 14 -1.35 5.35 8.50
N LEU A 15 -0.42 5.40 7.55
CA LEU A 15 1.01 5.44 7.84
C LEU A 15 1.42 6.69 8.62
N ASN A 16 2.65 6.68 9.14
CA ASN A 16 3.17 7.67 10.06
C ASN A 16 3.50 9.03 9.42
N THR A 17 3.39 9.10 8.10
CA THR A 17 3.82 10.21 7.27
C THR A 17 5.34 10.37 7.22
N GLU A 18 6.05 9.68 8.10
CA GLU A 18 7.51 9.72 8.16
C GLU A 18 8.07 8.49 7.45
N THR A 19 7.17 7.58 7.06
CA THR A 19 7.49 6.36 6.34
C THR A 19 7.76 6.69 4.89
N ASN A 20 8.66 5.92 4.25
CA ASN A 20 8.97 6.08 2.85
C ASN A 20 9.03 4.70 2.19
N GLU A 21 9.50 4.69 0.94
CA GLU A 21 9.50 3.50 0.11
C GLU A 21 10.45 2.45 0.68
N LYS A 22 11.57 2.89 1.24
CA LYS A 22 12.59 1.98 1.76
C LYS A 22 12.04 1.19 2.94
N ALA A 23 11.11 1.79 3.70
CA ALA A 23 10.64 1.17 4.93
C ALA A 23 9.45 0.28 4.60
N LEU A 24 8.83 0.56 3.46
CA LEU A 24 7.66 -0.13 2.99
C LEU A 24 8.08 -1.37 2.22
N GLU A 25 9.26 -1.33 1.61
CA GLU A 25 9.80 -2.52 0.97
C GLU A 25 10.44 -3.43 2.02
N ALA A 26 10.88 -2.81 3.11
CA ALA A 26 11.57 -3.50 4.19
C ALA A 26 10.59 -4.18 5.13
N VAL A 27 9.34 -3.72 5.14
CA VAL A 27 8.33 -4.23 6.06
C VAL A 27 7.34 -5.17 5.39
N PHE A 28 7.02 -4.89 4.13
CA PHE A 28 6.15 -5.78 3.36
C PHE A 28 6.97 -6.79 2.57
N GLY A 29 8.28 -6.60 2.50
CA GLY A 29 9.16 -7.57 1.84
C GLY A 29 9.37 -8.78 2.74
N LYS A 30 8.80 -8.72 3.95
CA LYS A 30 8.89 -9.78 4.95
C LYS A 30 7.88 -10.88 4.68
N TYR A 31 6.95 -10.61 3.78
CA TYR A 31 5.88 -11.54 3.44
C TYR A 31 6.01 -12.09 2.03
N GLY A 32 6.79 -11.43 1.16
CA GLY A 32 6.97 -11.86 -0.21
C GLY A 32 7.91 -10.96 -0.97
N ARG A 33 8.36 -11.43 -2.13
CA ARG A 33 9.24 -10.67 -2.96
C ARG A 33 8.45 -9.55 -3.62
N ILE A 34 8.82 -8.32 -3.31
CA ILE A 34 8.20 -7.14 -3.86
C ILE A 34 8.68 -6.92 -5.30
N VAL A 35 7.76 -6.54 -6.19
CA VAL A 35 8.07 -6.23 -7.57
C VAL A 35 7.99 -4.72 -7.80
N GLU A 36 7.20 -4.03 -6.97
CA GLU A 36 7.03 -2.59 -7.05
C GLU A 36 6.50 -2.06 -5.72
N VAL A 37 6.83 -0.82 -5.39
CA VAL A 37 6.26 -0.15 -4.22
C VAL A 37 5.89 1.28 -4.59
N LEU A 38 4.79 1.74 -3.97
CA LEU A 38 4.31 3.11 -4.10
C LEU A 38 4.32 3.73 -2.73
N LEU A 39 4.46 5.06 -2.70
CA LEU A 39 4.34 5.80 -1.48
C LEU A 39 3.84 7.18 -1.89
N MET A 40 2.65 7.55 -1.42
CA MET A 40 2.00 8.74 -1.93
C MET A 40 2.38 9.92 -1.04
N LYS A 41 2.63 11.09 -1.64
CA LYS A 41 2.94 12.28 -0.88
C LYS A 41 2.39 13.55 -1.51
N ASP A 42 2.14 14.54 -0.64
CA ASP A 42 1.66 15.86 -1.01
C ASP A 42 2.69 16.62 -1.85
N ARG A 43 2.25 17.71 -2.49
CA ARG A 43 3.10 18.52 -3.35
C ARG A 43 3.39 19.89 -2.73
N GLU A 44 2.78 20.18 -1.59
CA GLU A 44 2.99 21.43 -0.85
C GLU A 44 3.71 21.17 0.47
N THR A 45 3.79 19.90 0.91
CA THR A 45 4.53 19.54 2.10
C THR A 45 5.51 18.40 1.82
N ASN A 46 5.34 17.70 0.70
CA ASN A 46 6.18 16.57 0.37
C ASN A 46 6.10 15.47 1.43
N LYS A 47 5.15 15.59 2.36
CA LYS A 47 4.87 14.56 3.35
C LYS A 47 3.98 13.51 2.71
N SER A 48 4.04 12.30 3.24
CA SER A 48 3.18 11.25 2.74
C SER A 48 1.72 11.65 2.89
N ARG A 49 0.88 11.18 1.98
CA ARG A 49 -0.56 11.39 2.04
C ARG A 49 -1.13 10.57 3.19
N GLY A 50 -0.27 9.76 3.83
CA GLY A 50 -0.65 8.86 4.90
C GLY A 50 -1.07 7.51 4.33
N PHE A 51 -1.01 7.33 3.01
CA PHE A 51 -1.34 6.05 2.40
C PHE A 51 -0.34 5.71 1.30
N ALA A 52 -0.24 4.41 0.99
CA ALA A 52 0.74 3.90 0.04
C ALA A 52 0.23 2.60 -0.60
N PHE A 53 1.04 2.02 -1.49
CA PHE A 53 0.71 0.77 -2.14
C PHE A 53 1.97 -0.08 -2.30
N VAL A 54 1.81 -1.38 -2.53
CA VAL A 54 2.92 -2.29 -2.74
C VAL A 54 2.46 -3.46 -3.60
N THR A 55 3.30 -3.89 -4.54
CA THR A 55 2.99 -5.02 -5.41
C THR A 55 3.92 -6.19 -5.10
N PHE A 56 3.33 -7.32 -4.74
CA PHE A 56 4.04 -8.55 -4.46
C PHE A 56 4.16 -9.43 -5.71
N GLU A 57 5.17 -10.30 -5.74
CA GLU A 57 5.34 -11.27 -6.81
C GLU A 57 4.30 -12.38 -6.73
N SER A 58 3.72 -12.61 -5.54
CA SER A 58 2.64 -13.57 -5.40
C SER A 58 1.41 -12.87 -4.83
N PRO A 59 0.22 -13.21 -5.34
CA PRO A 59 -1.02 -12.60 -4.89
C PRO A 59 -1.41 -13.13 -3.53
N ALA A 60 -0.64 -14.07 -2.97
CA ALA A 60 -0.94 -14.66 -1.68
C ALA A 60 0.15 -14.35 -0.67
N ASP A 61 1.31 -13.88 -1.13
CA ASP A 61 2.31 -13.33 -0.23
C ASP A 61 1.78 -12.00 0.27
N ALA A 62 0.97 -11.33 -0.57
CA ALA A 62 0.32 -10.10 -0.21
C ALA A 62 -0.87 -10.36 0.71
N LYS A 63 -1.53 -11.53 0.57
CA LYS A 63 -2.61 -11.91 1.45
C LYS A 63 -2.05 -12.19 2.83
N ASP A 64 -0.88 -12.81 2.90
CA ASP A 64 -0.28 -13.16 4.18
C ASP A 64 0.15 -11.89 4.92
N ALA A 65 0.56 -10.86 4.17
CA ALA A 65 0.88 -9.58 4.76
C ALA A 65 -0.41 -8.85 5.14
N ALA A 66 -1.40 -8.85 4.26
CA ALA A 66 -2.66 -8.17 4.50
C ALA A 66 -3.49 -8.87 5.58
N ARG A 67 -3.02 -10.05 6.01
CA ARG A 67 -3.61 -10.80 7.12
C ARG A 67 -2.75 -10.72 8.39
N ASP A 68 -1.68 -9.94 8.39
CA ASP A 68 -0.76 -9.87 9.50
C ASP A 68 -0.56 -8.43 9.92
N MET A 69 -0.19 -7.63 8.92
CA MET A 69 0.13 -6.23 9.04
C MET A 69 -1.11 -5.34 9.05
N ASN A 70 -2.29 -5.91 8.76
CA ASN A 70 -3.51 -5.14 8.78
C ASN A 70 -3.92 -4.88 10.22
N GLY A 71 -4.14 -3.61 10.56
CA GLY A 71 -4.56 -3.20 11.90
C GLY A 71 -3.35 -2.99 12.82
N LYS A 72 -2.15 -3.33 12.36
CA LYS A 72 -0.90 -3.08 13.04
C LYS A 72 -0.48 -1.65 12.81
N SER A 73 0.83 -1.40 12.89
CA SER A 73 1.39 -0.08 12.82
C SER A 73 2.65 -0.02 11.97
N LEU A 74 2.94 1.19 11.51
CA LEU A 74 4.13 1.49 10.73
C LEU A 74 4.77 2.71 11.32
N ASP A 75 6.05 2.58 11.67
CA ASP A 75 6.85 3.69 12.19
C ASP A 75 6.28 4.35 13.44
N GLY A 76 5.11 3.89 13.90
CA GLY A 76 4.53 4.40 15.12
C GLY A 76 3.03 4.64 15.03
N LYS A 77 2.44 4.59 13.81
CA LYS A 77 1.04 4.89 13.60
C LYS A 77 0.30 3.70 13.02
N ALA A 78 -0.90 3.43 13.53
CA ALA A 78 -1.67 2.27 13.12
C ALA A 78 -2.16 2.40 11.68
N ILE A 79 -2.13 1.30 10.94
CA ILE A 79 -2.46 1.27 9.53
C ILE A 79 -3.58 0.29 9.18
N LYS A 80 -3.94 0.30 7.90
CA LYS A 80 -4.82 -0.66 7.26
C LYS A 80 -4.05 -1.32 6.14
N VAL A 81 -4.26 -2.62 5.92
CA VAL A 81 -3.66 -3.32 4.79
C VAL A 81 -4.73 -4.15 4.11
N GLU A 82 -4.87 -3.97 2.80
CA GLU A 82 -5.94 -4.62 2.04
C GLU A 82 -5.56 -4.66 0.56
N GLN A 83 -6.23 -5.50 -0.23
CA GLN A 83 -6.00 -5.51 -1.67
C GLN A 83 -6.47 -4.16 -2.22
N ALA A 84 -5.67 -3.55 -3.10
CA ALA A 84 -5.91 -2.17 -3.52
C ALA A 84 -6.96 -2.06 -4.61
N THR A 85 -7.83 -1.05 -4.50
CA THR A 85 -8.79 -0.75 -5.56
C THR A 85 -8.22 0.34 -6.46
N LYS A 86 -8.86 0.55 -7.60
CA LYS A 86 -8.46 1.56 -8.56
C LYS A 86 -8.62 2.96 -7.96
N PRO A 87 -7.85 3.94 -8.45
CA PRO A 87 -7.90 5.30 -7.95
C PRO A 87 -9.25 5.93 -8.27
N SER A 88 -9.60 6.98 -7.53
CA SER A 88 -10.93 7.57 -7.57
C SER A 88 -10.90 9.06 -7.93
N PHE A 89 -9.73 9.60 -8.28
CA PHE A 89 -9.65 10.99 -8.73
C PHE A 89 -10.16 11.12 -10.15
N GLU A 90 -10.55 10.00 -10.77
CA GLU A 90 -11.07 9.98 -12.13
C GLU A 90 -12.16 8.93 -12.24
N SER A 91 -13.18 9.26 -13.04
CA SER A 91 -14.37 8.44 -13.20
C SER A 91 -14.32 7.61 -14.48
N GLY A 92 -13.25 7.74 -15.27
CA GLY A 92 -13.11 6.98 -16.50
C GLY A 92 -12.86 5.50 -16.20
N ARG A 93 -13.59 4.64 -16.91
CA ARG A 93 -13.48 3.19 -16.77
C ARG A 93 -13.63 2.52 -18.12
N ARG A 94 -13.40 1.21 -18.16
CA ARG A 94 -13.42 0.41 -19.39
C ARG A 94 -14.36 -0.78 -19.24
N GLY A 95 -14.90 -1.25 -20.36
CA GLY A 95 -15.82 -2.39 -20.38
C GLY A 95 -17.17 -2.01 -19.80
N MET A 1 -14.61 3.48 -7.40
CA MET A 1 -13.79 2.40 -7.97
C MET A 1 -13.88 1.15 -7.12
N VAL A 2 -14.89 0.32 -7.41
CA VAL A 2 -15.03 -1.01 -6.84
C VAL A 2 -14.04 -1.97 -7.51
N GLU A 3 -13.19 -1.40 -8.36
CA GLU A 3 -12.34 -2.14 -9.26
C GLU A 3 -11.08 -2.58 -8.53
N ALA A 4 -10.76 -3.88 -8.64
CA ALA A 4 -9.63 -4.46 -7.95
C ALA A 4 -8.53 -4.72 -8.97
N ASP A 5 -7.53 -3.83 -8.95
CA ASP A 5 -6.45 -3.79 -9.92
C ASP A 5 -5.43 -4.90 -9.71
N ARG A 6 -5.81 -6.12 -10.09
CA ARG A 6 -5.01 -7.34 -10.06
C ARG A 6 -4.53 -7.74 -8.66
N PRO A 7 -4.58 -9.03 -8.31
CA PRO A 7 -4.03 -9.56 -7.08
C PRO A 7 -2.59 -9.13 -6.86
N GLY A 8 -2.20 -8.95 -5.60
CA GLY A 8 -0.81 -8.68 -5.25
C GLY A 8 -0.59 -7.20 -4.96
N LYS A 9 -1.53 -6.34 -5.36
CA LYS A 9 -1.41 -4.93 -5.05
C LYS A 9 -2.15 -4.65 -3.75
N LEU A 10 -1.46 -4.02 -2.80
CA LEU A 10 -2.03 -3.75 -1.50
C LEU A 10 -2.20 -2.24 -1.30
N PHE A 11 -3.21 -1.88 -0.53
CA PHE A 11 -3.44 -0.52 -0.09
C PHE A 11 -2.97 -0.41 1.35
N ILE A 12 -2.13 0.57 1.63
CA ILE A 12 -1.49 0.70 2.94
C ILE A 12 -1.91 2.04 3.56
N GLY A 13 -3.12 2.11 4.11
CA GLY A 13 -3.61 3.38 4.66
C GLY A 13 -3.34 3.50 6.15
N GLY A 14 -3.05 4.71 6.64
CA GLY A 14 -2.90 4.97 8.06
C GLY A 14 -1.44 5.04 8.48
N LEU A 15 -0.53 5.05 7.49
CA LEU A 15 0.89 5.09 7.74
C LEU A 15 1.31 6.39 8.40
N ASN A 16 2.53 6.40 8.97
CA ASN A 16 3.11 7.58 9.55
C ASN A 16 3.54 8.55 8.45
N THR A 17 3.63 9.84 8.78
CA THR A 17 4.04 10.86 7.81
C THR A 17 5.53 10.80 7.55
N GLU A 18 6.21 9.88 8.23
CA GLU A 18 7.65 9.76 8.26
C GLU A 18 8.12 8.52 7.50
N THR A 19 7.17 7.69 7.05
CA THR A 19 7.45 6.46 6.34
C THR A 19 7.71 6.77 4.87
N ASN A 20 8.62 6.02 4.25
CA ASN A 20 8.89 6.15 2.83
C ASN A 20 8.95 4.77 2.18
N GLU A 21 9.40 4.74 0.94
CA GLU A 21 9.39 3.54 0.12
C GLU A 21 10.36 2.50 0.68
N LYS A 22 11.49 2.94 1.23
CA LYS A 22 12.49 2.02 1.74
C LYS A 22 11.98 1.26 2.96
N ALA A 23 11.09 1.88 3.72
CA ALA A 23 10.56 1.27 4.93
C ALA A 23 9.39 0.36 4.55
N LEU A 24 8.81 0.65 3.38
CA LEU A 24 7.62 0.00 2.87
C LEU A 24 8.02 -1.24 2.08
N GLU A 25 9.22 -1.22 1.49
CA GLU A 25 9.75 -2.40 0.84
C GLU A 25 10.36 -3.33 1.87
N ALA A 26 10.85 -2.73 2.96
CA ALA A 26 11.56 -3.44 4.01
C ALA A 26 10.58 -4.15 4.95
N VAL A 27 9.34 -3.67 5.00
CA VAL A 27 8.35 -4.18 5.93
C VAL A 27 7.35 -5.12 5.26
N PHE A 28 7.02 -4.85 4.01
CA PHE A 28 6.15 -5.74 3.25
C PHE A 28 6.96 -6.77 2.49
N GLY A 29 8.28 -6.60 2.42
CA GLY A 29 9.15 -7.57 1.77
C GLY A 29 9.36 -8.78 2.68
N LYS A 30 8.79 -8.72 3.89
CA LYS A 30 8.89 -9.75 4.90
C LYS A 30 7.90 -10.87 4.64
N TYR A 31 6.96 -10.62 3.73
CA TYR A 31 5.88 -11.54 3.40
C TYR A 31 6.00 -12.10 1.99
N GLY A 32 6.75 -11.43 1.10
CA GLY A 32 6.90 -11.86 -0.28
C GLY A 32 7.87 -11.00 -1.04
N ARG A 33 8.26 -11.50 -2.22
CA ARG A 33 9.15 -10.77 -3.10
C ARG A 33 8.37 -9.64 -3.73
N ILE A 34 8.78 -8.42 -3.43
CA ILE A 34 8.16 -7.22 -3.98
C ILE A 34 8.60 -7.01 -5.43
N VAL A 35 7.65 -6.58 -6.27
CA VAL A 35 7.92 -6.23 -7.66
C VAL A 35 7.80 -4.73 -7.86
N GLU A 36 7.06 -4.05 -6.97
CA GLU A 36 6.90 -2.61 -7.02
C GLU A 36 6.42 -2.10 -5.66
N VAL A 37 6.80 -0.87 -5.30
CA VAL A 37 6.25 -0.20 -4.13
C VAL A 37 5.91 1.23 -4.48
N LEU A 38 4.82 1.72 -3.89
CA LEU A 38 4.39 3.10 -4.03
C LEU A 38 4.36 3.75 -2.67
N LEU A 39 4.41 5.08 -2.66
CA LEU A 39 4.27 5.84 -1.45
C LEU A 39 3.79 7.22 -1.84
N MET A 40 2.65 7.64 -1.29
CA MET A 40 2.04 8.89 -1.67
C MET A 40 2.47 9.99 -0.73
N LYS A 41 2.78 11.15 -1.30
CA LYS A 41 3.09 12.34 -0.52
C LYS A 41 2.54 13.59 -1.18
N ASP A 42 2.22 14.58 -0.35
CA ASP A 42 1.55 15.79 -0.78
C ASP A 42 2.44 16.65 -1.66
N ARG A 43 1.84 17.52 -2.49
CA ARG A 43 2.58 18.38 -3.40
C ARG A 43 2.95 19.69 -2.73
N GLU A 44 2.38 19.98 -1.56
CA GLU A 44 2.60 21.23 -0.85
C GLU A 44 3.51 21.05 0.37
N THR A 45 3.72 19.81 0.82
CA THR A 45 4.58 19.50 1.96
C THR A 45 5.53 18.36 1.68
N ASN A 46 5.31 17.61 0.59
CA ASN A 46 6.13 16.46 0.28
C ASN A 46 6.11 15.43 1.42
N LYS A 47 5.17 15.57 2.36
CA LYS A 47 4.98 14.63 3.45
C LYS A 47 4.07 13.52 2.99
N SER A 48 4.29 12.32 3.51
CA SER A 48 3.47 11.18 3.15
C SER A 48 2.01 11.48 3.45
N ARG A 49 1.11 11.16 2.51
CA ARG A 49 -0.30 11.50 2.66
C ARG A 49 -0.98 10.54 3.64
N GLY A 50 -0.19 9.66 4.25
CA GLY A 50 -0.67 8.70 5.21
C GLY A 50 -1.14 7.40 4.56
N PHE A 51 -0.98 7.27 3.24
CA PHE A 51 -1.35 6.04 2.55
C PHE A 51 -0.32 5.71 1.47
N ALA A 52 -0.25 4.43 1.09
CA ALA A 52 0.71 3.95 0.11
C ALA A 52 0.22 2.66 -0.53
N PHE A 53 1.03 2.09 -1.43
CA PHE A 53 0.69 0.85 -2.11
C PHE A 53 1.93 -0.01 -2.29
N VAL A 54 1.73 -1.30 -2.57
CA VAL A 54 2.83 -2.23 -2.82
C VAL A 54 2.33 -3.37 -3.71
N THR A 55 3.21 -3.87 -4.57
CA THR A 55 2.89 -5.01 -5.43
C THR A 55 3.80 -6.19 -5.11
N PHE A 56 3.18 -7.33 -4.77
CA PHE A 56 3.89 -8.56 -4.50
C PHE A 56 4.00 -9.44 -5.74
N GLU A 57 5.00 -10.33 -5.78
CA GLU A 57 5.16 -11.29 -6.85
C GLU A 57 4.13 -12.42 -6.71
N SER A 58 3.59 -12.65 -5.52
CA SER A 58 2.53 -13.64 -5.32
C SER A 58 1.30 -12.95 -4.73
N PRO A 59 0.11 -13.33 -5.17
CA PRO A 59 -1.13 -12.73 -4.72
C PRO A 59 -1.44 -13.20 -3.31
N ALA A 60 -0.70 -14.19 -2.79
CA ALA A 60 -0.96 -14.76 -1.49
C ALA A 60 0.14 -14.40 -0.51
N ASP A 61 1.28 -13.92 -1.02
CA ASP A 61 2.29 -13.33 -0.15
C ASP A 61 1.75 -11.98 0.31
N ALA A 62 0.92 -11.36 -0.53
CA ALA A 62 0.24 -10.13 -0.18
C ALA A 62 -0.92 -10.41 0.78
N LYS A 63 -1.54 -11.60 0.69
CA LYS A 63 -2.56 -11.99 1.63
C LYS A 63 -1.94 -12.23 3.00
N ASP A 64 -0.73 -12.80 3.02
CA ASP A 64 -0.07 -13.10 4.27
C ASP A 64 0.36 -11.82 4.97
N ALA A 65 0.70 -10.80 4.17
CA ALA A 65 0.99 -9.49 4.72
C ALA A 65 -0.29 -8.80 5.15
N ALA A 66 -1.32 -8.84 4.31
CA ALA A 66 -2.58 -8.18 4.58
C ALA A 66 -3.33 -8.86 5.74
N ARG A 67 -2.82 -10.02 6.18
CA ARG A 67 -3.33 -10.75 7.34
C ARG A 67 -2.44 -10.58 8.57
N ASP A 68 -1.42 -9.71 8.52
CA ASP A 68 -0.47 -9.56 9.60
C ASP A 68 -0.29 -8.09 9.91
N MET A 69 -0.02 -7.35 8.83
CA MET A 69 0.24 -5.95 8.83
C MET A 69 -1.03 -5.12 8.93
N ASN A 70 -2.19 -5.73 8.67
CA ASN A 70 -3.45 -5.03 8.77
C ASN A 70 -3.81 -4.83 10.24
N GLY A 71 -3.92 -3.57 10.66
CA GLY A 71 -4.26 -3.21 12.03
C GLY A 71 -3.03 -2.97 12.90
N LYS A 72 -1.82 -3.29 12.40
CA LYS A 72 -0.59 -3.01 13.12
C LYS A 72 -0.07 -1.62 12.82
N SER A 73 1.04 -1.27 13.44
CA SER A 73 1.65 0.04 13.28
C SER A 73 2.92 -0.06 12.45
N LEU A 74 3.19 0.99 11.67
CA LEU A 74 4.34 0.96 10.77
C LEU A 74 5.54 1.61 11.42
N ASP A 75 5.40 2.91 11.70
CA ASP A 75 6.47 3.73 12.24
C ASP A 75 6.01 4.39 13.52
N GLY A 76 4.82 4.03 13.96
CA GLY A 76 4.23 4.61 15.15
C GLY A 76 2.73 4.84 14.97
N LYS A 77 2.27 4.72 13.72
CA LYS A 77 0.87 4.93 13.37
C LYS A 77 0.27 3.63 12.86
N ALA A 78 -0.92 3.30 13.36
CA ALA A 78 -1.59 2.05 13.01
C ALA A 78 -2.16 2.12 11.59
N ILE A 79 -1.98 1.04 10.82
CA ILE A 79 -2.35 1.02 9.42
C ILE A 79 -3.47 0.04 9.10
N LYS A 80 -3.90 0.08 7.84
CA LYS A 80 -4.79 -0.88 7.21
C LYS A 80 -4.06 -1.49 6.03
N VAL A 81 -4.26 -2.80 5.81
CA VAL A 81 -3.69 -3.46 4.65
C VAL A 81 -4.75 -4.34 4.00
N GLU A 82 -4.95 -4.14 2.70
CA GLU A 82 -5.99 -4.82 1.95
C GLU A 82 -5.65 -4.76 0.47
N GLN A 83 -6.26 -5.59 -0.38
CA GLN A 83 -6.06 -5.48 -1.81
C GLN A 83 -6.55 -4.10 -2.24
N ALA A 84 -5.74 -3.39 -3.04
CA ALA A 84 -6.04 -2.01 -3.39
C ALA A 84 -7.08 -1.92 -4.51
N THR A 85 -7.72 -0.75 -4.60
CA THR A 85 -8.61 -0.44 -5.70
C THR A 85 -8.06 0.73 -6.49
N LYS A 86 -8.59 0.91 -7.70
CA LYS A 86 -8.14 1.94 -8.62
C LYS A 86 -8.35 3.34 -8.05
N PRO A 87 -7.52 4.31 -8.46
CA PRO A 87 -7.56 5.68 -7.93
C PRO A 87 -8.87 6.36 -8.33
N SER A 88 -9.29 7.33 -7.51
CA SER A 88 -10.58 7.99 -7.65
C SER A 88 -10.56 9.08 -8.72
N PHE A 89 -9.44 9.29 -9.40
CA PHE A 89 -9.37 10.21 -10.53
C PHE A 89 -9.41 9.47 -11.85
N GLU A 90 -9.86 8.21 -11.81
CA GLU A 90 -9.98 7.37 -13.00
C GLU A 90 -11.32 6.66 -13.00
N SER A 91 -11.69 6.08 -14.15
CA SER A 91 -12.98 5.43 -14.34
C SER A 91 -12.81 3.94 -14.65
N GLY A 92 -11.63 3.37 -14.38
CA GLY A 92 -11.35 1.98 -14.61
C GLY A 92 -11.07 1.69 -16.09
N ARG A 93 -10.82 2.73 -16.88
CA ARG A 93 -10.58 2.62 -18.32
C ARG A 93 -9.24 1.94 -18.64
N ARG A 94 -8.45 1.62 -17.62
CA ARG A 94 -7.16 0.98 -17.78
C ARG A 94 -6.97 -0.11 -16.74
N GLY A 95 -6.15 -1.12 -17.04
CA GLY A 95 -5.90 -2.25 -16.16
C GLY A 95 -7.05 -3.24 -16.21
N MET A 1 -16.33 1.98 -6.38
CA MET A 1 -15.21 1.18 -6.91
C MET A 1 -15.23 -0.23 -6.34
N VAL A 2 -15.92 -1.14 -7.04
CA VAL A 2 -15.89 -2.57 -6.74
C VAL A 2 -14.60 -3.18 -7.29
N GLU A 3 -13.77 -2.31 -7.86
CA GLU A 3 -12.61 -2.68 -8.62
C GLU A 3 -11.47 -3.12 -7.71
N ALA A 4 -10.68 -4.08 -8.18
CA ALA A 4 -9.54 -4.61 -7.45
C ALA A 4 -8.42 -4.86 -8.44
N ASP A 5 -7.51 -3.89 -8.55
CA ASP A 5 -6.48 -3.89 -9.58
C ASP A 5 -5.27 -4.74 -9.20
N ARG A 6 -4.95 -5.71 -10.06
CA ARG A 6 -3.79 -6.60 -9.98
C ARG A 6 -3.62 -7.27 -8.61
N PRO A 7 -3.91 -8.56 -8.50
CA PRO A 7 -3.62 -9.34 -7.31
C PRO A 7 -2.17 -9.13 -6.88
N GLY A 8 -1.94 -8.94 -5.58
CA GLY A 8 -0.61 -8.71 -5.07
C GLY A 8 -0.42 -7.22 -4.80
N LYS A 9 -1.34 -6.37 -5.27
CA LYS A 9 -1.22 -4.96 -5.00
C LYS A 9 -1.98 -4.67 -3.72
N LEU A 10 -1.31 -4.03 -2.77
CA LEU A 10 -1.90 -3.76 -1.46
C LEU A 10 -2.09 -2.27 -1.27
N PHE A 11 -3.06 -1.92 -0.44
CA PHE A 11 -3.31 -0.57 0.00
C PHE A 11 -2.85 -0.47 1.45
N ILE A 12 -2.00 0.51 1.75
CA ILE A 12 -1.40 0.65 3.06
C ILE A 12 -1.83 1.99 3.67
N GLY A 13 -3.05 2.08 4.19
CA GLY A 13 -3.56 3.34 4.69
C GLY A 13 -3.35 3.52 6.20
N GLY A 14 -3.09 4.75 6.65
CA GLY A 14 -2.96 5.06 8.07
C GLY A 14 -1.50 5.19 8.48
N LEU A 15 -0.59 5.20 7.51
CA LEU A 15 0.84 5.24 7.75
C LEU A 15 1.26 6.55 8.43
N ASN A 16 2.47 6.55 8.99
CA ASN A 16 3.07 7.70 9.60
C ASN A 16 3.53 8.70 8.53
N THR A 17 3.74 9.96 8.93
CA THR A 17 4.24 10.99 8.03
C THR A 17 5.74 10.81 7.80
N GLU A 18 6.32 9.83 8.49
CA GLU A 18 7.76 9.60 8.53
C GLU A 18 8.14 8.39 7.70
N THR A 19 7.15 7.66 7.20
CA THR A 19 7.37 6.45 6.43
C THR A 19 7.68 6.79 4.99
N ASN A 20 8.59 6.01 4.37
CA ASN A 20 8.91 6.15 2.96
C ASN A 20 8.96 4.77 2.31
N GLU A 21 9.44 4.73 1.07
CA GLU A 21 9.44 3.53 0.27
C GLU A 21 10.40 2.50 0.83
N LYS A 22 11.54 2.94 1.39
CA LYS A 22 12.53 2.01 1.92
C LYS A 22 11.98 1.25 3.13
N ALA A 23 11.07 1.87 3.88
CA ALA A 23 10.53 1.24 5.08
C ALA A 23 9.35 0.34 4.66
N LEU A 24 8.80 0.63 3.49
CA LEU A 24 7.63 -0.02 2.95
C LEU A 24 8.05 -1.25 2.16
N GLU A 25 9.25 -1.21 1.60
CA GLU A 25 9.82 -2.39 0.94
C GLU A 25 10.41 -3.32 1.98
N ALA A 26 10.88 -2.73 3.08
CA ALA A 26 11.56 -3.45 4.13
C ALA A 26 10.59 -4.17 5.05
N VAL A 27 9.33 -3.69 5.08
CA VAL A 27 8.33 -4.22 6.00
C VAL A 27 7.35 -5.16 5.32
N PHE A 28 7.04 -4.90 4.05
CA PHE A 28 6.18 -5.80 3.29
C PHE A 28 7.00 -6.80 2.50
N GLY A 29 8.31 -6.61 2.43
CA GLY A 29 9.18 -7.57 1.78
C GLY A 29 9.39 -8.80 2.66
N LYS A 30 8.83 -8.75 3.87
CA LYS A 30 8.91 -9.80 4.87
C LYS A 30 7.92 -10.90 4.59
N TYR A 31 6.97 -10.63 3.70
CA TYR A 31 5.90 -11.55 3.35
C TYR A 31 6.02 -12.09 1.93
N GLY A 32 6.79 -11.42 1.08
CA GLY A 32 6.95 -11.86 -0.30
C GLY A 32 7.91 -10.97 -1.08
N ARG A 33 8.37 -11.49 -2.22
CA ARG A 33 9.23 -10.73 -3.11
C ARG A 33 8.43 -9.59 -3.70
N ILE A 34 8.87 -8.37 -3.38
CA ILE A 34 8.26 -7.16 -3.91
C ILE A 34 8.70 -6.96 -5.35
N VAL A 35 7.77 -6.49 -6.18
CA VAL A 35 8.03 -6.18 -7.58
C VAL A 35 7.88 -4.69 -7.82
N GLU A 36 7.14 -4.00 -6.94
CA GLU A 36 6.98 -2.55 -7.01
C GLU A 36 6.48 -2.04 -5.65
N VAL A 37 6.84 -0.80 -5.30
CA VAL A 37 6.30 -0.14 -4.12
C VAL A 37 5.93 1.29 -4.46
N LEU A 38 4.86 1.76 -3.84
CA LEU A 38 4.40 3.13 -3.95
C LEU A 38 4.39 3.75 -2.56
N LEU A 39 4.48 5.07 -2.52
CA LEU A 39 4.35 5.81 -1.29
C LEU A 39 3.84 7.19 -1.69
N MET A 40 2.66 7.56 -1.18
CA MET A 40 2.00 8.75 -1.67
C MET A 40 2.38 9.93 -0.80
N LYS A 41 2.62 11.09 -1.42
CA LYS A 41 2.92 12.31 -0.68
C LYS A 41 2.45 13.55 -1.43
N ASP A 42 2.18 14.61 -0.67
CA ASP A 42 1.70 15.89 -1.17
C ASP A 42 2.75 16.58 -2.04
N ARG A 43 2.32 17.57 -2.84
CA ARG A 43 3.22 18.32 -3.72
C ARG A 43 3.56 19.70 -3.15
N GLU A 44 2.89 20.10 -2.06
CA GLU A 44 3.14 21.37 -1.39
C GLU A 44 3.92 21.18 -0.09
N THR A 45 3.99 19.94 0.40
CA THR A 45 4.73 19.64 1.63
C THR A 45 5.62 18.42 1.46
N ASN A 46 5.42 17.66 0.39
CA ASN A 46 6.21 16.45 0.17
C ASN A 46 6.04 15.44 1.32
N LYS A 47 5.03 15.67 2.18
CA LYS A 47 4.71 14.79 3.29
C LYS A 47 3.81 13.69 2.80
N SER A 48 3.97 12.50 3.39
CA SER A 48 3.16 11.35 3.06
C SER A 48 1.68 11.68 3.17
N ARG A 49 0.88 11.18 2.22
CA ARG A 49 -0.56 11.37 2.20
C ARG A 49 -1.21 10.51 3.27
N GLY A 50 -0.39 9.71 3.98
CA GLY A 50 -0.83 8.82 5.03
C GLY A 50 -1.24 7.46 4.49
N PHE A 51 -1.10 7.23 3.18
CA PHE A 51 -1.36 5.92 2.60
C PHE A 51 -0.37 5.63 1.48
N ALA A 52 -0.26 4.35 1.12
CA ALA A 52 0.70 3.89 0.13
C ALA A 52 0.24 2.60 -0.52
N PHE A 53 1.05 2.04 -1.42
CA PHE A 53 0.73 0.80 -2.10
C PHE A 53 1.98 -0.06 -2.26
N VAL A 54 1.81 -1.35 -2.52
CA VAL A 54 2.92 -2.27 -2.75
C VAL A 54 2.45 -3.42 -3.62
N THR A 55 3.28 -3.85 -4.57
CA THR A 55 2.98 -4.99 -5.41
C THR A 55 3.89 -6.15 -5.08
N PHE A 56 3.27 -7.29 -4.75
CA PHE A 56 3.96 -8.55 -4.51
C PHE A 56 4.02 -9.39 -5.79
N GLU A 57 5.00 -10.29 -5.86
CA GLU A 57 5.12 -11.22 -6.97
C GLU A 57 4.08 -12.33 -6.86
N SER A 58 3.55 -12.57 -5.66
CA SER A 58 2.48 -13.54 -5.48
C SER A 58 1.27 -12.84 -4.90
N PRO A 59 0.07 -13.19 -5.37
CA PRO A 59 -1.17 -12.59 -4.88
C PRO A 59 -1.51 -13.14 -3.51
N ALA A 60 -0.71 -14.06 -2.97
CA ALA A 60 -0.97 -14.66 -1.68
C ALA A 60 0.14 -14.35 -0.69
N ASP A 61 1.30 -13.88 -1.18
CA ASP A 61 2.31 -13.35 -0.29
C ASP A 61 1.79 -12.01 0.23
N ALA A 62 0.97 -11.35 -0.60
CA ALA A 62 0.29 -10.12 -0.22
C ALA A 62 -0.86 -10.41 0.73
N LYS A 63 -1.49 -11.57 0.60
CA LYS A 63 -2.55 -11.97 1.52
C LYS A 63 -1.95 -12.25 2.88
N ASP A 64 -0.77 -12.86 2.91
CA ASP A 64 -0.13 -13.22 4.16
C ASP A 64 0.30 -11.96 4.90
N ALA A 65 0.64 -10.91 4.15
CA ALA A 65 0.94 -9.62 4.75
C ALA A 65 -0.35 -8.92 5.16
N ALA A 66 -1.37 -8.95 4.29
CA ALA A 66 -2.63 -8.28 4.56
C ALA A 66 -3.41 -9.01 5.65
N ARG A 67 -2.94 -10.18 6.07
CA ARG A 67 -3.48 -10.94 7.18
C ARG A 67 -2.61 -10.84 8.44
N ASP A 68 -1.56 -10.03 8.42
CA ASP A 68 -0.63 -9.93 9.54
C ASP A 68 -0.45 -8.48 9.91
N MET A 69 -0.09 -7.69 8.91
CA MET A 69 0.22 -6.29 9.01
C MET A 69 -1.04 -5.42 9.05
N ASN A 70 -2.20 -6.00 8.74
CA ASN A 70 -3.44 -5.25 8.79
C ASN A 70 -3.83 -5.00 10.24
N GLY A 71 -4.09 -3.74 10.58
CA GLY A 71 -4.49 -3.35 11.92
C GLY A 71 -3.29 -3.11 12.84
N LYS A 72 -2.08 -3.41 12.35
CA LYS A 72 -0.84 -3.13 13.03
C LYS A 72 -0.44 -1.69 12.77
N SER A 73 0.86 -1.42 12.84
CA SER A 73 1.40 -0.07 12.76
C SER A 73 2.66 0.01 11.92
N LEU A 74 2.94 1.22 11.47
CA LEU A 74 4.13 1.54 10.70
C LEU A 74 4.75 2.79 11.28
N ASP A 75 6.03 2.70 11.62
CA ASP A 75 6.80 3.79 12.19
C ASP A 75 6.27 4.30 13.52
N GLY A 76 5.00 4.04 13.81
CA GLY A 76 4.39 4.47 15.04
C GLY A 76 2.89 4.69 14.93
N LYS A 77 2.33 4.62 13.70
CA LYS A 77 0.93 4.93 13.45
C LYS A 77 0.22 3.71 12.90
N ALA A 78 -0.98 3.44 13.42
CA ALA A 78 -1.73 2.24 13.06
C ALA A 78 -2.27 2.31 11.64
N ILE A 79 -2.19 1.20 10.92
CA ILE A 79 -2.55 1.14 9.50
C ILE A 79 -3.65 0.13 9.19
N LYS A 80 -4.00 0.12 7.90
CA LYS A 80 -4.88 -0.85 7.25
C LYS A 80 -4.08 -1.50 6.12
N VAL A 81 -4.28 -2.79 5.88
CA VAL A 81 -3.67 -3.48 4.76
C VAL A 81 -4.72 -4.32 4.06
N GLU A 82 -4.86 -4.13 2.75
CA GLU A 82 -5.90 -4.79 1.97
C GLU A 82 -5.49 -4.80 0.50
N GLN A 83 -6.13 -5.63 -0.34
CA GLN A 83 -5.87 -5.56 -1.77
C GLN A 83 -6.34 -4.19 -2.24
N ALA A 84 -5.53 -3.55 -3.08
CA ALA A 84 -5.78 -2.17 -3.49
C ALA A 84 -6.92 -2.07 -4.49
N THR A 85 -7.60 -0.91 -4.48
CA THR A 85 -8.62 -0.59 -5.47
C THR A 85 -8.10 0.52 -6.37
N LYS A 86 -8.88 0.87 -7.39
CA LYS A 86 -8.52 1.91 -8.33
C LYS A 86 -8.68 3.29 -7.70
N PRO A 87 -7.89 4.29 -8.14
CA PRO A 87 -7.88 5.64 -7.58
C PRO A 87 -9.19 6.36 -7.88
N SER A 88 -9.48 7.41 -7.10
CA SER A 88 -10.76 8.11 -7.16
C SER A 88 -10.79 9.19 -8.24
N PHE A 89 -9.65 9.52 -8.86
CA PHE A 89 -9.60 10.56 -9.89
C PHE A 89 -9.68 9.97 -11.29
N GLU A 90 -10.11 8.72 -11.40
CA GLU A 90 -10.18 8.02 -12.68
C GLU A 90 -11.62 7.70 -13.06
N SER A 91 -11.86 7.70 -14.36
CA SER A 91 -13.17 7.52 -14.97
C SER A 91 -13.51 6.05 -15.18
N GLY A 92 -12.77 5.15 -14.52
CA GLY A 92 -13.00 3.71 -14.64
C GLY A 92 -14.32 3.28 -13.99
N ARG A 93 -15.02 4.20 -13.35
CA ARG A 93 -16.31 3.94 -12.71
C ARG A 93 -17.46 3.94 -13.73
N ARG A 94 -17.16 4.22 -15.00
CA ARG A 94 -18.16 4.26 -16.06
C ARG A 94 -17.57 3.81 -17.40
N GLY A 95 -18.45 3.58 -18.38
CA GLY A 95 -18.06 3.20 -19.73
C GLY A 95 -17.48 4.39 -20.49
N MET A 1 -20.64 -1.99 -10.26
CA MET A 1 -19.44 -1.18 -10.01
C MET A 1 -18.61 -1.76 -8.87
N VAL A 2 -17.72 -2.70 -9.23
CA VAL A 2 -16.72 -3.23 -8.34
C VAL A 2 -15.43 -3.37 -9.15
N GLU A 3 -14.35 -2.77 -8.63
CA GLU A 3 -13.05 -2.80 -9.28
C GLU A 3 -11.94 -3.18 -8.31
N ALA A 4 -11.06 -4.04 -8.82
CA ALA A 4 -9.86 -4.46 -8.12
C ALA A 4 -8.78 -4.61 -9.18
N ASP A 5 -7.69 -3.86 -9.00
CA ASP A 5 -6.55 -3.82 -9.90
C ASP A 5 -5.68 -5.09 -9.79
N ARG A 6 -6.34 -6.26 -9.83
CA ARG A 6 -5.75 -7.59 -9.76
C ARG A 6 -4.99 -7.87 -8.46
N PRO A 7 -4.91 -9.16 -8.07
CA PRO A 7 -4.20 -9.61 -6.89
C PRO A 7 -2.75 -9.14 -6.87
N GLY A 8 -2.19 -8.99 -5.66
CA GLY A 8 -0.78 -8.73 -5.48
C GLY A 8 -0.53 -7.28 -5.13
N LYS A 9 -1.51 -6.40 -5.37
CA LYS A 9 -1.34 -5.00 -5.04
C LYS A 9 -2.09 -4.70 -3.76
N LEU A 10 -1.40 -4.08 -2.81
CA LEU A 10 -1.97 -3.78 -1.52
C LEU A 10 -2.13 -2.28 -1.35
N PHE A 11 -3.07 -1.89 -0.49
CA PHE A 11 -3.28 -0.52 -0.06
C PHE A 11 -2.81 -0.41 1.37
N ILE A 12 -1.97 0.58 1.67
CA ILE A 12 -1.37 0.73 2.98
C ILE A 12 -1.73 2.09 3.56
N GLY A 13 -2.93 2.22 4.13
CA GLY A 13 -3.39 3.50 4.65
C GLY A 13 -3.07 3.65 6.13
N GLY A 14 -2.82 4.88 6.60
CA GLY A 14 -2.69 5.19 8.01
C GLY A 14 -1.23 5.28 8.45
N LEU A 15 -0.32 5.31 7.48
CA LEU A 15 1.11 5.32 7.73
C LEU A 15 1.57 6.62 8.40
N ASN A 16 2.76 6.58 8.97
CA ASN A 16 3.39 7.74 9.58
C ASN A 16 3.84 8.73 8.50
N THR A 17 4.16 9.96 8.89
CA THR A 17 4.49 11.02 7.94
C THR A 17 5.95 10.98 7.55
N GLU A 18 6.71 10.12 8.24
CA GLU A 18 8.13 9.96 8.08
C GLU A 18 8.46 8.61 7.43
N THR A 19 7.44 7.81 7.15
CA THR A 19 7.61 6.55 6.44
C THR A 19 7.84 6.82 4.96
N ASN A 20 8.68 6.01 4.32
CA ASN A 20 8.93 6.14 2.89
C ASN A 20 8.95 4.76 2.26
N GLU A 21 9.41 4.69 1.02
CA GLU A 21 9.38 3.47 0.23
C GLU A 21 10.36 2.46 0.78
N LYS A 22 11.48 2.93 1.34
CA LYS A 22 12.51 2.03 1.85
C LYS A 22 11.96 1.23 3.03
N ALA A 23 11.06 1.83 3.81
CA ALA A 23 10.53 1.20 5.00
C ALA A 23 9.37 0.30 4.63
N LEU A 24 8.77 0.59 3.47
CA LEU A 24 7.59 -0.06 2.96
C LEU A 24 7.99 -1.29 2.16
N GLU A 25 9.20 -1.27 1.60
CA GLU A 25 9.74 -2.45 0.95
C GLU A 25 10.35 -3.38 1.99
N ALA A 26 10.83 -2.79 3.07
CA ALA A 26 11.53 -3.50 4.12
C ALA A 26 10.56 -4.20 5.07
N VAL A 27 9.30 -3.74 5.10
CA VAL A 27 8.30 -4.24 6.02
C VAL A 27 7.30 -5.19 5.35
N PHE A 28 6.97 -4.90 4.09
CA PHE A 28 6.09 -5.79 3.33
C PHE A 28 6.90 -6.81 2.54
N GLY A 29 8.23 -6.62 2.46
CA GLY A 29 9.09 -7.58 1.79
C GLY A 29 9.31 -8.80 2.68
N LYS A 30 8.75 -8.74 3.90
CA LYS A 30 8.86 -9.78 4.90
C LYS A 30 7.86 -10.91 4.63
N TYR A 31 6.91 -10.64 3.74
CA TYR A 31 5.85 -11.56 3.40
C TYR A 31 5.97 -12.12 1.98
N GLY A 32 6.73 -11.45 1.12
CA GLY A 32 6.89 -11.88 -0.27
C GLY A 32 7.86 -11.00 -1.02
N ARG A 33 8.32 -11.50 -2.17
CA ARG A 33 9.21 -10.74 -3.02
C ARG A 33 8.43 -9.62 -3.68
N ILE A 34 8.83 -8.40 -3.36
CA ILE A 34 8.22 -7.21 -3.92
C ILE A 34 8.67 -7.00 -5.36
N VAL A 35 7.74 -6.55 -6.21
CA VAL A 35 8.04 -6.22 -7.61
C VAL A 35 7.94 -4.71 -7.82
N GLU A 36 7.18 -4.03 -6.96
CA GLU A 36 7.01 -2.59 -7.02
C GLU A 36 6.49 -2.07 -5.68
N VAL A 37 6.83 -0.83 -5.32
CA VAL A 37 6.28 -0.17 -4.15
C VAL A 37 5.92 1.27 -4.49
N LEU A 38 4.84 1.75 -3.88
CA LEU A 38 4.39 3.12 -3.98
C LEU A 38 4.39 3.73 -2.59
N LEU A 39 4.49 5.05 -2.53
CA LEU A 39 4.33 5.79 -1.31
C LEU A 39 3.84 7.17 -1.71
N MET A 40 2.65 7.54 -1.24
CA MET A 40 1.99 8.73 -1.75
C MET A 40 2.30 9.91 -0.86
N LYS A 41 2.45 11.10 -1.44
CA LYS A 41 2.72 12.28 -0.65
C LYS A 41 1.94 13.52 -1.09
N ASP A 42 1.81 14.45 -0.16
CA ASP A 42 1.20 15.75 -0.39
C ASP A 42 2.05 16.54 -1.38
N ARG A 43 1.39 17.29 -2.29
CA ARG A 43 2.09 18.04 -3.32
C ARG A 43 2.45 19.46 -2.86
N GLU A 44 2.05 19.81 -1.64
CA GLU A 44 2.32 21.13 -1.07
C GLU A 44 3.23 21.05 0.15
N THR A 45 3.42 19.85 0.71
CA THR A 45 4.27 19.68 1.88
C THR A 45 5.29 18.57 1.68
N ASN A 46 5.12 17.74 0.64
CA ASN A 46 6.09 16.71 0.32
C ASN A 46 6.33 15.74 1.48
N LYS A 47 5.38 15.68 2.42
CA LYS A 47 5.39 14.75 3.54
C LYS A 47 5.00 13.36 3.05
N SER A 48 3.86 12.86 3.54
CA SER A 48 3.20 11.67 3.05
C SER A 48 1.70 11.92 3.09
N ARG A 49 0.94 11.34 2.15
CA ARG A 49 -0.52 11.40 2.19
C ARG A 49 -1.02 10.56 3.36
N GLY A 50 -0.10 9.79 3.96
CA GLY A 50 -0.43 8.84 5.00
C GLY A 50 -0.89 7.51 4.44
N PHE A 51 -0.89 7.34 3.11
CA PHE A 51 -1.22 6.05 2.51
C PHE A 51 -0.25 5.71 1.39
N ALA A 52 -0.18 4.42 1.05
CA ALA A 52 0.79 3.92 0.08
C ALA A 52 0.26 2.64 -0.58
N PHE A 53 1.06 2.05 -1.47
CA PHE A 53 0.72 0.80 -2.14
C PHE A 53 1.96 -0.07 -2.30
N VAL A 54 1.77 -1.35 -2.56
CA VAL A 54 2.87 -2.28 -2.79
C VAL A 54 2.41 -3.42 -3.67
N THR A 55 3.29 -3.89 -4.57
CA THR A 55 2.97 -5.02 -5.43
C THR A 55 3.90 -6.19 -5.11
N PHE A 56 3.29 -7.33 -4.79
CA PHE A 56 3.99 -8.57 -4.51
C PHE A 56 4.11 -9.44 -5.75
N GLU A 57 5.12 -10.33 -5.79
CA GLU A 57 5.27 -11.31 -6.84
C GLU A 57 4.24 -12.43 -6.71
N SER A 58 3.68 -12.64 -5.51
CA SER A 58 2.62 -13.62 -5.33
C SER A 58 1.39 -12.94 -4.78
N PRO A 59 0.19 -13.33 -5.24
CA PRO A 59 -1.05 -12.74 -4.82
C PRO A 59 -1.39 -13.18 -3.40
N ALA A 60 -0.68 -14.19 -2.87
CA ALA A 60 -0.98 -14.73 -1.55
C ALA A 60 0.10 -14.37 -0.56
N ASP A 61 1.26 -13.91 -1.05
CA ASP A 61 2.25 -13.33 -0.17
C ASP A 61 1.73 -11.96 0.28
N ALA A 62 0.89 -11.36 -0.56
CA ALA A 62 0.22 -10.12 -0.24
C ALA A 62 -0.96 -10.39 0.71
N LYS A 63 -1.60 -11.55 0.58
CA LYS A 63 -2.67 -11.94 1.49
C LYS A 63 -2.08 -12.19 2.87
N ASP A 64 -0.90 -12.80 2.93
CA ASP A 64 -0.27 -13.14 4.19
C ASP A 64 0.15 -11.88 4.93
N ALA A 65 0.55 -10.86 4.17
CA ALA A 65 0.89 -9.57 4.76
C ALA A 65 -0.39 -8.85 5.16
N ALA A 66 -1.40 -8.85 4.29
CA ALA A 66 -2.66 -8.16 4.54
C ALA A 66 -3.47 -8.86 5.63
N ARG A 67 -3.01 -10.04 6.06
CA ARG A 67 -3.58 -10.79 7.18
C ARG A 67 -2.72 -10.71 8.43
N ASP A 68 -1.63 -9.93 8.42
CA ASP A 68 -0.70 -9.88 9.53
C ASP A 68 -0.50 -8.44 9.96
N MET A 69 -0.16 -7.63 8.95
CA MET A 69 0.18 -6.23 9.07
C MET A 69 -1.07 -5.34 9.11
N ASN A 70 -2.25 -5.89 8.79
CA ASN A 70 -3.47 -5.11 8.81
C ASN A 70 -3.88 -4.83 10.25
N GLY A 71 -4.10 -3.56 10.58
CA GLY A 71 -4.52 -3.14 11.91
C GLY A 71 -3.32 -2.93 12.85
N LYS A 72 -2.11 -3.30 12.40
CA LYS A 72 -0.88 -3.08 13.12
C LYS A 72 -0.39 -1.66 12.87
N SER A 73 0.92 -1.46 13.05
CA SER A 73 1.55 -0.17 12.96
C SER A 73 2.83 -0.25 12.14
N LEU A 74 3.21 0.88 11.52
CA LEU A 74 4.37 0.90 10.65
C LEU A 74 5.57 1.51 11.35
N ASP A 75 5.45 2.80 11.67
CA ASP A 75 6.50 3.58 12.28
C ASP A 75 6.05 4.15 13.61
N GLY A 76 4.96 3.57 14.12
CA GLY A 76 4.36 4.02 15.35
C GLY A 76 2.93 4.47 15.10
N LYS A 77 2.53 4.51 13.83
CA LYS A 77 1.20 4.91 13.42
C LYS A 77 0.47 3.70 12.86
N ALA A 78 -0.77 3.49 13.32
CA ALA A 78 -1.51 2.29 12.98
C ALA A 78 -2.05 2.36 11.56
N ILE A 79 -1.95 1.25 10.83
CA ILE A 79 -2.32 1.20 9.43
C ILE A 79 -3.45 0.23 9.11
N LYS A 80 -3.88 0.28 7.85
CA LYS A 80 -4.79 -0.64 7.22
C LYS A 80 -4.03 -1.33 6.09
N VAL A 81 -4.26 -2.63 5.90
CA VAL A 81 -3.67 -3.34 4.78
C VAL A 81 -4.75 -4.16 4.09
N GLU A 82 -4.89 -3.97 2.79
CA GLU A 82 -5.98 -4.58 2.03
C GLU A 82 -5.58 -4.67 0.56
N GLN A 83 -6.27 -5.48 -0.25
CA GLN A 83 -6.05 -5.47 -1.68
C GLN A 83 -6.49 -4.10 -2.20
N ALA A 84 -5.68 -3.51 -3.06
CA ALA A 84 -5.91 -2.15 -3.52
C ALA A 84 -7.04 -2.06 -4.54
N THR A 85 -7.66 -0.88 -4.59
CA THR A 85 -8.62 -0.55 -5.64
C THR A 85 -8.08 0.61 -6.45
N LYS A 86 -8.76 0.90 -7.57
CA LYS A 86 -8.31 1.90 -8.53
C LYS A 86 -8.51 3.31 -7.98
N PRO A 87 -7.68 4.28 -8.41
CA PRO A 87 -7.72 5.64 -7.93
C PRO A 87 -9.04 6.32 -8.34
N SER A 88 -9.43 7.35 -7.58
CA SER A 88 -10.71 8.01 -7.72
C SER A 88 -10.72 9.03 -8.87
N PHE A 89 -9.55 9.39 -9.40
CA PHE A 89 -9.45 10.31 -10.53
C PHE A 89 -9.37 9.57 -11.86
N GLU A 90 -9.80 8.31 -11.88
CA GLU A 90 -9.72 7.49 -13.08
C GLU A 90 -11.02 6.72 -13.29
N SER A 91 -11.26 6.32 -14.54
CA SER A 91 -12.48 5.65 -14.95
C SER A 91 -12.38 4.14 -14.78
N GLY A 92 -11.33 3.66 -14.11
CA GLY A 92 -11.13 2.25 -13.83
C GLY A 92 -10.41 1.51 -14.96
N ARG A 93 -10.03 2.22 -16.03
CA ARG A 93 -9.30 1.62 -17.15
C ARG A 93 -8.33 2.63 -17.75
N ARG A 94 -7.35 2.14 -18.53
CA ARG A 94 -6.40 2.99 -19.22
C ARG A 94 -5.72 2.20 -20.35
N GLY A 95 -5.30 2.90 -21.41
CA GLY A 95 -4.64 2.30 -22.55
C GLY A 95 -3.24 1.80 -22.20
N MET A 1 -15.08 3.20 -7.15
CA MET A 1 -14.21 2.17 -7.74
C MET A 1 -14.24 0.88 -6.94
N VAL A 2 -15.15 -0.02 -7.33
CA VAL A 2 -15.20 -1.38 -6.80
C VAL A 2 -14.12 -2.23 -7.46
N GLU A 3 -13.32 -1.56 -8.29
CA GLU A 3 -12.36 -2.19 -9.16
C GLU A 3 -11.10 -2.53 -8.39
N ALA A 4 -10.67 -3.79 -8.50
CA ALA A 4 -9.52 -4.29 -7.77
C ALA A 4 -8.41 -4.59 -8.78
N ASP A 5 -7.45 -3.68 -8.87
CA ASP A 5 -6.40 -3.72 -9.88
C ASP A 5 -5.23 -4.62 -9.47
N ARG A 6 -4.89 -5.56 -10.35
CA ARG A 6 -3.77 -6.49 -10.23
C ARG A 6 -3.66 -7.16 -8.85
N PRO A 7 -4.08 -8.42 -8.72
CA PRO A 7 -3.86 -9.20 -7.51
C PRO A 7 -2.39 -9.10 -7.09
N GLY A 8 -2.15 -8.89 -5.80
CA GLY A 8 -0.80 -8.70 -5.29
C GLY A 8 -0.55 -7.24 -5.00
N LYS A 9 -1.45 -6.35 -5.42
CA LYS A 9 -1.30 -4.94 -5.11
C LYS A 9 -2.06 -4.66 -3.82
N LEU A 10 -1.38 -4.05 -2.87
CA LEU A 10 -1.93 -3.80 -1.56
C LEU A 10 -2.09 -2.30 -1.35
N PHE A 11 -3.11 -1.92 -0.59
CA PHE A 11 -3.35 -0.56 -0.17
C PHE A 11 -2.91 -0.46 1.28
N ILE A 12 -2.05 0.52 1.59
CA ILE A 12 -1.45 0.64 2.91
C ILE A 12 -1.87 1.97 3.52
N GLY A 13 -3.06 2.04 4.11
CA GLY A 13 -3.56 3.31 4.65
C GLY A 13 -3.33 3.45 6.15
N GLY A 14 -2.98 4.65 6.60
CA GLY A 14 -2.86 4.97 8.02
C GLY A 14 -1.41 5.13 8.46
N LEU A 15 -0.48 5.08 7.50
CA LEU A 15 0.95 5.14 7.79
C LEU A 15 1.32 6.48 8.40
N ASN A 16 2.47 6.52 9.07
CA ASN A 16 2.99 7.74 9.65
C ASN A 16 3.44 8.72 8.56
N THR A 17 3.54 10.00 8.89
CA THR A 17 4.03 11.01 7.95
C THR A 17 5.53 10.85 7.73
N GLU A 18 6.13 9.91 8.48
CA GLU A 18 7.56 9.68 8.52
C GLU A 18 7.92 8.41 7.75
N THR A 19 6.90 7.65 7.33
CA THR A 19 7.10 6.39 6.63
C THR A 19 7.41 6.68 5.17
N ASN A 20 8.33 5.90 4.59
CA ASN A 20 8.72 6.06 3.20
C ASN A 20 8.78 4.70 2.53
N GLU A 21 9.37 4.68 1.33
CA GLU A 21 9.46 3.47 0.53
C GLU A 21 10.42 2.48 1.17
N LYS A 22 11.43 2.99 1.89
CA LYS A 22 12.41 2.13 2.53
C LYS A 22 11.73 1.34 3.65
N ALA A 23 10.68 1.90 4.26
CA ALA A 23 10.01 1.29 5.39
C ALA A 23 8.91 0.39 4.87
N LEU A 24 8.51 0.60 3.61
CA LEU A 24 7.41 -0.10 2.99
C LEU A 24 7.92 -1.29 2.18
N GLU A 25 9.15 -1.20 1.67
CA GLU A 25 9.75 -2.34 0.99
C GLU A 25 10.34 -3.29 2.03
N ALA A 26 10.80 -2.73 3.14
CA ALA A 26 11.46 -3.48 4.19
C ALA A 26 10.46 -4.21 5.07
N VAL A 27 9.27 -3.64 5.20
CA VAL A 27 8.25 -4.18 6.09
C VAL A 27 7.33 -5.17 5.38
N PHE A 28 7.04 -4.92 4.10
CA PHE A 28 6.21 -5.82 3.33
C PHE A 28 7.05 -6.86 2.59
N GLY A 29 8.38 -6.70 2.59
CA GLY A 29 9.26 -7.69 1.98
C GLY A 29 9.41 -8.89 2.91
N LYS A 30 8.84 -8.79 4.11
CA LYS A 30 8.90 -9.82 5.13
C LYS A 30 7.92 -10.95 4.85
N TYR A 31 7.02 -10.71 3.89
CA TYR A 31 5.94 -11.61 3.55
C TYR A 31 6.05 -12.18 2.14
N GLY A 32 6.91 -11.61 1.28
CA GLY A 32 6.95 -12.05 -0.10
C GLY A 32 7.83 -11.15 -0.95
N ARG A 33 8.07 -11.57 -2.20
CA ARG A 33 8.94 -10.83 -3.08
C ARG A 33 8.18 -9.68 -3.70
N ILE A 34 8.63 -8.47 -3.35
CA ILE A 34 8.08 -7.23 -3.89
C ILE A 34 8.54 -7.05 -5.33
N VAL A 35 7.63 -6.58 -6.19
CA VAL A 35 7.94 -6.26 -7.57
C VAL A 35 7.82 -4.76 -7.80
N GLU A 36 7.12 -4.05 -6.90
CA GLU A 36 6.98 -2.60 -6.97
C GLU A 36 6.49 -2.07 -5.62
N VAL A 37 6.86 -0.84 -5.26
CA VAL A 37 6.32 -0.15 -4.10
C VAL A 37 5.97 1.27 -4.46
N LEU A 38 4.87 1.75 -3.87
CA LEU A 38 4.43 3.14 -3.97
C LEU A 38 4.42 3.72 -2.57
N LEU A 39 4.55 5.04 -2.50
CA LEU A 39 4.40 5.75 -1.25
C LEU A 39 3.91 7.14 -1.61
N MET A 40 2.72 7.49 -1.13
CA MET A 40 2.06 8.70 -1.61
C MET A 40 2.41 9.88 -0.71
N LYS A 41 2.58 11.05 -1.31
CA LYS A 41 2.88 12.27 -0.58
C LYS A 41 2.31 13.49 -1.29
N ASP A 42 1.98 14.52 -0.49
CA ASP A 42 1.43 15.78 -0.97
C ASP A 42 2.39 16.47 -1.94
N ARG A 43 1.84 17.30 -2.83
CA ARG A 43 2.61 17.98 -3.86
C ARG A 43 3.15 19.33 -3.37
N GLU A 44 2.63 19.83 -2.24
CA GLU A 44 3.01 21.13 -1.72
C GLU A 44 3.81 21.02 -0.43
N THR A 45 3.83 19.84 0.20
CA THR A 45 4.61 19.62 1.41
C THR A 45 5.50 18.40 1.29
N ASN A 46 5.28 17.57 0.26
CA ASN A 46 6.06 16.37 0.06
C ASN A 46 5.94 15.41 1.26
N LYS A 47 5.00 15.67 2.17
CA LYS A 47 4.73 14.82 3.32
C LYS A 47 3.84 13.68 2.88
N SER A 48 4.06 12.50 3.46
CA SER A 48 3.31 11.32 3.12
C SER A 48 1.81 11.59 3.31
N ARG A 49 1.00 11.14 2.35
CA ARG A 49 -0.45 11.29 2.39
C ARG A 49 -1.03 10.46 3.53
N GLY A 50 -0.20 9.59 4.10
CA GLY A 50 -0.62 8.66 5.13
C GLY A 50 -1.10 7.34 4.51
N PHE A 51 -1.05 7.21 3.18
CA PHE A 51 -1.37 5.96 2.52
C PHE A 51 -0.36 5.64 1.43
N ALA A 52 -0.25 4.37 1.06
CA ALA A 52 0.72 3.90 0.09
C ALA A 52 0.22 2.63 -0.60
N PHE A 53 1.04 2.07 -1.49
CA PHE A 53 0.68 0.85 -2.20
C PHE A 53 1.93 -0.03 -2.36
N VAL A 54 1.74 -1.31 -2.63
CA VAL A 54 2.85 -2.23 -2.86
C VAL A 54 2.38 -3.39 -3.71
N THR A 55 3.22 -3.83 -4.66
CA THR A 55 2.91 -4.98 -5.49
C THR A 55 3.83 -6.14 -5.14
N PHE A 56 3.22 -7.29 -4.86
CA PHE A 56 3.93 -8.53 -4.61
C PHE A 56 3.94 -9.40 -5.86
N GLU A 57 4.85 -10.37 -5.90
CA GLU A 57 4.97 -11.31 -7.00
C GLU A 57 3.82 -12.32 -7.07
N SER A 58 3.10 -12.52 -5.96
CA SER A 58 1.93 -13.40 -5.92
C SER A 58 0.74 -12.67 -5.31
N PRO A 59 -0.48 -13.07 -5.66
CA PRO A 59 -1.69 -12.58 -5.03
C PRO A 59 -1.94 -13.31 -3.72
N ALA A 60 -1.02 -14.21 -3.33
CA ALA A 60 -1.19 -15.01 -2.12
C ALA A 60 -0.03 -14.83 -1.14
N ASP A 61 1.11 -14.26 -1.60
CA ASP A 61 2.18 -13.93 -0.68
C ASP A 61 1.91 -12.52 -0.11
N ALA A 62 1.09 -11.77 -0.83
CA ALA A 62 0.57 -10.49 -0.40
C ALA A 62 -0.50 -10.67 0.67
N LYS A 63 -1.20 -11.80 0.65
CA LYS A 63 -2.28 -12.06 1.61
C LYS A 63 -1.71 -12.26 2.99
N ASP A 64 -0.51 -12.85 3.07
CA ASP A 64 0.12 -13.15 4.35
C ASP A 64 0.57 -11.85 5.00
N ALA A 65 0.85 -10.84 4.19
CA ALA A 65 1.18 -9.52 4.69
C ALA A 65 -0.10 -8.80 5.09
N ALA A 66 -1.11 -8.85 4.22
CA ALA A 66 -2.37 -8.16 4.47
C ALA A 66 -3.14 -8.79 5.62
N ARG A 67 -2.68 -9.96 6.09
CA ARG A 67 -3.21 -10.65 7.26
C ARG A 67 -2.34 -10.46 8.50
N ASP A 68 -1.35 -9.57 8.45
CA ASP A 68 -0.42 -9.38 9.54
C ASP A 68 -0.25 -7.90 9.81
N MET A 69 0.01 -7.19 8.73
CA MET A 69 0.28 -5.78 8.70
C MET A 69 -1.01 -4.98 8.82
N ASN A 70 -2.16 -5.61 8.55
CA ASN A 70 -3.45 -4.97 8.69
C ASN A 70 -3.80 -4.89 10.18
N GLY A 71 -3.79 -3.67 10.72
CA GLY A 71 -4.11 -3.43 12.12
C GLY A 71 -2.87 -3.18 12.97
N LYS A 72 -1.67 -3.38 12.41
CA LYS A 72 -0.42 -3.08 13.10
C LYS A 72 0.00 -1.65 12.83
N SER A 73 1.20 -1.27 13.28
CA SER A 73 1.69 0.09 13.17
C SER A 73 3.01 0.15 12.44
N LEU A 74 3.23 1.32 11.82
CA LEU A 74 4.44 1.61 11.09
C LEU A 74 4.96 2.95 11.55
N ASP A 75 6.22 2.98 11.98
CA ASP A 75 6.88 4.17 12.49
C ASP A 75 6.24 4.72 13.76
N GLY A 76 4.96 4.45 13.98
CA GLY A 76 4.28 4.91 15.16
C GLY A 76 2.76 4.99 14.98
N LYS A 77 2.26 4.85 13.74
CA LYS A 77 0.84 5.00 13.45
C LYS A 77 0.27 3.70 12.90
N ALA A 78 -0.93 3.33 13.37
CA ALA A 78 -1.57 2.09 12.99
C ALA A 78 -2.04 2.13 11.54
N ILE A 79 -1.84 1.04 10.80
CA ILE A 79 -2.16 0.98 9.38
C ILE A 79 -3.16 -0.12 9.02
N LYS A 80 -3.69 -0.02 7.80
CA LYS A 80 -4.59 -0.99 7.19
C LYS A 80 -3.89 -1.59 5.99
N VAL A 81 -4.15 -2.87 5.71
CA VAL A 81 -3.62 -3.52 4.52
C VAL A 81 -4.70 -4.36 3.88
N GLU A 82 -4.89 -4.17 2.57
CA GLU A 82 -5.94 -4.84 1.82
C GLU A 82 -5.58 -4.78 0.34
N GLN A 83 -6.20 -5.60 -0.51
CA GLN A 83 -5.97 -5.47 -1.94
C GLN A 83 -6.43 -4.08 -2.37
N ALA A 84 -5.62 -3.40 -3.17
CA ALA A 84 -5.87 -2.02 -3.54
C ALA A 84 -6.95 -1.89 -4.60
N THR A 85 -7.58 -0.71 -4.67
CA THR A 85 -8.51 -0.36 -5.72
C THR A 85 -7.95 0.81 -6.51
N LYS A 86 -8.60 1.10 -7.64
CA LYS A 86 -8.19 2.17 -8.53
C LYS A 86 -8.34 3.54 -7.86
N PRO A 87 -7.53 4.54 -8.28
CA PRO A 87 -7.52 5.86 -7.67
C PRO A 87 -8.87 6.55 -7.82
N SER A 88 -9.15 7.49 -6.93
CA SER A 88 -10.44 8.20 -6.90
C SER A 88 -10.51 9.26 -8.00
N PHE A 89 -9.45 9.40 -8.80
CA PHE A 89 -9.43 10.31 -9.93
C PHE A 89 -9.74 9.58 -11.24
N GLU A 90 -10.17 8.32 -11.14
CA GLU A 90 -10.43 7.49 -12.31
C GLU A 90 -11.81 6.83 -12.20
N SER A 91 -12.31 6.31 -13.32
CA SER A 91 -13.64 5.75 -13.40
C SER A 91 -13.68 4.53 -14.32
N GLY A 92 -14.75 3.75 -14.25
CA GLY A 92 -14.94 2.55 -15.04
C GLY A 92 -15.38 2.85 -16.47
N ARG A 93 -15.55 4.13 -16.81
CA ARG A 93 -15.99 4.56 -18.13
C ARG A 93 -15.17 5.76 -18.62
N ARG A 94 -15.35 6.07 -19.91
CA ARG A 94 -14.59 7.10 -20.60
C ARG A 94 -15.51 7.89 -21.53
N GLY A 95 -15.17 9.16 -21.78
CA GLY A 95 -15.96 10.03 -22.66
C GLY A 95 -15.26 11.37 -22.84
N MET A 1 -16.99 2.19 -7.93
CA MET A 1 -15.58 1.79 -7.82
C MET A 1 -15.41 0.71 -6.75
N VAL A 2 -15.75 -0.53 -7.12
CA VAL A 2 -15.52 -1.71 -6.32
C VAL A 2 -14.35 -2.50 -6.91
N GLU A 3 -13.69 -1.88 -7.88
CA GLU A 3 -12.69 -2.52 -8.69
C GLU A 3 -11.37 -2.64 -7.95
N ALA A 4 -10.84 -3.86 -7.89
CA ALA A 4 -9.59 -4.14 -7.20
C ALA A 4 -8.58 -4.62 -8.24
N ASP A 5 -7.63 -3.73 -8.56
CA ASP A 5 -6.69 -3.91 -9.64
C ASP A 5 -5.54 -4.85 -9.25
N ARG A 6 -5.37 -5.91 -10.04
CA ARG A 6 -4.29 -6.91 -9.98
C ARG A 6 -3.94 -7.46 -8.60
N PRO A 7 -4.09 -8.78 -8.40
CA PRO A 7 -3.64 -9.45 -7.18
C PRO A 7 -2.19 -9.12 -6.87
N GLY A 8 -1.84 -9.10 -5.58
CA GLY A 8 -0.49 -8.81 -5.14
C GLY A 8 -0.35 -7.32 -4.86
N LYS A 9 -1.24 -6.49 -5.41
CA LYS A 9 -1.22 -5.08 -5.11
C LYS A 9 -2.02 -4.84 -3.83
N LEU A 10 -1.41 -4.11 -2.89
CA LEU A 10 -2.01 -3.81 -1.61
C LEU A 10 -2.16 -2.31 -1.44
N PHE A 11 -3.13 -1.91 -0.63
CA PHE A 11 -3.34 -0.53 -0.20
C PHE A 11 -2.89 -0.44 1.25
N ILE A 12 -2.08 0.57 1.56
CA ILE A 12 -1.47 0.69 2.88
C ILE A 12 -1.86 2.04 3.48
N GLY A 13 -3.06 2.15 4.05
CA GLY A 13 -3.53 3.42 4.60
C GLY A 13 -3.26 3.53 6.10
N GLY A 14 -3.02 4.76 6.59
CA GLY A 14 -2.91 5.01 8.02
C GLY A 14 -1.44 5.06 8.45
N LEU A 15 -0.53 5.10 7.49
CA LEU A 15 0.91 5.13 7.73
C LEU A 15 1.32 6.43 8.42
N ASN A 16 2.54 6.41 8.98
CA ASN A 16 3.13 7.58 9.58
C ASN A 16 3.56 8.57 8.49
N THR A 17 3.69 9.85 8.83
CA THR A 17 4.09 10.88 7.89
C THR A 17 5.58 10.82 7.62
N GLU A 18 6.26 9.88 8.28
CA GLU A 18 7.70 9.77 8.29
C GLU A 18 8.17 8.54 7.51
N THR A 19 7.21 7.72 7.07
CA THR A 19 7.49 6.49 6.34
C THR A 19 7.80 6.79 4.88
N ASN A 20 8.70 6.01 4.29
CA ASN A 20 9.01 6.13 2.87
C ASN A 20 9.01 4.75 2.23
N GLU A 21 9.50 4.68 1.00
CA GLU A 21 9.48 3.46 0.21
C GLU A 21 10.46 2.45 0.78
N LYS A 22 11.57 2.91 1.35
CA LYS A 22 12.59 2.02 1.88
C LYS A 22 12.00 1.23 3.05
N ALA A 23 11.09 1.84 3.81
CA ALA A 23 10.56 1.20 5.01
C ALA A 23 9.38 0.31 4.63
N LEU A 24 8.80 0.61 3.46
CA LEU A 24 7.62 -0.03 2.94
C LEU A 24 8.02 -1.27 2.15
N GLU A 25 9.22 -1.25 1.58
CA GLU A 25 9.76 -2.43 0.93
C GLU A 25 10.36 -3.37 1.95
N ALA A 26 10.83 -2.78 3.05
CA ALA A 26 11.51 -3.50 4.11
C ALA A 26 10.54 -4.19 5.05
N VAL A 27 9.29 -3.72 5.08
CA VAL A 27 8.29 -4.21 6.00
C VAL A 27 7.29 -5.14 5.33
N PHE A 28 6.98 -4.86 4.07
CA PHE A 28 6.12 -5.74 3.29
C PHE A 28 6.93 -6.77 2.52
N GLY A 29 8.26 -6.58 2.46
CA GLY A 29 9.13 -7.55 1.83
C GLY A 29 9.33 -8.77 2.73
N LYS A 30 8.75 -8.71 3.94
CA LYS A 30 8.84 -9.74 4.96
C LYS A 30 7.85 -10.87 4.68
N TYR A 31 6.93 -10.61 3.77
CA TYR A 31 5.86 -11.54 3.42
C TYR A 31 6.00 -12.09 2.01
N GLY A 32 6.76 -11.43 1.14
CA GLY A 32 6.92 -11.86 -0.23
C GLY A 32 7.89 -10.98 -1.00
N ARG A 33 8.31 -11.47 -2.18
CA ARG A 33 9.20 -10.74 -3.03
C ARG A 33 8.41 -9.61 -3.69
N ILE A 34 8.81 -8.38 -3.39
CA ILE A 34 8.20 -7.19 -3.94
C ILE A 34 8.65 -7.00 -5.39
N VAL A 35 7.71 -6.55 -6.24
CA VAL A 35 8.00 -6.22 -7.63
C VAL A 35 7.88 -4.71 -7.85
N GLU A 36 7.12 -4.02 -6.99
CA GLU A 36 6.94 -2.58 -7.05
C GLU A 36 6.44 -2.07 -5.70
N VAL A 37 6.78 -0.82 -5.36
CA VAL A 37 6.22 -0.15 -4.19
C VAL A 37 5.87 1.28 -4.55
N LEU A 38 4.78 1.75 -3.94
CA LEU A 38 4.33 3.13 -4.03
C LEU A 38 4.39 3.73 -2.64
N LEU A 39 4.54 5.04 -2.58
CA LEU A 39 4.44 5.77 -1.34
C LEU A 39 3.92 7.14 -1.71
N MET A 40 2.75 7.51 -1.20
CA MET A 40 2.09 8.71 -1.66
C MET A 40 2.47 9.87 -0.75
N LYS A 41 2.75 11.04 -1.34
CA LYS A 41 3.05 12.24 -0.58
C LYS A 41 2.51 13.48 -1.28
N ASP A 42 2.19 14.49 -0.47
CA ASP A 42 1.63 15.75 -0.93
C ASP A 42 2.60 16.53 -1.81
N ARG A 43 2.09 17.54 -2.52
CA ARG A 43 2.88 18.36 -3.42
C ARG A 43 3.13 19.76 -2.85
N GLU A 44 2.56 20.04 -1.67
CA GLU A 44 2.75 21.30 -0.97
C GLU A 44 3.55 21.12 0.33
N THR A 45 3.74 19.86 0.75
CA THR A 45 4.54 19.55 1.95
C THR A 45 5.51 18.42 1.68
N ASN A 46 5.33 17.68 0.57
CA ASN A 46 6.17 16.53 0.28
C ASN A 46 6.11 15.49 1.39
N LYS A 47 5.15 15.64 2.32
CA LYS A 47 4.92 14.69 3.40
C LYS A 47 4.01 13.59 2.90
N SER A 48 4.18 12.39 3.46
CA SER A 48 3.35 11.25 3.08
C SER A 48 1.87 11.60 3.25
N ARG A 49 1.05 11.15 2.29
CA ARG A 49 -0.39 11.35 2.31
C ARG A 49 -1.03 10.55 3.44
N GLY A 50 -0.21 9.71 4.09
CA GLY A 50 -0.67 8.79 5.12
C GLY A 50 -1.10 7.46 4.52
N PHE A 51 -0.99 7.28 3.20
CA PHE A 51 -1.30 6.01 2.57
C PHE A 51 -0.29 5.70 1.46
N ALA A 52 -0.21 4.42 1.08
CA ALA A 52 0.74 3.94 0.09
C ALA A 52 0.21 2.67 -0.58
N PHE A 53 1.01 2.07 -1.47
CA PHE A 53 0.66 0.84 -2.16
C PHE A 53 1.91 -0.03 -2.32
N VAL A 54 1.72 -1.32 -2.60
CA VAL A 54 2.83 -2.24 -2.83
C VAL A 54 2.37 -3.39 -3.71
N THR A 55 3.24 -3.88 -4.59
CA THR A 55 2.94 -5.02 -5.44
C THR A 55 3.87 -6.18 -5.12
N PHE A 56 3.27 -7.32 -4.76
CA PHE A 56 3.97 -8.56 -4.48
C PHE A 56 4.08 -9.43 -5.73
N GLU A 57 5.09 -10.32 -5.75
CA GLU A 57 5.25 -11.29 -6.82
C GLU A 57 4.21 -12.41 -6.70
N SER A 58 3.66 -12.63 -5.51
CA SER A 58 2.60 -13.62 -5.32
C SER A 58 1.37 -12.92 -4.75
N PRO A 59 0.17 -13.31 -5.22
CA PRO A 59 -1.06 -12.70 -4.77
C PRO A 59 -1.41 -13.18 -3.37
N ALA A 60 -0.66 -14.16 -2.84
CA ALA A 60 -0.94 -14.74 -1.54
C ALA A 60 0.16 -14.38 -0.55
N ASP A 61 1.31 -13.91 -1.04
CA ASP A 61 2.31 -13.34 -0.16
C ASP A 61 1.77 -11.99 0.31
N ALA A 62 0.94 -11.36 -0.53
CA ALA A 62 0.26 -10.14 -0.19
C ALA A 62 -0.90 -10.41 0.76
N LYS A 63 -1.52 -11.60 0.66
CA LYS A 63 -2.57 -11.99 1.59
C LYS A 63 -1.96 -12.23 2.96
N ASP A 64 -0.76 -12.80 3.00
CA ASP A 64 -0.11 -13.11 4.26
C ASP A 64 0.33 -11.82 4.95
N ALA A 65 0.65 -10.80 4.16
CA ALA A 65 0.96 -9.49 4.69
C ALA A 65 -0.32 -8.80 5.13
N ALA A 66 -1.35 -8.83 4.27
CA ALA A 66 -2.61 -8.16 4.55
C ALA A 66 -3.36 -8.84 5.70
N ARG A 67 -2.88 -10.01 6.13
CA ARG A 67 -3.39 -10.73 7.28
C ARG A 67 -2.50 -10.57 8.52
N ASP A 68 -1.50 -9.70 8.48
CA ASP A 68 -0.54 -9.54 9.57
C ASP A 68 -0.38 -8.07 9.88
N MET A 69 -0.11 -7.34 8.80
CA MET A 69 0.16 -5.92 8.82
C MET A 69 -1.11 -5.10 8.93
N ASN A 70 -2.28 -5.71 8.65
CA ASN A 70 -3.53 -4.99 8.75
C ASN A 70 -3.87 -4.79 10.23
N GLY A 71 -3.96 -3.53 10.64
CA GLY A 71 -4.29 -3.16 12.02
C GLY A 71 -3.05 -2.95 12.88
N LYS A 72 -1.85 -3.26 12.37
CA LYS A 72 -0.61 -3.01 13.10
C LYS A 72 -0.07 -1.64 12.78
N SER A 73 1.05 -1.28 13.42
CA SER A 73 1.66 0.01 13.25
C SER A 73 2.92 -0.10 12.40
N LEU A 74 3.19 0.97 11.63
CA LEU A 74 4.33 0.95 10.72
C LEU A 74 5.55 1.58 11.38
N ASP A 75 5.42 2.88 11.64
CA ASP A 75 6.49 3.68 12.20
C ASP A 75 6.05 4.34 13.49
N GLY A 76 4.84 3.99 13.92
CA GLY A 76 4.26 4.55 15.11
C GLY A 76 2.77 4.79 14.94
N LYS A 77 2.28 4.68 13.70
CA LYS A 77 0.90 4.90 13.35
C LYS A 77 0.28 3.60 12.84
N ALA A 78 -0.91 3.27 13.33
CA ALA A 78 -1.57 2.02 13.00
C ALA A 78 -2.16 2.10 11.58
N ILE A 79 -1.97 1.04 10.80
CA ILE A 79 -2.35 1.03 9.40
C ILE A 79 -3.50 0.09 9.06
N LYS A 80 -3.90 0.16 7.80
CA LYS A 80 -4.84 -0.73 7.14
C LYS A 80 -4.11 -1.39 6.00
N VAL A 81 -4.39 -2.67 5.74
CA VAL A 81 -3.84 -3.36 4.58
C VAL A 81 -4.94 -4.15 3.90
N GLU A 82 -5.06 -3.97 2.58
CA GLU A 82 -6.15 -4.55 1.81
C GLU A 82 -5.73 -4.64 0.34
N GLN A 83 -6.41 -5.44 -0.47
CA GLN A 83 -6.12 -5.47 -1.90
C GLN A 83 -6.57 -4.14 -2.49
N ALA A 84 -5.65 -3.42 -3.13
CA ALA A 84 -5.87 -2.05 -3.55
C ALA A 84 -6.98 -1.93 -4.60
N THR A 85 -7.68 -0.79 -4.58
CA THR A 85 -8.66 -0.45 -5.60
C THR A 85 -8.11 0.64 -6.51
N LYS A 86 -8.82 0.90 -7.61
CA LYS A 86 -8.43 1.93 -8.56
C LYS A 86 -8.61 3.31 -7.92
N PRO A 87 -7.83 4.32 -8.37
CA PRO A 87 -7.86 5.66 -7.81
C PRO A 87 -9.22 6.31 -8.11
N SER A 88 -9.67 7.17 -7.20
CA SER A 88 -10.99 7.80 -7.29
C SER A 88 -10.99 9.01 -8.21
N PHE A 89 -9.85 9.31 -8.84
CA PHE A 89 -9.76 10.35 -9.86
C PHE A 89 -9.32 9.74 -11.20
N GLU A 90 -9.34 8.40 -11.27
CA GLU A 90 -8.94 7.57 -12.39
C GLU A 90 -7.54 7.87 -12.95
N SER A 91 -7.11 7.07 -13.93
CA SER A 91 -5.78 7.20 -14.52
C SER A 91 -5.80 6.77 -15.98
N GLY A 92 -4.76 7.16 -16.73
CA GLY A 92 -4.65 6.83 -18.15
C GLY A 92 -5.57 7.68 -19.03
N ARG A 93 -6.32 8.61 -18.42
CA ARG A 93 -7.28 9.50 -19.08
C ARG A 93 -8.41 8.78 -19.81
N ARG A 94 -8.29 7.47 -20.04
CA ARG A 94 -9.29 6.70 -20.77
C ARG A 94 -9.27 5.25 -20.31
N GLY A 95 -10.42 4.58 -20.41
CA GLY A 95 -10.56 3.18 -20.01
C GLY A 95 -11.97 2.68 -20.28
N MET A 1 -18.26 3.42 -8.74
CA MET A 1 -17.57 2.22 -9.26
C MET A 1 -16.47 1.78 -8.30
N VAL A 2 -16.73 0.72 -7.52
CA VAL A 2 -15.73 0.13 -6.65
C VAL A 2 -15.10 -1.03 -7.43
N GLU A 3 -13.82 -0.86 -7.77
CA GLU A 3 -13.10 -1.84 -8.57
C GLU A 3 -11.76 -2.20 -7.94
N ALA A 4 -11.44 -3.49 -8.00
CA ALA A 4 -10.24 -4.06 -7.44
C ALA A 4 -9.31 -4.46 -8.57
N ASP A 5 -8.19 -3.75 -8.65
CA ASP A 5 -7.12 -4.04 -9.60
C ASP A 5 -6.55 -5.43 -9.27
N ARG A 6 -5.70 -5.96 -10.15
CA ARG A 6 -5.25 -7.36 -10.06
C ARG A 6 -4.55 -7.66 -8.74
N PRO A 7 -4.58 -8.94 -8.31
CA PRO A 7 -3.97 -9.41 -7.08
C PRO A 7 -2.50 -8.99 -6.91
N GLY A 8 -2.05 -8.92 -5.66
CA GLY A 8 -0.66 -8.65 -5.35
C GLY A 8 -0.46 -7.19 -5.01
N LYS A 9 -1.45 -6.34 -5.30
CA LYS A 9 -1.33 -4.93 -4.99
C LYS A 9 -2.08 -4.63 -3.71
N LEU A 10 -1.40 -4.00 -2.76
CA LEU A 10 -1.97 -3.72 -1.46
C LEU A 10 -2.13 -2.23 -1.25
N PHE A 11 -3.06 -1.86 -0.37
CA PHE A 11 -3.27 -0.50 0.07
C PHE A 11 -2.80 -0.41 1.52
N ILE A 12 -1.98 0.58 1.82
CA ILE A 12 -1.34 0.71 3.13
C ILE A 12 -1.73 2.06 3.74
N GLY A 13 -2.95 2.20 4.25
CA GLY A 13 -3.41 3.49 4.77
C GLY A 13 -3.17 3.61 6.27
N GLY A 14 -2.89 4.82 6.75
CA GLY A 14 -2.80 5.09 8.19
C GLY A 14 -1.35 5.26 8.64
N LEU A 15 -0.42 5.38 7.68
CA LEU A 15 1.00 5.44 7.97
C LEU A 15 1.37 6.72 8.74
N ASN A 16 2.59 6.73 9.27
CA ASN A 16 3.08 7.75 10.18
C ASN A 16 3.52 9.05 9.51
N THR A 17 3.46 9.08 8.18
CA THR A 17 4.05 10.14 7.35
C THR A 17 5.57 10.17 7.41
N GLU A 18 6.15 9.45 8.37
CA GLU A 18 7.60 9.34 8.55
C GLU A 18 8.11 8.13 7.77
N THR A 19 7.17 7.32 7.27
CA THR A 19 7.44 6.14 6.47
C THR A 19 7.77 6.56 5.05
N ASN A 20 8.68 5.82 4.41
CA ASN A 20 9.03 6.04 3.02
C ASN A 20 9.13 4.70 2.30
N GLU A 21 9.60 4.75 1.05
CA GLU A 21 9.58 3.63 0.15
C GLU A 21 10.49 2.51 0.67
N LYS A 22 11.63 2.89 1.24
CA LYS A 22 12.61 1.95 1.73
C LYS A 22 12.04 1.14 2.89
N ALA A 23 11.16 1.74 3.69
CA ALA A 23 10.67 1.12 4.90
C ALA A 23 9.46 0.27 4.57
N LEU A 24 8.84 0.57 3.43
CA LEU A 24 7.64 -0.07 2.95
C LEU A 24 8.04 -1.31 2.15
N GLU A 25 9.23 -1.30 1.57
CA GLU A 25 9.76 -2.47 0.92
C GLU A 25 10.37 -3.41 1.94
N ALA A 26 10.83 -2.83 3.04
CA ALA A 26 11.53 -3.54 4.09
C ALA A 26 10.57 -4.22 5.06
N VAL A 27 9.32 -3.75 5.09
CA VAL A 27 8.31 -4.25 6.01
C VAL A 27 7.31 -5.19 5.34
N PHE A 28 6.98 -4.90 4.09
CA PHE A 28 6.11 -5.78 3.33
C PHE A 28 6.93 -6.79 2.52
N GLY A 29 8.25 -6.61 2.46
CA GLY A 29 9.11 -7.58 1.80
C GLY A 29 9.32 -8.80 2.69
N LYS A 30 8.75 -8.75 3.90
CA LYS A 30 8.85 -9.79 4.90
C LYS A 30 7.86 -10.91 4.63
N TYR A 31 6.93 -10.65 3.70
CA TYR A 31 5.88 -11.58 3.36
C TYR A 31 6.00 -12.12 1.94
N GLY A 32 6.76 -11.44 1.08
CA GLY A 32 6.95 -11.86 -0.30
C GLY A 32 7.94 -10.97 -1.00
N ARG A 33 8.50 -11.45 -2.12
CA ARG A 33 9.42 -10.63 -2.88
C ARG A 33 8.60 -9.57 -3.60
N ILE A 34 8.94 -8.33 -3.33
CA ILE A 34 8.29 -7.16 -3.89
C ILE A 34 8.75 -6.92 -5.33
N VAL A 35 7.82 -6.48 -6.17
CA VAL A 35 8.10 -6.17 -7.57
C VAL A 35 7.98 -4.67 -7.80
N GLU A 36 7.21 -3.98 -6.94
CA GLU A 36 7.04 -2.53 -6.99
C GLU A 36 6.52 -2.02 -5.65
N VAL A 37 6.86 -0.78 -5.29
CA VAL A 37 6.28 -0.13 -4.12
C VAL A 37 5.93 1.31 -4.46
N LEU A 38 4.85 1.78 -3.85
CA LEU A 38 4.39 3.15 -3.97
C LEU A 38 4.41 3.77 -2.58
N LEU A 39 4.55 5.09 -2.55
CA LEU A 39 4.42 5.85 -1.32
C LEU A 39 3.87 7.20 -1.74
N MET A 40 2.68 7.54 -1.26
CA MET A 40 1.98 8.69 -1.77
C MET A 40 2.30 9.91 -0.93
N LYS A 41 2.47 11.07 -1.57
CA LYS A 41 2.77 12.30 -0.85
C LYS A 41 2.21 13.53 -1.56
N ASP A 42 1.89 14.55 -0.76
CA ASP A 42 1.43 15.85 -1.20
C ASP A 42 2.49 16.55 -2.07
N ARG A 43 2.06 17.50 -2.91
CA ARG A 43 2.95 18.21 -3.81
C ARG A 43 3.43 19.51 -3.18
N GLU A 44 2.69 20.03 -2.19
CA GLU A 44 2.98 21.32 -1.59
C GLU A 44 3.67 21.18 -0.23
N THR A 45 3.64 19.97 0.35
CA THR A 45 4.29 19.70 1.63
C THR A 45 5.25 18.52 1.51
N ASN A 46 5.12 17.75 0.42
CA ASN A 46 5.99 16.61 0.17
C ASN A 46 5.85 15.56 1.28
N LYS A 47 4.89 15.76 2.18
CA LYS A 47 4.59 14.82 3.26
C LYS A 47 3.73 13.71 2.70
N SER A 48 3.90 12.50 3.24
CA SER A 48 3.09 11.37 2.81
C SER A 48 1.61 11.71 2.97
N ARG A 49 0.80 11.19 2.06
CA ARG A 49 -0.65 11.33 2.10
C ARG A 49 -1.18 10.54 3.31
N GLY A 50 -0.30 9.77 3.95
CA GLY A 50 -0.65 8.90 5.06
C GLY A 50 -1.02 7.50 4.55
N PHE A 51 -0.99 7.28 3.23
CA PHE A 51 -1.23 5.97 2.67
C PHE A 51 -0.26 5.66 1.54
N ALA A 52 -0.14 4.38 1.20
CA ALA A 52 0.81 3.91 0.21
C ALA A 52 0.29 2.63 -0.46
N PHE A 53 1.07 2.08 -1.38
CA PHE A 53 0.73 0.84 -2.08
C PHE A 53 1.97 -0.01 -2.24
N VAL A 54 1.78 -1.31 -2.51
CA VAL A 54 2.89 -2.23 -2.74
C VAL A 54 2.42 -3.36 -3.64
N THR A 55 3.30 -3.82 -4.54
CA THR A 55 3.02 -4.93 -5.42
C THR A 55 3.91 -6.11 -5.09
N PHE A 56 3.29 -7.24 -4.76
CA PHE A 56 3.97 -8.50 -4.53
C PHE A 56 4.04 -9.33 -5.81
N GLU A 57 5.00 -10.24 -5.89
CA GLU A 57 5.10 -11.15 -7.02
C GLU A 57 4.10 -12.29 -6.86
N SER A 58 3.68 -12.59 -5.62
CA SER A 58 2.65 -13.58 -5.39
C SER A 58 1.41 -12.89 -4.83
N PRO A 59 0.22 -13.28 -5.30
CA PRO A 59 -1.02 -12.68 -4.86
C PRO A 59 -1.38 -13.15 -3.47
N ALA A 60 -0.64 -14.14 -2.94
CA ALA A 60 -0.93 -14.71 -1.63
C ALA A 60 0.16 -14.35 -0.63
N ASP A 61 1.31 -13.89 -1.12
CA ASP A 61 2.32 -13.32 -0.24
C ASP A 61 1.78 -11.97 0.23
N ALA A 62 0.94 -11.34 -0.60
CA ALA A 62 0.26 -10.11 -0.26
C ALA A 62 -0.90 -10.38 0.68
N LYS A 63 -1.55 -11.56 0.54
CA LYS A 63 -2.61 -11.94 1.45
C LYS A 63 -2.03 -12.20 2.83
N ASP A 64 -0.84 -12.82 2.87
CA ASP A 64 -0.22 -13.18 4.13
C ASP A 64 0.21 -11.92 4.87
N ALA A 65 0.59 -10.87 4.13
CA ALA A 65 0.90 -9.59 4.72
C ALA A 65 -0.37 -8.88 5.13
N ALA A 66 -1.38 -8.90 4.26
CA ALA A 66 -2.63 -8.22 4.50
C ALA A 66 -3.45 -8.93 5.59
N ARG A 67 -2.96 -10.10 6.03
CA ARG A 67 -3.53 -10.86 7.14
C ARG A 67 -2.66 -10.79 8.40
N ASP A 68 -1.58 -10.00 8.38
CA ASP A 68 -0.65 -9.93 9.49
C ASP A 68 -0.46 -8.49 9.89
N MET A 69 -0.11 -7.69 8.90
CA MET A 69 0.20 -6.28 9.02
C MET A 69 -1.04 -5.41 9.04
N ASN A 70 -2.21 -5.99 8.75
CA ASN A 70 -3.46 -5.24 8.78
C ASN A 70 -3.86 -4.98 10.23
N GLY A 71 -4.08 -3.72 10.58
CA GLY A 71 -4.49 -3.32 11.92
C GLY A 71 -3.28 -3.11 12.84
N LYS A 72 -2.07 -3.45 12.35
CA LYS A 72 -0.83 -3.20 13.04
C LYS A 72 -0.42 -1.75 12.82
N SER A 73 0.88 -1.49 12.91
CA SER A 73 1.43 -0.16 12.85
C SER A 73 2.68 -0.07 12.00
N LEU A 74 2.97 1.16 11.56
CA LEU A 74 4.16 1.47 10.80
C LEU A 74 4.79 2.71 11.40
N ASP A 75 6.07 2.60 11.73
CA ASP A 75 6.85 3.68 12.29
C ASP A 75 6.32 4.21 13.63
N GLY A 76 5.06 3.93 13.95
CA GLY A 76 4.49 4.35 15.20
C GLY A 76 2.98 4.55 15.13
N LYS A 77 2.39 4.51 13.93
CA LYS A 77 0.97 4.80 13.74
C LYS A 77 0.26 3.61 13.10
N ALA A 78 -0.95 3.31 13.60
CA ALA A 78 -1.69 2.14 13.17
C ALA A 78 -2.19 2.28 11.74
N ILE A 79 -2.11 1.19 10.97
CA ILE A 79 -2.45 1.18 9.55
C ILE A 79 -3.57 0.19 9.21
N LYS A 80 -3.94 0.22 7.93
CA LYS A 80 -4.82 -0.74 7.29
C LYS A 80 -4.04 -1.39 6.16
N VAL A 81 -4.22 -2.70 5.94
CA VAL A 81 -3.61 -3.39 4.83
C VAL A 81 -4.66 -4.25 4.15
N GLU A 82 -4.85 -4.05 2.84
CA GLU A 82 -5.88 -4.74 2.10
C GLU A 82 -5.53 -4.73 0.61
N GLN A 83 -6.16 -5.58 -0.20
CA GLN A 83 -5.98 -5.51 -1.64
C GLN A 83 -6.47 -4.14 -2.11
N ALA A 84 -5.69 -3.47 -2.96
CA ALA A 84 -5.94 -2.09 -3.32
C ALA A 84 -7.06 -1.96 -4.36
N THR A 85 -7.71 -0.79 -4.34
CA THR A 85 -8.66 -0.40 -5.39
C THR A 85 -8.03 0.69 -6.24
N LYS A 86 -8.71 1.05 -7.32
CA LYS A 86 -8.25 2.03 -8.27
C LYS A 86 -8.49 3.45 -7.77
N PRO A 87 -7.70 4.43 -8.21
CA PRO A 87 -7.77 5.81 -7.75
C PRO A 87 -9.08 6.46 -8.18
N SER A 88 -9.50 7.51 -7.48
CA SER A 88 -10.81 8.13 -7.68
C SER A 88 -10.77 9.27 -8.70
N PHE A 89 -9.58 9.66 -9.16
CA PHE A 89 -9.47 10.70 -10.18
C PHE A 89 -9.39 10.08 -11.57
N GLU A 90 -9.75 8.81 -11.69
CA GLU A 90 -9.68 8.07 -12.94
C GLU A 90 -10.90 7.18 -13.12
N SER A 91 -11.20 6.82 -14.37
CA SER A 91 -12.37 6.04 -14.73
C SER A 91 -11.99 4.62 -15.14
N GLY A 92 -10.73 4.23 -14.90
CA GLY A 92 -10.22 2.90 -15.24
C GLY A 92 -9.95 2.74 -16.74
N ARG A 93 -10.18 3.80 -17.52
CA ARG A 93 -9.95 3.80 -18.96
C ARG A 93 -9.53 5.19 -19.44
N ARG A 94 -9.94 6.23 -18.71
CA ARG A 94 -9.64 7.62 -19.04
C ARG A 94 -9.59 8.45 -17.77
N GLY A 95 -9.05 9.68 -17.87
CA GLY A 95 -8.93 10.59 -16.74
C GLY A 95 -8.37 11.93 -17.19
N MET A 1 -17.33 1.93 -8.84
CA MET A 1 -15.99 1.31 -8.72
C MET A 1 -16.09 -0.16 -8.34
N VAL A 2 -16.25 -1.02 -9.35
CA VAL A 2 -16.18 -2.47 -9.17
C VAL A 2 -14.75 -2.94 -9.40
N GLU A 3 -13.85 -1.98 -9.55
CA GLU A 3 -12.50 -2.23 -10.01
C GLU A 3 -11.59 -2.77 -8.92
N ALA A 4 -10.77 -3.73 -9.34
CA ALA A 4 -9.74 -4.34 -8.54
C ALA A 4 -8.58 -4.63 -9.49
N ASP A 5 -7.47 -3.91 -9.30
CA ASP A 5 -6.33 -3.94 -10.18
C ASP A 5 -5.45 -5.18 -9.99
N ARG A 6 -6.07 -6.36 -10.10
CA ARG A 6 -5.46 -7.68 -9.99
C ARG A 6 -4.82 -7.96 -8.62
N PRO A 7 -4.73 -9.26 -8.25
CA PRO A 7 -4.07 -9.69 -7.03
C PRO A 7 -2.63 -9.21 -6.92
N GLY A 8 -2.14 -9.03 -5.69
CA GLY A 8 -0.74 -8.77 -5.44
C GLY A 8 -0.52 -7.31 -5.10
N LYS A 9 -1.47 -6.43 -5.42
CA LYS A 9 -1.32 -5.02 -5.09
C LYS A 9 -2.08 -4.74 -3.82
N LEU A 10 -1.42 -4.08 -2.86
CA LEU A 10 -2.00 -3.80 -1.57
C LEU A 10 -2.16 -2.30 -1.40
N PHE A 11 -3.12 -1.91 -0.56
CA PHE A 11 -3.33 -0.54 -0.14
C PHE A 11 -2.91 -0.46 1.31
N ILE A 12 -2.09 0.55 1.65
CA ILE A 12 -1.50 0.67 2.97
C ILE A 12 -1.89 2.03 3.56
N GLY A 13 -3.10 2.14 4.11
CA GLY A 13 -3.57 3.42 4.63
C GLY A 13 -3.30 3.60 6.12
N GLY A 14 -2.97 4.82 6.54
CA GLY A 14 -2.83 5.16 7.95
C GLY A 14 -1.37 5.24 8.38
N LEU A 15 -0.46 5.19 7.41
CA LEU A 15 0.97 5.18 7.66
C LEU A 15 1.44 6.49 8.29
N ASN A 16 2.66 6.48 8.84
CA ASN A 16 3.28 7.64 9.44
C ASN A 16 3.83 8.58 8.36
N THR A 17 3.99 9.86 8.70
CA THR A 17 4.57 10.86 7.82
C THR A 17 6.07 10.64 7.68
N GLU A 18 6.60 9.73 8.50
CA GLU A 18 8.01 9.45 8.62
C GLU A 18 8.38 8.22 7.80
N THR A 19 7.37 7.50 7.31
CA THR A 19 7.56 6.30 6.50
C THR A 19 7.79 6.71 5.05
N ASN A 20 8.66 5.95 4.37
CA ASN A 20 8.88 6.14 2.95
C ASN A 20 8.92 4.78 2.26
N GLU A 21 9.34 4.77 1.00
CA GLU A 21 9.31 3.57 0.18
C GLU A 21 10.34 2.55 0.68
N LYS A 22 11.47 3.02 1.22
CA LYS A 22 12.52 2.12 1.68
C LYS A 22 12.01 1.30 2.86
N ALA A 23 11.13 1.87 3.69
CA ALA A 23 10.67 1.20 4.89
C ALA A 23 9.48 0.31 4.54
N LEU A 24 8.84 0.62 3.40
CA LEU A 24 7.64 -0.03 2.93
C LEU A 24 8.04 -1.25 2.10
N GLU A 25 9.22 -1.22 1.51
CA GLU A 25 9.77 -2.38 0.85
C GLU A 25 10.41 -3.32 1.86
N ALA A 26 10.89 -2.73 2.95
CA ALA A 26 11.63 -3.42 3.99
C ALA A 26 10.69 -4.13 4.96
N VAL A 27 9.43 -3.69 5.00
CA VAL A 27 8.45 -4.19 5.94
C VAL A 27 7.45 -5.13 5.29
N PHE A 28 7.07 -4.83 4.05
CA PHE A 28 6.21 -5.72 3.29
C PHE A 28 7.03 -6.75 2.52
N GLY A 29 8.35 -6.55 2.44
CA GLY A 29 9.22 -7.52 1.80
C GLY A 29 9.42 -8.74 2.72
N LYS A 30 8.86 -8.66 3.93
CA LYS A 30 8.96 -9.70 4.94
C LYS A 30 7.94 -10.80 4.68
N TYR A 31 6.99 -10.51 3.79
CA TYR A 31 5.92 -11.44 3.46
C TYR A 31 6.06 -12.01 2.05
N GLY A 32 6.82 -11.36 1.17
CA GLY A 32 7.00 -11.82 -0.19
C GLY A 32 7.93 -10.92 -0.99
N ARG A 33 8.39 -11.46 -2.13
CA ARG A 33 9.21 -10.72 -3.05
C ARG A 33 8.39 -9.59 -3.65
N ILE A 34 8.84 -8.37 -3.38
CA ILE A 34 8.22 -7.17 -3.92
C ILE A 34 8.67 -6.96 -5.36
N VAL A 35 7.74 -6.47 -6.20
CA VAL A 35 8.01 -6.15 -7.59
C VAL A 35 7.86 -4.66 -7.82
N GLU A 36 7.12 -3.98 -6.95
CA GLU A 36 6.93 -2.53 -7.00
C GLU A 36 6.43 -2.02 -5.66
N VAL A 37 6.76 -0.77 -5.30
CA VAL A 37 6.21 -0.13 -4.13
C VAL A 37 5.86 1.31 -4.45
N LEU A 38 4.78 1.78 -3.82
CA LEU A 38 4.34 3.17 -3.89
C LEU A 38 4.34 3.74 -2.48
N LEU A 39 4.49 5.06 -2.39
CA LEU A 39 4.30 5.78 -1.16
C LEU A 39 3.83 7.16 -1.56
N MET A 40 2.63 7.53 -1.12
CA MET A 40 2.01 8.74 -1.63
C MET A 40 2.36 9.92 -0.73
N LYS A 41 2.59 11.10 -1.32
CA LYS A 41 2.90 12.26 -0.52
C LYS A 41 2.20 13.52 -1.01
N ASP A 42 2.06 14.48 -0.10
CA ASP A 42 1.47 15.78 -0.37
C ASP A 42 2.24 16.49 -1.47
N ARG A 43 1.54 17.31 -2.29
CA ARG A 43 2.15 17.97 -3.43
C ARG A 43 2.80 19.30 -3.04
N GLU A 44 2.58 19.77 -1.82
CA GLU A 44 3.09 21.05 -1.37
C GLU A 44 3.97 20.93 -0.12
N THR A 45 3.97 19.77 0.54
CA THR A 45 4.81 19.56 1.72
C THR A 45 5.70 18.34 1.55
N ASN A 46 5.39 17.50 0.55
CA ASN A 46 6.20 16.35 0.20
C ASN A 46 6.42 15.40 1.38
N LYS A 47 5.54 15.47 2.39
CA LYS A 47 5.58 14.62 3.57
C LYS A 47 5.13 13.20 3.21
N SER A 48 3.90 12.89 3.56
CA SER A 48 3.21 11.67 3.17
C SER A 48 1.70 11.94 3.17
N ARG A 49 0.97 11.32 2.26
CA ARG A 49 -0.49 11.40 2.25
C ARG A 49 -1.02 10.53 3.38
N GLY A 50 -0.13 9.73 3.98
CA GLY A 50 -0.48 8.81 5.04
C GLY A 50 -1.00 7.48 4.49
N PHE A 51 -1.01 7.30 3.17
CA PHE A 51 -1.35 6.01 2.59
C PHE A 51 -0.37 5.66 1.46
N ALA A 52 -0.31 4.38 1.10
CA ALA A 52 0.65 3.89 0.13
C ALA A 52 0.15 2.63 -0.56
N PHE A 53 0.96 2.04 -1.44
CA PHE A 53 0.62 0.81 -2.14
C PHE A 53 1.88 -0.05 -2.29
N VAL A 54 1.70 -1.34 -2.57
CA VAL A 54 2.82 -2.26 -2.80
C VAL A 54 2.36 -3.41 -3.68
N THR A 55 3.23 -3.85 -4.59
CA THR A 55 2.95 -4.99 -5.45
C THR A 55 3.87 -6.15 -5.09
N PHE A 56 3.27 -7.30 -4.78
CA PHE A 56 3.97 -8.54 -4.53
C PHE A 56 4.04 -9.39 -5.78
N GLU A 57 5.02 -10.29 -5.84
CA GLU A 57 5.14 -11.22 -6.95
C GLU A 57 4.17 -12.39 -6.78
N SER A 58 3.72 -12.64 -5.54
CA SER A 58 2.72 -13.67 -5.31
C SER A 58 1.45 -13.02 -4.76
N PRO A 59 0.29 -13.45 -5.24
CA PRO A 59 -0.99 -12.91 -4.82
C PRO A 59 -1.38 -13.44 -3.45
N ALA A 60 -0.54 -14.29 -2.85
CA ALA A 60 -0.80 -14.85 -1.53
C ALA A 60 0.30 -14.44 -0.54
N ASP A 61 1.43 -13.95 -1.03
CA ASP A 61 2.41 -13.33 -0.15
C ASP A 61 1.86 -11.99 0.29
N ALA A 62 1.00 -11.39 -0.55
CA ALA A 62 0.32 -10.15 -0.24
C ALA A 62 -0.84 -10.41 0.72
N LYS A 63 -1.41 -11.62 0.68
CA LYS A 63 -2.46 -12.00 1.61
C LYS A 63 -1.85 -12.26 2.97
N ASP A 64 -0.65 -12.84 3.00
CA ASP A 64 0.02 -13.16 4.24
C ASP A 64 0.47 -11.88 4.93
N ALA A 65 0.67 -10.82 4.16
CA ALA A 65 0.92 -9.50 4.71
C ALA A 65 -0.40 -8.85 5.11
N ALA A 66 -1.40 -8.91 4.22
CA ALA A 66 -2.65 -8.22 4.43
C ALA A 66 -3.46 -8.84 5.57
N ARG A 67 -3.13 -10.06 5.99
CA ARG A 67 -3.72 -10.69 7.15
C ARG A 67 -2.87 -10.55 8.40
N ASP A 68 -1.79 -9.76 8.35
CA ASP A 68 -0.85 -9.68 9.46
C ASP A 68 -0.65 -8.23 9.84
N MET A 69 -0.25 -7.46 8.82
CA MET A 69 0.06 -6.06 8.90
C MET A 69 -1.20 -5.20 9.00
N ASN A 70 -2.37 -5.76 8.70
CA ASN A 70 -3.61 -5.02 8.77
C ASN A 70 -4.00 -4.83 10.24
N GLY A 71 -4.20 -3.57 10.64
CA GLY A 71 -4.62 -3.21 11.98
C GLY A 71 -3.42 -2.99 12.91
N LYS A 72 -2.21 -3.29 12.42
CA LYS A 72 -0.97 -3.02 13.11
C LYS A 72 -0.55 -1.58 12.88
N SER A 73 0.75 -1.33 12.95
CA SER A 73 1.31 -0.01 12.86
C SER A 73 2.59 0.02 12.04
N LEU A 74 2.90 1.22 11.55
CA LEU A 74 4.11 1.47 10.80
C LEU A 74 4.76 2.71 11.36
N ASP A 75 6.04 2.60 11.72
CA ASP A 75 6.82 3.68 12.30
C ASP A 75 6.28 4.19 13.63
N GLY A 76 4.99 3.99 13.87
CA GLY A 76 4.37 4.45 15.10
C GLY A 76 2.88 4.74 14.93
N LYS A 77 2.36 4.67 13.69
CA LYS A 77 0.99 5.03 13.39
C LYS A 77 0.24 3.81 12.86
N ALA A 78 -0.98 3.59 13.36
CA ALA A 78 -1.76 2.40 13.03
C ALA A 78 -2.25 2.44 11.59
N ILE A 79 -2.19 1.30 10.89
CA ILE A 79 -2.53 1.22 9.48
C ILE A 79 -3.61 0.19 9.15
N LYS A 80 -3.99 0.21 7.87
CA LYS A 80 -4.86 -0.74 7.22
C LYS A 80 -4.10 -1.39 6.09
N VAL A 81 -4.34 -2.68 5.82
CA VAL A 81 -3.76 -3.35 4.67
C VAL A 81 -4.82 -4.21 4.01
N GLU A 82 -4.96 -4.06 2.69
CA GLU A 82 -6.01 -4.75 1.93
C GLU A 82 -5.61 -4.75 0.45
N GLN A 83 -6.23 -5.59 -0.37
CA GLN A 83 -6.02 -5.55 -1.81
C GLN A 83 -6.45 -4.18 -2.31
N ALA A 84 -5.66 -3.59 -3.19
CA ALA A 84 -5.89 -2.22 -3.65
C ALA A 84 -6.98 -2.13 -4.70
N THR A 85 -7.54 -0.92 -4.84
CA THR A 85 -8.43 -0.59 -5.93
C THR A 85 -7.88 0.62 -6.68
N LYS A 86 -8.51 0.95 -7.80
CA LYS A 86 -8.08 2.03 -8.66
C LYS A 86 -8.38 3.39 -8.00
N PRO A 87 -7.65 4.45 -8.37
CA PRO A 87 -7.78 5.74 -7.74
C PRO A 87 -9.17 6.33 -7.99
N SER A 88 -9.65 7.14 -7.06
CA SER A 88 -11.01 7.68 -7.09
C SER A 88 -11.14 8.81 -8.10
N PHE A 89 -10.03 9.27 -8.67
CA PHE A 89 -10.03 10.29 -9.71
C PHE A 89 -10.18 9.65 -11.09
N GLU A 90 -10.35 8.33 -11.14
CA GLU A 90 -10.42 7.57 -12.37
C GLU A 90 -11.59 6.60 -12.34
N SER A 91 -11.93 6.04 -13.50
CA SER A 91 -13.10 5.17 -13.64
C SER A 91 -12.82 4.06 -14.65
N GLY A 92 -13.67 3.03 -14.67
CA GLY A 92 -13.53 1.91 -15.58
C GLY A 92 -13.83 2.30 -17.03
N ARG A 93 -14.37 3.51 -17.23
CA ARG A 93 -14.69 4.11 -18.52
C ARG A 93 -15.42 3.17 -19.50
N ARG A 94 -16.13 2.17 -18.96
CA ARG A 94 -16.86 1.19 -19.76
C ARG A 94 -18.24 0.90 -19.15
N GLY A 95 -19.12 0.30 -19.97
CA GLY A 95 -20.47 -0.04 -19.55
C GLY A 95 -21.31 1.21 -19.30
N MET A 1 -17.44 2.38 -10.48
CA MET A 1 -16.24 2.05 -9.69
C MET A 1 -16.56 0.95 -8.69
N VAL A 2 -16.13 -0.26 -9.02
CA VAL A 2 -16.16 -1.45 -8.19
C VAL A 2 -14.86 -2.22 -8.45
N GLU A 3 -13.92 -1.53 -9.09
CA GLU A 3 -12.74 -2.13 -9.65
C GLU A 3 -11.65 -2.41 -8.63
N ALA A 4 -11.03 -3.56 -8.82
CA ALA A 4 -9.92 -4.04 -8.02
C ALA A 4 -8.85 -4.50 -8.99
N ASP A 5 -7.73 -3.77 -8.99
CA ASP A 5 -6.63 -3.92 -9.94
C ASP A 5 -5.78 -5.18 -9.67
N ARG A 6 -6.44 -6.34 -9.75
CA ARG A 6 -5.83 -7.67 -9.67
C ARG A 6 -5.10 -7.96 -8.35
N PRO A 7 -4.97 -9.24 -7.98
CA PRO A 7 -4.24 -9.67 -6.80
C PRO A 7 -2.80 -9.16 -6.80
N GLY A 8 -2.27 -8.92 -5.59
CA GLY A 8 -0.85 -8.64 -5.42
C GLY A 8 -0.61 -7.18 -5.08
N LYS A 9 -1.59 -6.30 -5.35
CA LYS A 9 -1.43 -4.90 -5.00
C LYS A 9 -2.17 -4.63 -3.71
N LEU A 10 -1.48 -4.00 -2.75
CA LEU A 10 -2.04 -3.73 -1.44
C LEU A 10 -2.24 -2.23 -1.24
N PHE A 11 -3.24 -1.88 -0.43
CA PHE A 11 -3.47 -0.52 0.01
C PHE A 11 -3.00 -0.42 1.45
N ILE A 12 -2.17 0.58 1.73
CA ILE A 12 -1.54 0.72 3.04
C ILE A 12 -1.94 2.07 3.64
N GLY A 13 -3.16 2.16 4.21
CA GLY A 13 -3.64 3.42 4.75
C GLY A 13 -3.36 3.55 6.25
N GLY A 14 -3.09 4.76 6.73
CA GLY A 14 -2.94 5.04 8.15
C GLY A 14 -1.47 5.15 8.55
N LEU A 15 -0.58 5.21 7.57
CA LEU A 15 0.86 5.27 7.78
C LEU A 15 1.29 6.57 8.45
N ASN A 16 2.52 6.58 8.97
CA ASN A 16 3.12 7.73 9.61
C ASN A 16 3.58 8.75 8.55
N THR A 17 3.81 9.99 8.98
CA THR A 17 4.32 11.03 8.09
C THR A 17 5.81 10.85 7.83
N GLU A 18 6.40 9.82 8.47
CA GLU A 18 7.83 9.58 8.51
C GLU A 18 8.19 8.36 7.68
N THR A 19 7.17 7.66 7.14
CA THR A 19 7.36 6.45 6.37
C THR A 19 7.70 6.80 4.92
N ASN A 20 8.55 5.99 4.32
CA ASN A 20 8.93 6.15 2.92
C ASN A 20 8.94 4.79 2.24
N GLU A 21 9.48 4.76 1.03
CA GLU A 21 9.48 3.59 0.17
C GLU A 21 10.41 2.53 0.73
N LYS A 22 11.54 2.96 1.31
CA LYS A 22 12.53 2.04 1.84
C LYS A 22 11.95 1.26 3.02
N ALA A 23 11.00 1.86 3.75
CA ALA A 23 10.51 1.25 4.98
C ALA A 23 9.34 0.35 4.63
N LEU A 24 8.74 0.62 3.47
CA LEU A 24 7.58 -0.07 2.98
C LEU A 24 8.01 -1.32 2.22
N GLU A 25 9.20 -1.27 1.62
CA GLU A 25 9.75 -2.45 0.98
C GLU A 25 10.37 -3.37 2.02
N ALA A 26 10.78 -2.76 3.15
CA ALA A 26 11.45 -3.46 4.22
C ALA A 26 10.45 -4.15 5.16
N VAL A 27 9.21 -3.68 5.15
CA VAL A 27 8.17 -4.18 6.05
C VAL A 27 7.19 -5.10 5.36
N PHE A 28 6.97 -4.88 4.06
CA PHE A 28 6.14 -5.77 3.27
C PHE A 28 6.98 -6.75 2.47
N GLY A 29 8.29 -6.55 2.42
CA GLY A 29 9.18 -7.48 1.73
C GLY A 29 9.42 -8.73 2.57
N LYS A 30 8.90 -8.72 3.80
CA LYS A 30 9.02 -9.81 4.76
C LYS A 30 8.07 -10.94 4.42
N TYR A 31 7.01 -10.59 3.69
CA TYR A 31 5.94 -11.50 3.34
C TYR A 31 6.06 -12.03 1.92
N GLY A 32 6.81 -11.34 1.04
CA GLY A 32 6.96 -11.74 -0.34
C GLY A 32 7.90 -10.83 -1.10
N ARG A 33 8.34 -11.30 -2.26
CA ARG A 33 9.21 -10.51 -3.10
C ARG A 33 8.40 -9.41 -3.74
N ILE A 34 8.76 -8.18 -3.41
CA ILE A 34 8.12 -6.99 -3.96
C ILE A 34 8.59 -6.75 -5.39
N VAL A 35 7.65 -6.35 -6.26
CA VAL A 35 7.94 -6.01 -7.65
C VAL A 35 7.83 -4.50 -7.85
N GLU A 36 7.05 -3.83 -6.99
CA GLU A 36 6.87 -2.38 -7.05
C GLU A 36 6.36 -1.88 -5.70
N VAL A 37 6.70 -0.64 -5.34
CA VAL A 37 6.16 0.00 -4.16
C VAL A 37 5.78 1.44 -4.47
N LEU A 38 4.69 1.88 -3.87
CA LEU A 38 4.21 3.25 -3.95
C LEU A 38 4.25 3.84 -2.56
N LEU A 39 4.37 5.15 -2.49
CA LEU A 39 4.26 5.87 -1.24
C LEU A 39 3.76 7.26 -1.60
N MET A 40 2.60 7.64 -1.08
CA MET A 40 1.96 8.85 -1.54
C MET A 40 2.34 10.01 -0.62
N LYS A 41 2.64 11.16 -1.22
CA LYS A 41 2.95 12.37 -0.47
C LYS A 41 2.44 13.62 -1.18
N ASP A 42 2.18 14.66 -0.38
CA ASP A 42 1.71 15.95 -0.86
C ASP A 42 2.70 16.57 -1.84
N ARG A 43 2.19 17.43 -2.74
CA ARG A 43 2.99 18.00 -3.82
C ARG A 43 3.53 19.38 -3.47
N GLU A 44 3.23 19.88 -2.26
CA GLU A 44 3.71 21.17 -1.78
C GLU A 44 4.48 21.05 -0.47
N THR A 45 4.38 19.91 0.21
CA THR A 45 5.11 19.68 1.46
C THR A 45 5.90 18.38 1.41
N ASN A 46 5.60 17.52 0.42
CA ASN A 46 6.28 16.26 0.25
C ASN A 46 6.09 15.34 1.45
N LYS A 47 5.15 15.67 2.33
CA LYS A 47 4.80 14.85 3.48
C LYS A 47 3.86 13.75 3.03
N SER A 48 4.04 12.56 3.60
CA SER A 48 3.20 11.41 3.27
C SER A 48 1.73 11.75 3.42
N ARG A 49 0.91 11.30 2.46
CA ARG A 49 -0.54 11.49 2.46
C ARG A 49 -1.17 10.65 3.56
N GLY A 50 -0.39 9.76 4.17
CA GLY A 50 -0.84 8.85 5.19
C GLY A 50 -1.27 7.51 4.59
N PHE A 51 -1.14 7.33 3.26
CA PHE A 51 -1.46 6.06 2.62
C PHE A 51 -0.45 5.75 1.52
N ALA A 52 -0.36 4.47 1.16
CA ALA A 52 0.60 4.00 0.18
C ALA A 52 0.11 2.70 -0.48
N PHE A 53 0.92 2.13 -1.38
CA PHE A 53 0.60 0.89 -2.06
C PHE A 53 1.85 0.04 -2.25
N VAL A 54 1.66 -1.25 -2.52
CA VAL A 54 2.78 -2.16 -2.77
C VAL A 54 2.32 -3.30 -3.67
N THR A 55 3.18 -3.76 -4.57
CA THR A 55 2.89 -4.89 -5.43
C THR A 55 3.82 -6.05 -5.13
N PHE A 56 3.23 -7.19 -4.80
CA PHE A 56 3.96 -8.43 -4.54
C PHE A 56 4.10 -9.29 -5.80
N GLU A 57 5.11 -10.15 -5.83
CA GLU A 57 5.29 -11.12 -6.89
C GLU A 57 4.30 -12.27 -6.76
N SER A 58 3.76 -12.52 -5.57
CA SER A 58 2.74 -13.52 -5.38
C SER A 58 1.49 -12.87 -4.80
N PRO A 59 0.30 -13.29 -5.26
CA PRO A 59 -0.95 -12.71 -4.83
C PRO A 59 -1.27 -13.17 -3.41
N ALA A 60 -0.55 -14.17 -2.89
CA ALA A 60 -0.84 -14.74 -1.59
C ALA A 60 0.24 -14.36 -0.59
N ASP A 61 1.38 -13.88 -1.08
CA ASP A 61 2.37 -13.28 -0.21
C ASP A 61 1.80 -11.93 0.25
N ALA A 62 0.96 -11.33 -0.58
CA ALA A 62 0.26 -10.10 -0.25
C ALA A 62 -0.89 -10.41 0.69
N LYS A 63 -1.53 -11.59 0.56
CA LYS A 63 -2.57 -11.99 1.48
C LYS A 63 -1.96 -12.24 2.85
N ASP A 64 -0.77 -12.82 2.89
CA ASP A 64 -0.13 -13.16 4.14
C ASP A 64 0.29 -11.90 4.89
N ALA A 65 0.66 -10.86 4.14
CA ALA A 65 0.98 -9.57 4.74
C ALA A 65 -0.32 -8.88 5.16
N ALA A 66 -1.33 -8.90 4.29
CA ALA A 66 -2.60 -8.24 4.56
C ALA A 66 -3.37 -8.97 5.67
N ARG A 67 -2.89 -10.14 6.07
CA ARG A 67 -3.43 -10.91 7.18
C ARG A 67 -2.54 -10.82 8.43
N ASP A 68 -1.48 -10.01 8.41
CA ASP A 68 -0.53 -9.95 9.52
C ASP A 68 -0.35 -8.51 9.92
N MET A 69 -0.04 -7.69 8.93
CA MET A 69 0.26 -6.27 9.06
C MET A 69 -0.99 -5.41 9.11
N ASN A 70 -2.16 -5.98 8.82
CA ASN A 70 -3.40 -5.23 8.86
C ASN A 70 -3.79 -4.98 10.32
N GLY A 71 -4.04 -3.72 10.66
CA GLY A 71 -4.43 -3.32 12.01
C GLY A 71 -3.22 -3.09 12.92
N LYS A 72 -2.01 -3.41 12.44
CA LYS A 72 -0.77 -3.16 13.14
C LYS A 72 -0.33 -1.74 12.89
N SER A 73 0.98 -1.50 13.06
CA SER A 73 1.57 -0.19 12.96
C SER A 73 2.84 -0.22 12.13
N LEU A 74 3.17 0.91 11.51
CA LEU A 74 4.31 0.97 10.61
C LEU A 74 5.51 1.58 11.31
N ASP A 75 5.40 2.87 11.60
CA ASP A 75 6.47 3.66 12.19
C ASP A 75 6.05 4.18 13.55
N GLY A 76 4.89 3.72 14.00
CA GLY A 76 4.32 4.18 15.26
C GLY A 76 2.86 4.54 15.08
N LYS A 77 2.39 4.55 13.83
CA LYS A 77 1.03 4.87 13.46
C LYS A 77 0.34 3.63 12.91
N ALA A 78 -0.87 3.37 13.40
CA ALA A 78 -1.56 2.15 13.06
C ALA A 78 -2.16 2.22 11.65
N ILE A 79 -2.01 1.13 10.89
CA ILE A 79 -2.40 1.09 9.49
C ILE A 79 -3.52 0.10 9.19
N LYS A 80 -3.93 0.13 7.93
CA LYS A 80 -4.84 -0.83 7.31
C LYS A 80 -4.11 -1.47 6.14
N VAL A 81 -4.29 -2.77 5.94
CA VAL A 81 -3.69 -3.45 4.80
C VAL A 81 -4.74 -4.33 4.15
N GLU A 82 -4.94 -4.14 2.85
CA GLU A 82 -5.99 -4.83 2.11
C GLU A 82 -5.64 -4.78 0.62
N GLN A 83 -6.24 -5.64 -0.20
CA GLN A 83 -6.06 -5.55 -1.65
C GLN A 83 -6.57 -4.18 -2.09
N ALA A 84 -5.78 -3.49 -2.92
CA ALA A 84 -6.09 -2.12 -3.32
C ALA A 84 -7.15 -2.07 -4.40
N THR A 85 -7.81 -0.90 -4.50
CA THR A 85 -8.72 -0.60 -5.59
C THR A 85 -8.17 0.58 -6.39
N LYS A 86 -8.70 0.75 -7.60
CA LYS A 86 -8.25 1.78 -8.52
C LYS A 86 -8.48 3.18 -7.94
N PRO A 87 -7.66 4.17 -8.34
CA PRO A 87 -7.76 5.53 -7.86
C PRO A 87 -9.08 6.16 -8.31
N SER A 88 -9.52 7.19 -7.59
CA SER A 88 -10.82 7.80 -7.79
C SER A 88 -10.84 8.77 -8.96
N PHE A 89 -9.67 9.13 -9.51
CA PHE A 89 -9.58 9.99 -10.68
C PHE A 89 -9.43 9.17 -11.96
N GLU A 90 -9.77 7.88 -11.89
CA GLU A 90 -9.58 6.97 -13.01
C GLU A 90 -10.71 5.96 -13.10
N SER A 91 -10.85 5.31 -14.26
CA SER A 91 -11.89 4.33 -14.49
C SER A 91 -11.44 3.34 -15.55
N GLY A 92 -11.89 2.08 -15.43
CA GLY A 92 -11.58 1.06 -16.42
C GLY A 92 -10.08 0.88 -16.57
N ARG A 93 -9.64 0.81 -17.84
CA ARG A 93 -8.25 0.59 -18.24
C ARG A 93 -7.62 -0.67 -17.68
N ARG A 94 -6.48 -1.02 -18.27
CA ARG A 94 -5.74 -2.25 -17.98
C ARG A 94 -4.24 -2.00 -18.10
N GLY A 95 -3.43 -2.88 -17.52
CA GLY A 95 -1.98 -2.77 -17.57
C GLY A 95 -1.35 -3.77 -16.61
N MET A 1 -16.94 2.09 -8.73
CA MET A 1 -15.58 1.55 -8.57
C MET A 1 -15.58 0.50 -7.45
N VAL A 2 -15.51 -0.77 -7.87
CA VAL A 2 -15.33 -1.94 -7.02
C VAL A 2 -14.16 -2.74 -7.58
N GLU A 3 -13.39 -2.07 -8.43
CA GLU A 3 -12.40 -2.72 -9.26
C GLU A 3 -11.09 -2.93 -8.54
N ALA A 4 -10.52 -4.11 -8.77
CA ALA A 4 -9.27 -4.52 -8.18
C ALA A 4 -8.27 -4.71 -9.33
N ASP A 5 -7.37 -3.73 -9.46
CA ASP A 5 -6.49 -3.62 -10.61
C ASP A 5 -5.65 -4.88 -10.85
N ARG A 6 -5.10 -5.49 -9.80
CA ARG A 6 -4.38 -6.75 -9.93
C ARG A 6 -4.14 -7.41 -8.57
N PRO A 7 -4.02 -8.74 -8.54
CA PRO A 7 -3.56 -9.46 -7.36
C PRO A 7 -2.16 -9.01 -6.96
N GLY A 8 -1.86 -9.00 -5.67
CA GLY A 8 -0.52 -8.75 -5.19
C GLY A 8 -0.34 -7.27 -4.87
N LYS A 9 -1.23 -6.42 -5.40
CA LYS A 9 -1.19 -5.02 -5.07
C LYS A 9 -1.99 -4.81 -3.79
N LEU A 10 -1.39 -4.12 -2.83
CA LEU A 10 -2.00 -3.89 -1.53
C LEU A 10 -2.18 -2.39 -1.31
N PHE A 11 -3.18 -2.04 -0.50
CA PHE A 11 -3.44 -0.69 -0.06
C PHE A 11 -2.99 -0.57 1.38
N ILE A 12 -2.17 0.44 1.68
CA ILE A 12 -1.58 0.62 2.99
C ILE A 12 -2.01 1.96 3.56
N GLY A 13 -3.21 2.06 4.14
CA GLY A 13 -3.72 3.33 4.64
C GLY A 13 -3.45 3.50 6.13
N GLY A 14 -3.22 4.73 6.58
CA GLY A 14 -3.09 5.05 8.00
C GLY A 14 -1.62 5.16 8.42
N LEU A 15 -0.72 5.14 7.44
CA LEU A 15 0.71 5.19 7.68
C LEU A 15 1.12 6.51 8.33
N ASN A 16 2.33 6.53 8.88
CA ASN A 16 2.90 7.72 9.47
C ASN A 16 3.31 8.70 8.37
N THR A 17 3.43 9.98 8.73
CA THR A 17 3.88 11.01 7.79
C THR A 17 5.38 10.90 7.55
N GLU A 18 6.02 9.95 8.26
CA GLU A 18 7.47 9.81 8.31
C GLU A 18 7.91 8.56 7.52
N THR A 19 6.92 7.76 7.06
CA THR A 19 7.19 6.53 6.34
C THR A 19 7.48 6.85 4.88
N ASN A 20 8.39 6.09 4.26
CA ASN A 20 8.68 6.23 2.85
C ASN A 20 8.75 4.85 2.20
N GLU A 21 9.22 4.84 0.97
CA GLU A 21 9.24 3.63 0.16
C GLU A 21 10.24 2.63 0.72
N LYS A 22 11.35 3.09 1.28
CA LYS A 22 12.38 2.21 1.81
C LYS A 22 11.85 1.42 3.01
N ALA A 23 10.94 2.02 3.77
CA ALA A 23 10.43 1.38 4.98
C ALA A 23 9.27 0.47 4.59
N LEU A 24 8.70 0.73 3.42
CA LEU A 24 7.52 0.07 2.90
C LEU A 24 7.94 -1.17 2.09
N GLU A 25 9.13 -1.12 1.51
CA GLU A 25 9.69 -2.29 0.85
C GLU A 25 10.33 -3.21 1.88
N ALA A 26 10.80 -2.61 2.97
CA ALA A 26 11.52 -3.31 4.02
C ALA A 26 10.57 -4.02 4.96
N VAL A 27 9.32 -3.55 5.03
CA VAL A 27 8.34 -4.08 5.96
C VAL A 27 7.38 -5.07 5.30
N PHE A 28 6.99 -4.78 4.05
CA PHE A 28 6.14 -5.69 3.31
C PHE A 28 6.98 -6.70 2.53
N GLY A 29 8.30 -6.49 2.47
CA GLY A 29 9.19 -7.45 1.85
C GLY A 29 9.40 -8.67 2.74
N LYS A 30 8.83 -8.60 3.95
CA LYS A 30 8.91 -9.64 4.97
C LYS A 30 7.94 -10.77 4.68
N TYR A 31 6.99 -10.51 3.78
CA TYR A 31 5.95 -11.46 3.43
C TYR A 31 6.10 -12.02 2.01
N GLY A 32 6.87 -11.33 1.15
CA GLY A 32 7.08 -11.77 -0.21
C GLY A 32 8.04 -10.87 -0.94
N ARG A 33 8.57 -11.36 -2.07
CA ARG A 33 9.45 -10.54 -2.86
C ARG A 33 8.60 -9.52 -3.60
N ILE A 34 8.98 -8.26 -3.40
CA ILE A 34 8.29 -7.11 -3.96
C ILE A 34 8.74 -6.88 -5.40
N VAL A 35 7.81 -6.42 -6.24
CA VAL A 35 8.07 -6.10 -7.63
C VAL A 35 7.90 -4.61 -7.87
N GLU A 36 7.14 -3.93 -7.01
CA GLU A 36 6.95 -2.50 -7.07
C GLU A 36 6.42 -1.99 -5.72
N VAL A 37 6.73 -0.75 -5.37
CA VAL A 37 6.15 -0.10 -4.20
C VAL A 37 5.76 1.33 -4.54
N LEU A 38 4.69 1.80 -3.90
CA LEU A 38 4.20 3.16 -4.02
C LEU A 38 4.18 3.78 -2.65
N LEU A 39 4.24 5.11 -2.62
CA LEU A 39 4.09 5.85 -1.40
C LEU A 39 3.61 7.24 -1.80
N MET A 40 2.44 7.64 -1.28
CA MET A 40 1.84 8.89 -1.71
C MET A 40 2.33 10.02 -0.82
N LYS A 41 2.65 11.17 -1.40
CA LYS A 41 3.01 12.34 -0.62
C LYS A 41 2.65 13.64 -1.33
N ASP A 42 2.47 14.68 -0.53
CA ASP A 42 2.16 16.04 -0.98
C ASP A 42 3.27 16.60 -1.86
N ARG A 43 2.93 17.61 -2.67
CA ARG A 43 3.88 18.21 -3.61
C ARG A 43 4.49 19.50 -3.05
N GLU A 44 3.97 20.00 -1.92
CA GLU A 44 4.45 21.23 -1.31
C GLU A 44 5.11 20.98 0.04
N THR A 45 4.94 19.76 0.60
CA THR A 45 5.59 19.38 1.84
C THR A 45 6.34 18.08 1.70
N ASN A 46 6.07 17.34 0.61
CA ASN A 46 6.71 16.06 0.38
C ASN A 46 6.41 15.06 1.52
N LYS A 47 5.44 15.39 2.38
CA LYS A 47 5.01 14.50 3.45
C LYS A 47 4.01 13.50 2.93
N SER A 48 4.10 12.28 3.45
CA SER A 48 3.21 11.20 3.06
C SER A 48 1.75 11.58 3.24
N ARG A 49 0.91 11.17 2.28
CA ARG A 49 -0.52 11.44 2.32
C ARG A 49 -1.23 10.51 3.30
N GLY A 50 -0.44 9.67 3.99
CA GLY A 50 -0.94 8.75 5.00
C GLY A 50 -1.37 7.42 4.41
N PHE A 51 -1.24 7.22 3.10
CA PHE A 51 -1.54 5.93 2.49
C PHE A 51 -0.54 5.62 1.38
N ALA A 52 -0.41 4.33 1.05
CA ALA A 52 0.56 3.87 0.08
C ALA A 52 0.09 2.57 -0.57
N PHE A 53 0.90 2.01 -1.48
CA PHE A 53 0.59 0.76 -2.15
C PHE A 53 1.85 -0.08 -2.30
N VAL A 54 1.69 -1.37 -2.55
CA VAL A 54 2.83 -2.27 -2.75
C VAL A 54 2.40 -3.43 -3.63
N THR A 55 3.26 -3.84 -4.56
CA THR A 55 2.97 -4.97 -5.43
C THR A 55 3.90 -6.13 -5.11
N PHE A 56 3.31 -7.26 -4.76
CA PHE A 56 4.01 -8.51 -4.51
C PHE A 56 4.08 -9.34 -5.79
N GLU A 57 5.09 -10.21 -5.88
CA GLU A 57 5.20 -11.12 -7.02
C GLU A 57 4.22 -12.28 -6.86
N SER A 58 3.81 -12.58 -5.62
CA SER A 58 2.81 -13.60 -5.40
C SER A 58 1.56 -12.96 -4.84
N PRO A 59 0.39 -13.35 -5.34
CA PRO A 59 -0.88 -12.78 -4.92
C PRO A 59 -1.29 -13.35 -3.57
N ALA A 60 -0.47 -14.23 -2.98
CA ALA A 60 -0.74 -14.80 -1.67
C ALA A 60 0.35 -14.43 -0.67
N ASP A 61 1.48 -13.93 -1.15
CA ASP A 61 2.47 -13.35 -0.25
C ASP A 61 1.92 -12.02 0.24
N ALA A 62 1.09 -11.38 -0.60
CA ALA A 62 0.40 -10.17 -0.25
C ALA A 62 -0.77 -10.47 0.70
N LYS A 63 -1.37 -11.65 0.56
CA LYS A 63 -2.44 -12.05 1.47
C LYS A 63 -1.87 -12.34 2.83
N ASP A 64 -0.68 -12.93 2.88
CA ASP A 64 -0.05 -13.26 4.14
C ASP A 64 0.36 -12.00 4.88
N ALA A 65 0.69 -10.94 4.13
CA ALA A 65 0.97 -9.64 4.72
C ALA A 65 -0.33 -8.98 5.14
N ALA A 66 -1.35 -9.02 4.28
CA ALA A 66 -2.61 -8.36 4.54
C ALA A 66 -3.40 -9.07 5.63
N ARG A 67 -2.96 -10.28 6.01
CA ARG A 67 -3.50 -11.03 7.13
C ARG A 67 -2.65 -10.90 8.40
N ASP A 68 -1.61 -10.06 8.39
CA ASP A 68 -0.69 -9.97 9.51
C ASP A 68 -0.55 -8.51 9.92
N MET A 69 -0.25 -7.70 8.91
CA MET A 69 0.02 -6.30 9.03
C MET A 69 -1.25 -5.45 9.07
N ASN A 70 -2.41 -6.03 8.75
CA ASN A 70 -3.65 -5.29 8.78
C ASN A 70 -4.06 -5.02 10.23
N GLY A 71 -4.05 -3.75 10.63
CA GLY A 71 -4.42 -3.34 11.97
C GLY A 71 -3.20 -3.10 12.86
N LYS A 72 -2.01 -3.38 12.34
CA LYS A 72 -0.75 -3.10 12.99
C LYS A 72 -0.37 -1.65 12.76
N SER A 73 0.91 -1.36 12.82
CA SER A 73 1.43 0.00 12.75
C SER A 73 2.68 0.10 11.91
N LEU A 74 2.95 1.33 11.46
CA LEU A 74 4.12 1.65 10.69
C LEU A 74 4.72 2.93 11.24
N ASP A 75 6.02 2.88 11.55
CA ASP A 75 6.76 3.98 12.11
C ASP A 75 6.22 4.49 13.45
N GLY A 76 4.97 4.18 13.76
CA GLY A 76 4.37 4.60 15.00
C GLY A 76 2.86 4.80 14.90
N LYS A 77 2.29 4.71 13.68
CA LYS A 77 0.90 5.01 13.43
C LYS A 77 0.19 3.77 12.91
N ALA A 78 -1.00 3.49 13.45
CA ALA A 78 -1.74 2.27 13.11
C ALA A 78 -2.30 2.35 11.70
N ILE A 79 -2.20 1.25 10.96
CA ILE A 79 -2.56 1.18 9.56
C ILE A 79 -3.69 0.19 9.25
N LYS A 80 -4.05 0.17 7.97
CA LYS A 80 -4.94 -0.79 7.34
C LYS A 80 -4.16 -1.45 6.20
N VAL A 81 -4.38 -2.74 5.97
CA VAL A 81 -3.79 -3.43 4.84
C VAL A 81 -4.87 -4.26 4.16
N GLU A 82 -4.97 -4.12 2.83
CA GLU A 82 -6.04 -4.74 2.08
C GLU A 82 -5.61 -4.85 0.61
N GLN A 83 -6.30 -5.66 -0.19
CA GLN A 83 -6.04 -5.71 -1.61
C GLN A 83 -6.46 -4.36 -2.21
N ALA A 84 -5.59 -3.76 -3.02
CA ALA A 84 -5.80 -2.39 -3.47
C ALA A 84 -6.84 -2.28 -4.58
N THR A 85 -7.55 -1.15 -4.59
CA THR A 85 -8.49 -0.83 -5.65
C THR A 85 -8.03 0.41 -6.39
N LYS A 86 -8.69 0.70 -7.52
CA LYS A 86 -8.35 1.82 -8.38
C LYS A 86 -8.60 3.15 -7.66
N PRO A 87 -7.88 4.22 -8.06
CA PRO A 87 -7.99 5.53 -7.45
C PRO A 87 -9.38 6.12 -7.68
N SER A 88 -9.70 7.23 -6.99
CA SER A 88 -11.05 7.77 -6.99
C SER A 88 -11.23 9.07 -7.76
N PHE A 89 -10.20 9.58 -8.44
CA PHE A 89 -10.35 10.76 -9.31
C PHE A 89 -11.31 10.44 -10.47
N GLU A 90 -11.80 9.21 -10.49
CA GLU A 90 -12.58 8.63 -11.56
C GLU A 90 -13.94 8.14 -11.08
N SER A 91 -14.25 8.30 -9.79
CA SER A 91 -15.49 7.73 -9.29
C SER A 91 -15.90 8.22 -7.90
N GLY A 92 -15.08 9.05 -7.24
CA GLY A 92 -15.43 9.57 -5.92
C GLY A 92 -14.69 10.86 -5.56
N ARG A 93 -13.92 11.44 -6.48
CA ARG A 93 -13.16 12.66 -6.28
C ARG A 93 -13.04 13.41 -7.59
N ARG A 94 -13.00 14.74 -7.54
CA ARG A 94 -12.93 15.61 -8.71
C ARG A 94 -14.02 15.26 -9.74
N GLY A 95 -15.17 14.81 -9.25
CA GLY A 95 -16.31 14.44 -10.10
C GLY A 95 -16.92 15.67 -10.78
N MET A 1 -14.58 3.02 -11.39
CA MET A 1 -14.40 3.26 -9.95
C MET A 1 -14.86 2.05 -9.13
N VAL A 2 -14.45 2.01 -7.86
CA VAL A 2 -14.60 0.84 -7.00
C VAL A 2 -14.10 -0.38 -7.75
N GLU A 3 -12.97 -0.20 -8.44
CA GLU A 3 -12.46 -1.24 -9.28
C GLU A 3 -11.32 -1.95 -8.54
N ALA A 4 -11.36 -3.28 -8.53
CA ALA A 4 -10.36 -4.07 -7.84
C ALA A 4 -9.42 -4.68 -8.88
N ASP A 5 -8.24 -4.08 -9.00
CA ASP A 5 -7.20 -4.50 -9.93
C ASP A 5 -6.65 -5.88 -9.52
N ARG A 6 -5.80 -6.45 -10.38
CA ARG A 6 -5.27 -7.80 -10.19
C ARG A 6 -4.64 -8.00 -8.81
N PRO A 7 -4.63 -9.25 -8.31
CA PRO A 7 -4.01 -9.64 -7.05
C PRO A 7 -2.56 -9.16 -6.93
N GLY A 8 -2.08 -9.00 -5.69
CA GLY A 8 -0.70 -8.71 -5.43
C GLY A 8 -0.50 -7.24 -5.09
N LYS A 9 -1.49 -6.39 -5.40
CA LYS A 9 -1.36 -4.98 -5.07
C LYS A 9 -2.10 -4.70 -3.77
N LEU A 10 -1.43 -4.07 -2.83
CA LEU A 10 -2.00 -3.79 -1.53
C LEU A 10 -2.17 -2.29 -1.35
N PHE A 11 -3.13 -1.91 -0.51
CA PHE A 11 -3.36 -0.54 -0.09
C PHE A 11 -2.92 -0.44 1.37
N ILE A 12 -2.09 0.55 1.66
CA ILE A 12 -1.49 0.70 2.99
C ILE A 12 -1.88 2.06 3.57
N GLY A 13 -3.09 2.16 4.12
CA GLY A 13 -3.58 3.46 4.62
C GLY A 13 -3.31 3.63 6.11
N GLY A 14 -3.00 4.86 6.54
CA GLY A 14 -2.86 5.18 7.96
C GLY A 14 -1.39 5.27 8.37
N LEU A 15 -0.49 5.26 7.38
CA LEU A 15 0.94 5.27 7.62
C LEU A 15 1.41 6.59 8.24
N ASN A 16 2.61 6.55 8.83
CA ASN A 16 3.25 7.72 9.41
C ASN A 16 3.82 8.63 8.32
N THR A 17 3.96 9.92 8.62
CA THR A 17 4.59 10.89 7.73
C THR A 17 6.09 10.60 7.61
N GLU A 18 6.58 9.71 8.46
CA GLU A 18 7.99 9.38 8.59
C GLU A 18 8.32 8.13 7.80
N THR A 19 7.29 7.42 7.34
CA THR A 19 7.42 6.22 6.54
C THR A 19 7.67 6.61 5.09
N ASN A 20 8.50 5.82 4.39
CA ASN A 20 8.78 6.04 2.99
C ASN A 20 8.80 4.70 2.26
N GLU A 21 9.33 4.72 1.05
CA GLU A 21 9.31 3.58 0.15
C GLU A 21 10.24 2.49 0.64
N LYS A 22 11.41 2.88 1.16
CA LYS A 22 12.41 1.93 1.63
C LYS A 22 11.92 1.18 2.88
N ALA A 23 11.03 1.81 3.65
CA ALA A 23 10.59 1.23 4.90
C ALA A 23 9.41 0.30 4.59
N LEU A 24 8.80 0.54 3.43
CA LEU A 24 7.63 -0.16 2.98
C LEU A 24 8.05 -1.39 2.18
N GLU A 25 9.22 -1.33 1.54
CA GLU A 25 9.77 -2.51 0.89
C GLU A 25 10.40 -3.41 1.94
N ALA A 26 10.84 -2.80 3.03
CA ALA A 26 11.55 -3.48 4.10
C ALA A 26 10.58 -4.17 5.05
N VAL A 27 9.33 -3.71 5.09
CA VAL A 27 8.34 -4.22 6.02
C VAL A 27 7.35 -5.17 5.34
N PHE A 28 7.00 -4.88 4.09
CA PHE A 28 6.15 -5.78 3.34
C PHE A 28 6.97 -6.80 2.56
N GLY A 29 8.29 -6.59 2.49
CA GLY A 29 9.16 -7.55 1.84
C GLY A 29 9.38 -8.77 2.75
N LYS A 30 8.79 -8.72 3.95
CA LYS A 30 8.89 -9.76 4.95
C LYS A 30 7.90 -10.88 4.68
N TYR A 31 6.96 -10.63 3.76
CA TYR A 31 5.91 -11.55 3.41
C TYR A 31 6.06 -12.10 2.00
N GLY A 32 6.81 -11.41 1.14
CA GLY A 32 7.02 -11.82 -0.24
C GLY A 32 7.98 -10.90 -0.95
N ARG A 33 8.53 -11.38 -2.07
CA ARG A 33 9.42 -10.53 -2.82
C ARG A 33 8.57 -9.50 -3.54
N ILE A 34 8.93 -8.24 -3.30
CA ILE A 34 8.25 -7.09 -3.85
C ILE A 34 8.74 -6.82 -5.27
N VAL A 35 7.81 -6.39 -6.14
CA VAL A 35 8.10 -6.06 -7.53
C VAL A 35 7.91 -4.57 -7.78
N GLU A 36 7.14 -3.90 -6.90
CA GLU A 36 6.91 -2.47 -6.99
C GLU A 36 6.42 -1.95 -5.63
N VAL A 37 6.75 -0.70 -5.29
CA VAL A 37 6.21 -0.06 -4.11
C VAL A 37 5.85 1.38 -4.43
N LEU A 38 4.75 1.82 -3.81
CA LEU A 38 4.28 3.20 -3.88
C LEU A 38 4.28 3.76 -2.47
N LEU A 39 4.36 5.08 -2.40
CA LEU A 39 4.18 5.80 -1.15
C LEU A 39 3.73 7.19 -1.56
N MET A 40 2.54 7.58 -1.12
CA MET A 40 1.94 8.79 -1.64
C MET A 40 2.30 9.98 -0.75
N LYS A 41 2.53 11.15 -1.33
CA LYS A 41 2.84 12.33 -0.55
C LYS A 41 2.18 13.60 -1.10
N ASP A 42 2.03 14.59 -0.20
CA ASP A 42 1.48 15.89 -0.54
C ASP A 42 2.38 16.58 -1.57
N ARG A 43 1.76 17.30 -2.53
CA ARG A 43 2.49 17.95 -3.61
C ARG A 43 3.06 19.31 -3.21
N GLU A 44 2.75 19.77 -2.00
CA GLU A 44 3.21 21.07 -1.50
C GLU A 44 4.09 20.94 -0.25
N THR A 45 4.11 19.77 0.38
CA THR A 45 4.91 19.58 1.60
C THR A 45 5.78 18.34 1.48
N ASN A 46 5.47 17.47 0.52
CA ASN A 46 6.28 16.29 0.24
C ASN A 46 6.45 15.38 1.45
N LYS A 47 5.53 15.50 2.43
CA LYS A 47 5.45 14.66 3.62
C LYS A 47 5.02 13.26 3.22
N SER A 48 3.79 12.91 3.61
CA SER A 48 3.11 11.71 3.15
C SER A 48 1.61 11.99 3.16
N ARG A 49 0.87 11.40 2.22
CA ARG A 49 -0.58 11.46 2.21
C ARG A 49 -1.11 10.58 3.33
N GLY A 50 -0.23 9.78 3.93
CA GLY A 50 -0.59 8.84 4.98
C GLY A 50 -1.07 7.51 4.41
N PHE A 51 -1.04 7.32 3.09
CA PHE A 51 -1.39 6.04 2.49
C PHE A 51 -0.39 5.69 1.39
N ALA A 52 -0.34 4.40 1.04
CA ALA A 52 0.64 3.90 0.09
C ALA A 52 0.13 2.62 -0.58
N PHE A 53 0.96 2.04 -1.46
CA PHE A 53 0.62 0.80 -2.14
C PHE A 53 1.87 -0.05 -2.30
N VAL A 54 1.70 -1.35 -2.57
CA VAL A 54 2.82 -2.26 -2.80
C VAL A 54 2.37 -3.40 -3.68
N THR A 55 3.24 -3.84 -4.59
CA THR A 55 2.98 -4.97 -5.46
C THR A 55 3.90 -6.12 -5.10
N PHE A 56 3.29 -7.26 -4.77
CA PHE A 56 3.99 -8.52 -4.52
C PHE A 56 4.08 -9.35 -5.79
N GLU A 57 5.06 -10.24 -5.85
CA GLU A 57 5.19 -11.16 -6.96
C GLU A 57 4.22 -12.33 -6.81
N SER A 58 3.79 -12.61 -5.56
CA SER A 58 2.79 -13.64 -5.34
C SER A 58 1.53 -12.98 -4.78
N PRO A 59 0.36 -13.38 -5.27
CA PRO A 59 -0.90 -12.79 -4.85
C PRO A 59 -1.28 -13.27 -3.45
N ALA A 60 -0.52 -14.23 -2.89
CA ALA A 60 -0.82 -14.78 -1.59
C ALA A 60 0.27 -14.40 -0.58
N ASP A 61 1.42 -13.93 -1.08
CA ASP A 61 2.41 -13.33 -0.20
C ASP A 61 1.86 -11.98 0.25
N ALA A 62 1.01 -11.38 -0.59
CA ALA A 62 0.31 -10.15 -0.27
C ALA A 62 -0.87 -10.43 0.66
N LYS A 63 -1.49 -11.61 0.55
CA LYS A 63 -2.56 -12.01 1.45
C LYS A 63 -1.97 -12.26 2.82
N ASP A 64 -0.78 -12.84 2.88
CA ASP A 64 -0.15 -13.19 4.16
C ASP A 64 0.25 -11.92 4.88
N ALA A 65 0.64 -10.88 4.13
CA ALA A 65 0.93 -9.58 4.71
C ALA A 65 -0.37 -8.88 5.10
N ALA A 66 -1.37 -8.91 4.22
CA ALA A 66 -2.63 -8.24 4.47
C ALA A 66 -3.43 -8.95 5.57
N ARG A 67 -2.96 -10.13 6.00
CA ARG A 67 -3.52 -10.88 7.11
C ARG A 67 -2.66 -10.78 8.37
N ASP A 68 -1.60 -9.97 8.36
CA ASP A 68 -0.68 -9.88 9.47
C ASP A 68 -0.50 -8.43 9.87
N MET A 69 -0.17 -7.64 8.86
CA MET A 69 0.14 -6.23 8.97
C MET A 69 -1.11 -5.36 8.98
N ASN A 70 -2.28 -5.95 8.70
CA ASN A 70 -3.52 -5.19 8.72
C ASN A 70 -3.91 -4.92 10.17
N GLY A 71 -4.14 -3.64 10.51
CA GLY A 71 -4.55 -3.24 11.83
C GLY A 71 -3.35 -2.98 12.75
N LYS A 72 -2.14 -3.31 12.30
CA LYS A 72 -0.90 -3.03 12.98
C LYS A 72 -0.50 -1.58 12.76
N SER A 73 0.80 -1.31 12.85
CA SER A 73 1.33 0.03 12.78
C SER A 73 2.62 0.08 11.97
N LEU A 74 2.93 1.30 11.50
CA LEU A 74 4.13 1.57 10.76
C LEU A 74 4.77 2.81 11.33
N ASP A 75 6.04 2.70 11.69
CA ASP A 75 6.81 3.78 12.29
C ASP A 75 6.27 4.29 13.61
N GLY A 76 4.99 4.05 13.87
CA GLY A 76 4.37 4.49 15.09
C GLY A 76 2.87 4.77 14.93
N LYS A 77 2.35 4.70 13.69
CA LYS A 77 0.98 5.05 13.38
C LYS A 77 0.23 3.83 12.85
N ALA A 78 -0.98 3.59 13.37
CA ALA A 78 -1.74 2.40 13.04
C ALA A 78 -2.27 2.46 11.60
N ILE A 79 -2.19 1.33 10.89
CA ILE A 79 -2.54 1.27 9.48
C ILE A 79 -3.67 0.29 9.16
N LYS A 80 -3.99 0.26 7.87
CA LYS A 80 -4.88 -0.69 7.23
C LYS A 80 -4.10 -1.35 6.11
N VAL A 81 -4.32 -2.66 5.89
CA VAL A 81 -3.73 -3.35 4.75
C VAL A 81 -4.81 -4.18 4.08
N GLU A 82 -4.94 -4.03 2.76
CA GLU A 82 -6.01 -4.68 2.00
C GLU A 82 -5.60 -4.74 0.53
N GLN A 83 -6.25 -5.59 -0.27
CA GLN A 83 -6.04 -5.57 -1.70
C GLN A 83 -6.52 -4.21 -2.21
N ALA A 84 -5.72 -3.58 -3.07
CA ALA A 84 -5.98 -2.22 -3.50
C ALA A 84 -7.08 -2.12 -4.54
N THR A 85 -7.67 -0.93 -4.65
CA THR A 85 -8.58 -0.59 -5.73
C THR A 85 -7.99 0.57 -6.52
N LYS A 86 -8.47 0.74 -7.75
CA LYS A 86 -8.01 1.81 -8.63
C LYS A 86 -8.35 3.17 -8.01
N PRO A 87 -7.59 4.21 -8.37
CA PRO A 87 -7.77 5.54 -7.80
C PRO A 87 -9.15 6.09 -8.15
N SER A 88 -9.71 6.86 -7.22
CA SER A 88 -11.05 7.41 -7.34
C SER A 88 -11.02 8.83 -7.94
N PHE A 89 -9.84 9.28 -8.39
CA PHE A 89 -9.69 10.61 -8.96
C PHE A 89 -10.14 10.66 -10.43
N GLU A 90 -10.75 9.58 -10.91
CA GLU A 90 -11.28 9.49 -12.27
C GLU A 90 -12.66 10.14 -12.35
N SER A 91 -13.16 10.24 -13.59
CA SER A 91 -14.41 10.91 -13.89
C SER A 91 -15.63 10.01 -13.67
N GLY A 92 -15.42 8.85 -13.04
CA GLY A 92 -16.50 7.92 -12.71
C GLY A 92 -16.93 7.08 -13.92
N ARG A 93 -16.23 7.23 -15.05
CA ARG A 93 -16.51 6.55 -16.32
C ARG A 93 -17.87 6.90 -16.92
N ARG A 94 -18.79 7.44 -16.13
CA ARG A 94 -20.13 7.78 -16.60
C ARG A 94 -20.73 8.92 -15.76
N GLY A 95 -21.79 9.53 -16.28
CA GLY A 95 -22.47 10.63 -15.60
C GLY A 95 -23.63 11.16 -16.45
N MET A 1 -19.86 -0.26 -7.52
CA MET A 1 -18.51 -0.26 -8.12
C MET A 1 -17.46 -0.70 -7.11
N VAL A 2 -16.92 -1.90 -7.34
CA VAL A 2 -15.77 -2.42 -6.64
C VAL A 2 -14.85 -3.02 -7.69
N GLU A 3 -13.62 -2.51 -7.75
CA GLU A 3 -12.63 -2.94 -8.72
C GLU A 3 -11.27 -3.13 -8.08
N ALA A 4 -10.68 -4.32 -8.26
CA ALA A 4 -9.37 -4.68 -7.78
C ALA A 4 -8.48 -4.87 -9.00
N ASP A 5 -7.59 -3.91 -9.25
CA ASP A 5 -6.81 -3.84 -10.47
C ASP A 5 -5.99 -5.09 -10.75
N ARG A 6 -5.30 -5.64 -9.75
CA ARG A 6 -4.53 -6.85 -9.92
C ARG A 6 -4.21 -7.47 -8.56
N PRO A 7 -4.25 -8.80 -8.44
CA PRO A 7 -3.84 -9.49 -7.23
C PRO A 7 -2.42 -9.11 -6.85
N GLY A 8 -2.14 -8.95 -5.56
CA GLY A 8 -0.80 -8.70 -5.09
C GLY A 8 -0.56 -7.22 -4.89
N LYS A 9 -1.49 -6.35 -5.34
CA LYS A 9 -1.35 -4.94 -5.06
C LYS A 9 -2.10 -4.64 -3.78
N LEU A 10 -1.41 -4.04 -2.83
CA LEU A 10 -1.98 -3.77 -1.53
C LEU A 10 -2.18 -2.27 -1.35
N PHE A 11 -3.18 -1.91 -0.55
CA PHE A 11 -3.44 -0.56 -0.11
C PHE A 11 -2.99 -0.46 1.34
N ILE A 12 -2.18 0.55 1.64
CA ILE A 12 -1.56 0.68 2.95
C ILE A 12 -2.00 1.99 3.59
N GLY A 13 -3.21 2.04 4.15
CA GLY A 13 -3.74 3.30 4.68
C GLY A 13 -3.48 3.45 6.18
N GLY A 14 -3.19 4.67 6.63
CA GLY A 14 -3.04 5.00 8.04
C GLY A 14 -1.58 5.12 8.45
N LEU A 15 -0.67 5.05 7.47
CA LEU A 15 0.77 5.10 7.71
C LEU A 15 1.18 6.40 8.39
N ASN A 16 2.38 6.39 8.97
CA ASN A 16 2.97 7.56 9.57
C ASN A 16 3.39 8.56 8.49
N THR A 17 3.56 9.82 8.88
CA THR A 17 4.00 10.88 7.97
C THR A 17 5.50 10.79 7.72
N GLU A 18 6.15 9.82 8.38
CA GLU A 18 7.59 9.69 8.42
C GLU A 18 8.06 8.48 7.60
N THR A 19 7.11 7.69 7.11
CA THR A 19 7.39 6.48 6.35
C THR A 19 7.65 6.84 4.89
N ASN A 20 8.55 6.09 4.25
CA ASN A 20 8.81 6.23 2.83
C ASN A 20 8.83 4.86 2.17
N GLU A 21 9.27 4.83 0.92
CA GLU A 21 9.23 3.62 0.11
C GLU A 21 10.21 2.59 0.65
N LYS A 22 11.37 3.04 1.17
CA LYS A 22 12.40 2.12 1.62
C LYS A 22 11.94 1.35 2.87
N ALA A 23 11.05 1.95 3.66
CA ALA A 23 10.55 1.33 4.88
C ALA A 23 9.38 0.43 4.51
N LEU A 24 8.76 0.71 3.36
CA LEU A 24 7.59 0.05 2.86
C LEU A 24 8.00 -1.18 2.07
N GLU A 25 9.22 -1.15 1.51
CA GLU A 25 9.78 -2.31 0.85
C GLU A 25 10.37 -3.26 1.89
N ALA A 26 10.87 -2.67 2.98
CA ALA A 26 11.58 -3.39 4.02
C ALA A 26 10.62 -4.09 4.97
N VAL A 27 9.36 -3.62 5.01
CA VAL A 27 8.38 -4.12 5.93
C VAL A 27 7.38 -5.06 5.27
N PHE A 28 7.06 -4.78 4.00
CA PHE A 28 6.20 -5.68 3.25
C PHE A 28 7.01 -6.71 2.47
N GLY A 29 8.33 -6.52 2.40
CA GLY A 29 9.20 -7.49 1.74
C GLY A 29 9.42 -8.70 2.65
N LYS A 30 8.85 -8.64 3.86
CA LYS A 30 8.95 -9.67 4.88
C LYS A 30 7.96 -10.79 4.62
N TYR A 31 7.00 -10.53 3.73
CA TYR A 31 5.94 -11.45 3.41
C TYR A 31 6.05 -12.02 1.99
N GLY A 32 6.81 -11.35 1.10
CA GLY A 32 6.96 -11.80 -0.27
C GLY A 32 7.91 -10.93 -1.06
N ARG A 33 8.32 -11.42 -2.22
CA ARG A 33 9.19 -10.68 -3.10
C ARG A 33 8.38 -9.56 -3.74
N ILE A 34 8.79 -8.33 -3.45
CA ILE A 34 8.18 -7.14 -4.00
C ILE A 34 8.58 -6.95 -5.46
N VAL A 35 7.65 -6.45 -6.27
CA VAL A 35 7.89 -6.12 -7.67
C VAL A 35 7.68 -4.62 -7.91
N GLU A 36 6.97 -3.95 -6.99
CA GLU A 36 6.74 -2.52 -7.06
C GLU A 36 6.34 -1.99 -5.68
N VAL A 37 6.72 -0.76 -5.36
CA VAL A 37 6.23 -0.08 -4.16
C VAL A 37 5.88 1.35 -4.49
N LEU A 38 4.79 1.82 -3.89
CA LEU A 38 4.33 3.19 -3.99
C LEU A 38 4.29 3.80 -2.60
N LEU A 39 4.38 5.12 -2.54
CA LEU A 39 4.21 5.84 -1.30
C LEU A 39 3.69 7.21 -1.69
N MET A 40 2.52 7.56 -1.19
CA MET A 40 1.88 8.79 -1.64
C MET A 40 2.23 9.92 -0.71
N LYS A 41 2.55 11.09 -1.26
CA LYS A 41 2.90 12.26 -0.47
C LYS A 41 2.45 13.55 -1.15
N ASP A 42 2.19 14.57 -0.34
CA ASP A 42 1.76 15.89 -0.79
C ASP A 42 2.83 16.56 -1.64
N ARG A 43 2.41 17.45 -2.54
CA ARG A 43 3.34 18.17 -3.42
C ARG A 43 3.77 19.52 -2.83
N GLU A 44 3.14 19.92 -1.71
CA GLU A 44 3.45 21.17 -1.03
C GLU A 44 4.27 20.95 0.24
N THR A 45 4.35 19.71 0.72
CA THR A 45 5.12 19.38 1.92
C THR A 45 5.98 18.15 1.71
N ASN A 46 5.71 17.37 0.66
CA ASN A 46 6.45 16.15 0.40
C ASN A 46 6.24 15.12 1.51
N LYS A 47 5.27 15.38 2.40
CA LYS A 47 4.92 14.48 3.49
C LYS A 47 3.90 13.46 3.01
N SER A 48 4.00 12.25 3.54
CA SER A 48 3.11 11.15 3.19
C SER A 48 1.65 11.56 3.35
N ARG A 49 0.82 11.13 2.40
CA ARG A 49 -0.62 11.35 2.39
C ARG A 49 -1.28 10.50 3.46
N GLY A 50 -0.51 9.60 4.06
CA GLY A 50 -0.98 8.64 5.05
C GLY A 50 -1.41 7.34 4.40
N PHE A 51 -1.33 7.22 3.06
CA PHE A 51 -1.63 5.98 2.39
C PHE A 51 -0.59 5.67 1.32
N ALA A 52 -0.45 4.39 0.97
CA ALA A 52 0.55 3.94 0.01
C ALA A 52 0.11 2.62 -0.63
N PHE A 53 0.95 2.07 -1.50
CA PHE A 53 0.65 0.83 -2.20
C PHE A 53 1.91 -0.03 -2.35
N VAL A 54 1.73 -1.32 -2.63
CA VAL A 54 2.84 -2.23 -2.87
C VAL A 54 2.36 -3.41 -3.70
N THR A 55 3.19 -3.86 -4.64
CA THR A 55 2.87 -5.03 -5.45
C THR A 55 3.81 -6.18 -5.11
N PHE A 56 3.21 -7.33 -4.77
CA PHE A 56 3.94 -8.56 -4.50
C PHE A 56 4.04 -9.44 -5.74
N GLU A 57 5.05 -10.32 -5.78
CA GLU A 57 5.19 -11.29 -6.84
C GLU A 57 4.16 -12.40 -6.72
N SER A 58 3.60 -12.62 -5.52
CA SER A 58 2.53 -13.58 -5.35
C SER A 58 1.30 -12.90 -4.76
N PRO A 59 0.10 -13.27 -5.22
CA PRO A 59 -1.13 -12.67 -4.76
C PRO A 59 -1.48 -13.19 -3.37
N ALA A 60 -0.68 -14.12 -2.84
CA ALA A 60 -0.93 -14.71 -1.53
C ALA A 60 0.18 -14.35 -0.56
N ASP A 61 1.33 -13.88 -1.05
CA ASP A 61 2.34 -13.31 -0.17
C ASP A 61 1.81 -11.96 0.30
N ALA A 62 0.98 -11.33 -0.53
CA ALA A 62 0.31 -10.10 -0.18
C ALA A 62 -0.84 -10.36 0.78
N LYS A 63 -1.45 -11.55 0.71
CA LYS A 63 -2.50 -11.92 1.65
C LYS A 63 -1.88 -12.17 3.01
N ASP A 64 -0.69 -12.76 3.04
CA ASP A 64 -0.02 -13.07 4.29
C ASP A 64 0.42 -11.79 4.98
N ALA A 65 0.72 -10.77 4.19
CA ALA A 65 1.02 -9.45 4.73
C ALA A 65 -0.28 -8.77 5.16
N ALA A 66 -1.31 -8.81 4.31
CA ALA A 66 -2.57 -8.15 4.57
C ALA A 66 -3.32 -8.85 5.72
N ARG A 67 -2.84 -10.01 6.14
CA ARG A 67 -3.34 -10.75 7.29
C ARG A 67 -2.47 -10.58 8.53
N ASP A 68 -1.46 -9.70 8.48
CA ASP A 68 -0.52 -9.53 9.57
C ASP A 68 -0.39 -8.05 9.89
N MET A 69 -0.07 -7.31 8.83
CA MET A 69 0.18 -5.90 8.83
C MET A 69 -1.11 -5.09 8.88
N ASN A 70 -2.26 -5.74 8.71
CA ASN A 70 -3.55 -5.06 8.80
C ASN A 70 -3.92 -4.93 10.28
N GLY A 71 -4.03 -3.68 10.75
CA GLY A 71 -4.39 -3.39 12.14
C GLY A 71 -3.17 -3.10 13.01
N LYS A 72 -1.95 -3.25 12.48
CA LYS A 72 -0.73 -2.94 13.20
C LYS A 72 -0.08 -1.66 12.70
N SER A 73 1.01 -1.25 13.34
CA SER A 73 1.61 0.05 13.11
C SER A 73 2.79 0.03 12.15
N LEU A 74 3.01 1.20 11.56
CA LEU A 74 4.16 1.49 10.72
C LEU A 74 4.80 2.76 11.26
N ASP A 75 6.08 2.68 11.59
CA ASP A 75 6.85 3.79 12.13
C ASP A 75 6.33 4.32 13.47
N GLY A 76 5.04 4.11 13.75
CA GLY A 76 4.46 4.58 14.98
C GLY A 76 2.93 4.72 14.89
N LYS A 77 2.36 4.65 13.68
CA LYS A 77 0.94 4.85 13.47
C LYS A 77 0.28 3.58 12.94
N ALA A 78 -0.87 3.23 13.49
CA ALA A 78 -1.60 2.01 13.12
C ALA A 78 -2.10 2.09 11.69
N ILE A 79 -2.04 0.98 10.95
CA ILE A 79 -2.42 0.97 9.53
C ILE A 79 -3.45 -0.09 9.18
N LYS A 80 -3.94 0.02 7.94
CA LYS A 80 -4.80 -0.95 7.29
C LYS A 80 -4.04 -1.54 6.10
N VAL A 81 -4.25 -2.83 5.83
CA VAL A 81 -3.67 -3.48 4.67
C VAL A 81 -4.75 -4.34 4.01
N GLU A 82 -4.90 -4.16 2.70
CA GLU A 82 -5.95 -4.82 1.94
C GLU A 82 -5.56 -4.82 0.46
N GLN A 83 -6.19 -5.64 -0.39
CA GLN A 83 -5.97 -5.54 -1.82
C GLN A 83 -6.46 -4.17 -2.27
N ALA A 84 -5.65 -3.48 -3.06
CA ALA A 84 -5.93 -2.11 -3.46
C ALA A 84 -6.99 -2.04 -4.55
N THR A 85 -7.63 -0.87 -4.65
CA THR A 85 -8.54 -0.57 -5.75
C THR A 85 -7.99 0.57 -6.58
N LYS A 86 -8.60 0.79 -7.74
CA LYS A 86 -8.19 1.82 -8.68
C LYS A 86 -8.36 3.21 -8.06
N PRO A 87 -7.55 4.20 -8.49
CA PRO A 87 -7.54 5.54 -7.92
C PRO A 87 -8.88 6.23 -8.13
N SER A 88 -9.20 7.18 -7.25
CA SER A 88 -10.49 7.85 -7.25
C SER A 88 -10.58 8.95 -8.31
N PHE A 89 -9.49 9.22 -9.03
CA PHE A 89 -9.52 10.18 -10.12
C PHE A 89 -9.84 9.50 -11.44
N GLU A 90 -10.13 8.20 -11.41
CA GLU A 90 -10.36 7.41 -12.60
C GLU A 90 -11.62 6.57 -12.45
N SER A 91 -12.19 6.14 -13.58
CA SER A 91 -13.44 5.41 -13.60
C SER A 91 -13.53 4.50 -14.82
N GLY A 92 -14.48 3.56 -14.80
CA GLY A 92 -14.70 2.63 -15.90
C GLY A 92 -15.40 3.29 -17.08
N ARG A 93 -15.76 4.57 -16.94
CA ARG A 93 -16.44 5.33 -17.99
C ARG A 93 -15.94 6.78 -17.96
N ARG A 94 -15.96 7.44 -19.12
CA ARG A 94 -15.50 8.82 -19.29
C ARG A 94 -14.06 9.00 -18.81
N GLY A 95 -13.28 7.92 -18.81
CA GLY A 95 -11.89 7.94 -18.38
C GLY A 95 -11.02 8.69 -19.38
N MET A 1 -15.69 4.58 -9.61
CA MET A 1 -14.60 3.69 -9.17
C MET A 1 -15.15 2.60 -8.26
N VAL A 2 -15.41 1.43 -8.85
CA VAL A 2 -15.79 0.21 -8.15
C VAL A 2 -14.74 -0.86 -8.45
N GLU A 3 -13.65 -0.39 -9.04
CA GLU A 3 -12.65 -1.24 -9.64
C GLU A 3 -11.64 -1.77 -8.63
N ALA A 4 -11.17 -2.99 -8.89
CA ALA A 4 -10.22 -3.69 -8.07
C ALA A 4 -9.18 -4.29 -9.00
N ASP A 5 -8.02 -3.64 -9.04
CA ASP A 5 -6.91 -4.02 -9.92
C ASP A 5 -6.38 -5.40 -9.53
N ARG A 6 -5.53 -5.98 -10.37
CA ARG A 6 -5.08 -7.36 -10.24
C ARG A 6 -4.49 -7.67 -8.87
N PRO A 7 -4.55 -8.95 -8.44
CA PRO A 7 -3.99 -9.42 -7.18
C PRO A 7 -2.54 -9.01 -6.98
N GLY A 8 -2.11 -8.94 -5.73
CA GLY A 8 -0.72 -8.70 -5.40
C GLY A 8 -0.50 -7.24 -5.07
N LYS A 9 -1.49 -6.38 -5.37
CA LYS A 9 -1.35 -4.97 -5.05
C LYS A 9 -2.10 -4.69 -3.77
N LEU A 10 -1.42 -4.08 -2.82
CA LEU A 10 -1.99 -3.82 -1.51
C LEU A 10 -2.19 -2.33 -1.32
N PHE A 11 -3.14 -1.97 -0.45
CA PHE A 11 -3.38 -0.62 -0.02
C PHE A 11 -2.91 -0.52 1.42
N ILE A 12 -2.05 0.47 1.71
CA ILE A 12 -1.46 0.63 3.02
C ILE A 12 -1.87 1.98 3.60
N GLY A 13 -3.08 2.09 4.16
CA GLY A 13 -3.59 3.36 4.63
C GLY A 13 -3.34 3.56 6.13
N GLY A 14 -3.05 4.80 6.54
CA GLY A 14 -2.92 5.16 7.94
C GLY A 14 -1.46 5.27 8.36
N LEU A 15 -0.54 5.27 7.38
CA LEU A 15 0.89 5.30 7.63
C LEU A 15 1.32 6.64 8.23
N ASN A 16 2.52 6.63 8.81
CA ASN A 16 3.13 7.81 9.38
C ASN A 16 3.62 8.77 8.29
N THR A 17 3.79 10.04 8.64
CA THR A 17 4.33 11.06 7.73
C THR A 17 5.83 10.84 7.55
N GLU A 18 6.38 9.94 8.35
CA GLU A 18 7.82 9.68 8.43
C GLU A 18 8.18 8.44 7.62
N THR A 19 7.17 7.68 7.18
CA THR A 19 7.36 6.47 6.41
C THR A 19 7.64 6.84 4.95
N ASN A 20 8.50 6.05 4.31
CA ASN A 20 8.76 6.20 2.88
C ASN A 20 8.77 4.82 2.23
N GLU A 21 9.25 4.78 0.99
CA GLU A 21 9.22 3.56 0.19
C GLU A 21 10.24 2.56 0.72
N LYS A 22 11.36 3.04 1.27
CA LYS A 22 12.40 2.16 1.77
C LYS A 22 11.89 1.34 2.94
N ALA A 23 10.97 1.91 3.73
CA ALA A 23 10.48 1.26 4.93
C ALA A 23 9.32 0.35 4.56
N LEU A 24 8.71 0.64 3.42
CA LEU A 24 7.54 -0.04 2.91
C LEU A 24 7.97 -1.27 2.12
N GLU A 25 9.17 -1.21 1.54
CA GLU A 25 9.75 -2.37 0.88
C GLU A 25 10.37 -3.30 1.91
N ALA A 26 10.84 -2.71 3.00
CA ALA A 26 11.55 -3.41 4.05
C ALA A 26 10.59 -4.14 4.99
N VAL A 27 9.34 -3.68 5.04
CA VAL A 27 8.36 -4.21 5.96
C VAL A 27 7.39 -5.17 5.31
N PHE A 28 7.02 -4.90 4.06
CA PHE A 28 6.16 -5.80 3.31
C PHE A 28 6.99 -6.81 2.52
N GLY A 29 8.31 -6.60 2.46
CA GLY A 29 9.20 -7.58 1.81
C GLY A 29 9.39 -8.79 2.72
N LYS A 30 8.81 -8.73 3.92
CA LYS A 30 8.89 -9.78 4.93
C LYS A 30 7.90 -10.89 4.64
N TYR A 31 6.97 -10.63 3.73
CA TYR A 31 5.91 -11.55 3.38
C TYR A 31 6.04 -12.09 1.96
N GLY A 32 6.83 -11.43 1.10
CA GLY A 32 6.99 -11.87 -0.28
C GLY A 32 7.96 -10.99 -1.05
N ARG A 33 8.37 -11.48 -2.22
CA ARG A 33 9.25 -10.74 -3.09
C ARG A 33 8.46 -9.61 -3.73
N ILE A 34 8.88 -8.40 -3.42
CA ILE A 34 8.26 -7.19 -3.97
C ILE A 34 8.71 -6.98 -5.42
N VAL A 35 7.78 -6.51 -6.26
CA VAL A 35 8.06 -6.15 -7.64
C VAL A 35 7.93 -4.64 -7.83
N GLU A 36 7.17 -3.98 -6.96
CA GLU A 36 6.99 -2.54 -7.00
C GLU A 36 6.48 -2.05 -5.65
N VAL A 37 6.81 -0.80 -5.27
CA VAL A 37 6.24 -0.16 -4.09
C VAL A 37 5.89 1.27 -4.43
N LEU A 38 4.82 1.74 -3.78
CA LEU A 38 4.37 3.12 -3.86
C LEU A 38 4.32 3.70 -2.46
N LEU A 39 4.40 5.02 -2.39
CA LEU A 39 4.20 5.75 -1.16
C LEU A 39 3.73 7.13 -1.58
N MET A 40 2.52 7.51 -1.16
CA MET A 40 1.91 8.71 -1.69
C MET A 40 2.24 9.90 -0.80
N LYS A 41 2.47 11.08 -1.40
CA LYS A 41 2.78 12.24 -0.60
C LYS A 41 2.13 13.52 -1.11
N ASP A 42 2.10 14.53 -0.24
CA ASP A 42 1.62 15.85 -0.54
C ASP A 42 2.51 16.52 -1.60
N ARG A 43 1.93 17.35 -2.46
CA ARG A 43 2.65 17.98 -3.55
C ARG A 43 3.28 19.32 -3.13
N GLU A 44 2.93 19.81 -1.94
CA GLU A 44 3.40 21.10 -1.46
C GLU A 44 4.17 20.98 -0.14
N THR A 45 4.11 19.83 0.53
CA THR A 45 4.84 19.61 1.76
C THR A 45 5.76 18.41 1.66
N ASN A 46 5.54 17.56 0.64
CA ASN A 46 6.41 16.43 0.38
C ASN A 46 6.53 15.48 1.57
N LYS A 47 5.52 15.51 2.47
CA LYS A 47 5.42 14.65 3.64
C LYS A 47 4.95 13.26 3.21
N SER A 48 3.72 12.92 3.60
CA SER A 48 3.04 11.72 3.14
C SER A 48 1.55 11.99 3.10
N ARG A 49 0.84 11.37 2.15
CA ARG A 49 -0.62 11.41 2.10
C ARG A 49 -1.17 10.52 3.21
N GLY A 50 -0.28 9.73 3.84
CA GLY A 50 -0.66 8.82 4.91
C GLY A 50 -1.15 7.48 4.37
N PHE A 51 -1.12 7.26 3.05
CA PHE A 51 -1.45 5.96 2.49
C PHE A 51 -0.47 5.61 1.38
N ALA A 52 -0.38 4.33 1.05
CA ALA A 52 0.59 3.84 0.09
C ALA A 52 0.12 2.55 -0.57
N PHE A 53 0.96 1.99 -1.44
CA PHE A 53 0.65 0.75 -2.16
C PHE A 53 1.90 -0.10 -2.30
N VAL A 54 1.73 -1.39 -2.57
CA VAL A 54 2.84 -2.31 -2.79
C VAL A 54 2.40 -3.45 -3.67
N THR A 55 3.27 -3.87 -4.59
CA THR A 55 2.98 -5.00 -5.47
C THR A 55 3.91 -6.16 -5.14
N PHE A 56 3.31 -7.30 -4.81
CA PHE A 56 4.01 -8.54 -4.53
C PHE A 56 4.14 -9.41 -5.79
N GLU A 57 5.14 -10.29 -5.81
CA GLU A 57 5.30 -11.25 -6.88
C GLU A 57 4.26 -12.36 -6.78
N SER A 58 3.71 -12.61 -5.58
CA SER A 58 2.63 -13.57 -5.42
C SER A 58 1.40 -12.89 -4.85
N PRO A 59 0.21 -13.27 -5.33
CA PRO A 59 -1.04 -12.69 -4.89
C PRO A 59 -1.43 -13.22 -3.52
N ALA A 60 -0.62 -14.13 -2.95
CA ALA A 60 -0.89 -14.70 -1.65
C ALA A 60 0.20 -14.35 -0.65
N ASP A 61 1.36 -13.90 -1.13
CA ASP A 61 2.36 -13.33 -0.24
C ASP A 61 1.84 -11.99 0.24
N ALA A 62 1.01 -11.36 -0.60
CA ALA A 62 0.35 -10.11 -0.27
C ALA A 62 -0.82 -10.36 0.70
N LYS A 63 -1.44 -11.54 0.63
CA LYS A 63 -2.50 -11.91 1.55
C LYS A 63 -1.89 -12.20 2.91
N ASP A 64 -0.73 -12.85 2.92
CA ASP A 64 -0.06 -13.20 4.16
C ASP A 64 0.41 -11.95 4.90
N ALA A 65 0.63 -10.86 4.15
CA ALA A 65 0.92 -9.57 4.74
C ALA A 65 -0.38 -8.87 5.12
N ALA A 66 -1.38 -8.92 4.24
CA ALA A 66 -2.62 -8.20 4.44
C ALA A 66 -3.50 -8.86 5.50
N ARG A 67 -3.11 -10.04 5.99
CA ARG A 67 -3.73 -10.69 7.14
C ARG A 67 -2.86 -10.64 8.38
N ASP A 68 -1.74 -9.91 8.35
CA ASP A 68 -0.81 -9.88 9.46
C ASP A 68 -0.55 -8.45 9.86
N MET A 69 -0.14 -7.67 8.87
CA MET A 69 0.21 -6.27 9.00
C MET A 69 -1.04 -5.39 9.02
N ASN A 70 -2.22 -5.96 8.72
CA ASN A 70 -3.45 -5.20 8.75
C ASN A 70 -3.85 -4.94 10.20
N GLY A 71 -4.11 -3.67 10.52
CA GLY A 71 -4.53 -3.25 11.85
C GLY A 71 -3.33 -3.01 12.78
N LYS A 72 -2.12 -3.33 12.31
CA LYS A 72 -0.88 -3.07 13.00
C LYS A 72 -0.46 -1.62 12.76
N SER A 73 0.84 -1.38 12.83
CA SER A 73 1.39 -0.04 12.77
C SER A 73 2.66 0.04 11.95
N LEU A 74 2.94 1.26 11.50
CA LEU A 74 4.15 1.59 10.75
C LEU A 74 4.69 2.87 11.31
N ASP A 75 5.98 2.87 11.64
CA ASP A 75 6.63 4.05 12.18
C ASP A 75 5.89 4.63 13.38
N GLY A 76 5.07 3.80 14.03
CA GLY A 76 4.37 4.20 15.22
C GLY A 76 2.91 4.58 14.99
N LYS A 77 2.45 4.57 13.72
CA LYS A 77 1.09 4.97 13.38
C LYS A 77 0.32 3.78 12.83
N ALA A 78 -0.88 3.55 13.35
CA ALA A 78 -1.67 2.37 13.02
C ALA A 78 -2.20 2.43 11.60
N ILE A 79 -2.16 1.30 10.90
CA ILE A 79 -2.52 1.22 9.49
C ILE A 79 -3.62 0.22 9.17
N LYS A 80 -3.98 0.18 7.89
CA LYS A 80 -4.84 -0.82 7.28
C LYS A 80 -4.05 -1.47 6.14
N VAL A 81 -4.25 -2.77 5.92
CA VAL A 81 -3.63 -3.44 4.79
C VAL A 81 -4.66 -4.35 4.13
N GLU A 82 -4.83 -4.19 2.82
CA GLU A 82 -5.86 -4.93 2.09
C GLU A 82 -5.52 -4.89 0.59
N GLN A 83 -6.14 -5.75 -0.21
CA GLN A 83 -5.99 -5.67 -1.65
C GLN A 83 -6.50 -4.30 -2.10
N ALA A 84 -5.76 -3.63 -2.99
CA ALA A 84 -6.04 -2.26 -3.36
C ALA A 84 -7.13 -2.13 -4.42
N THR A 85 -7.71 -0.94 -4.48
CA THR A 85 -8.60 -0.52 -5.55
C THR A 85 -7.95 0.58 -6.35
N LYS A 86 -8.53 0.92 -7.49
CA LYS A 86 -8.01 1.96 -8.37
C LYS A 86 -8.20 3.35 -7.73
N PRO A 87 -7.42 4.35 -8.16
CA PRO A 87 -7.47 5.69 -7.59
C PRO A 87 -8.85 6.32 -7.80
N SER A 88 -9.24 7.22 -6.89
CA SER A 88 -10.58 7.79 -6.89
C SER A 88 -10.74 8.87 -7.96
N PHE A 89 -9.65 9.33 -8.57
CA PHE A 89 -9.72 10.30 -9.65
C PHE A 89 -9.97 9.62 -10.99
N GLU A 90 -10.17 8.30 -10.97
CA GLU A 90 -10.27 7.53 -12.20
C GLU A 90 -11.40 6.51 -12.12
N SER A 91 -12.00 6.24 -13.28
CA SER A 91 -13.12 5.32 -13.43
C SER A 91 -13.18 4.78 -14.87
N GLY A 92 -12.11 4.99 -15.64
CA GLY A 92 -12.13 4.68 -17.06
C GLY A 92 -12.97 5.70 -17.81
N ARG A 93 -13.45 5.32 -19.00
CA ARG A 93 -14.20 6.17 -19.92
C ARG A 93 -13.42 7.42 -20.34
N ARG A 94 -13.83 8.05 -21.44
CA ARG A 94 -13.21 9.27 -21.95
C ARG A 94 -14.26 10.11 -22.68
N GLY A 95 -14.06 11.44 -22.69
CA GLY A 95 -14.95 12.38 -23.35
C GLY A 95 -14.85 12.26 -24.87
N MET A 1 -18.10 0.67 -9.72
CA MET A 1 -16.83 0.53 -9.00
C MET A 1 -16.86 -0.68 -8.07
N VAL A 2 -16.42 -1.81 -8.62
CA VAL A 2 -16.22 -3.07 -7.90
C VAL A 2 -14.79 -3.55 -8.18
N GLU A 3 -14.01 -2.65 -8.75
CA GLU A 3 -12.70 -2.96 -9.30
C GLU A 3 -11.67 -3.24 -8.22
N ALA A 4 -10.76 -4.17 -8.54
CA ALA A 4 -9.66 -4.54 -7.68
C ALA A 4 -8.47 -4.85 -8.59
N ASP A 5 -7.57 -3.88 -8.72
CA ASP A 5 -6.48 -3.91 -9.69
C ASP A 5 -5.33 -4.80 -9.25
N ARG A 6 -4.94 -5.73 -10.15
CA ARG A 6 -3.81 -6.65 -10.03
C ARG A 6 -3.68 -7.29 -8.65
N PRO A 7 -4.10 -8.55 -8.49
CA PRO A 7 -3.86 -9.33 -7.29
C PRO A 7 -2.39 -9.22 -6.88
N GLY A 8 -2.15 -8.98 -5.60
CA GLY A 8 -0.80 -8.77 -5.10
C GLY A 8 -0.57 -7.30 -4.82
N LYS A 9 -1.50 -6.43 -5.25
CA LYS A 9 -1.37 -5.01 -4.96
C LYS A 9 -2.13 -4.73 -3.67
N LEU A 10 -1.45 -4.10 -2.72
CA LEU A 10 -2.00 -3.83 -1.41
C LEU A 10 -2.20 -2.34 -1.23
N PHE A 11 -3.21 -1.97 -0.45
CA PHE A 11 -3.47 -0.60 -0.05
C PHE A 11 -2.99 -0.46 1.39
N ILE A 12 -2.15 0.54 1.66
CA ILE A 12 -1.53 0.73 2.95
C ILE A 12 -1.96 2.07 3.54
N GLY A 13 -3.18 2.16 4.08
CA GLY A 13 -3.69 3.42 4.59
C GLY A 13 -3.41 3.61 6.07
N GLY A 14 -3.13 4.84 6.50
CA GLY A 14 -2.98 5.16 7.92
C GLY A 14 -1.51 5.23 8.33
N LEU A 15 -0.61 5.26 7.34
CA LEU A 15 0.82 5.24 7.56
C LEU A 15 1.32 6.51 8.27
N ASN A 16 2.57 6.41 8.75
CA ASN A 16 3.29 7.48 9.39
C ASN A 16 3.85 8.44 8.34
N THR A 17 3.90 9.73 8.68
CA THR A 17 4.29 10.79 7.76
C THR A 17 5.79 10.82 7.49
N GLU A 18 6.53 10.00 8.24
CA GLU A 18 7.98 9.94 8.23
C GLU A 18 8.42 8.73 7.41
N THR A 19 7.47 7.83 7.11
CA THR A 19 7.70 6.61 6.35
C THR A 19 7.81 6.94 4.86
N ASN A 20 8.61 6.15 4.13
CA ASN A 20 8.75 6.28 2.70
C ASN A 20 8.73 4.90 2.07
N GLU A 21 9.17 4.84 0.80
CA GLU A 21 9.10 3.61 0.02
C GLU A 21 10.12 2.59 0.51
N LYS A 22 11.30 3.03 0.93
CA LYS A 22 12.35 2.12 1.37
C LYS A 22 11.94 1.39 2.64
N ALA A 23 11.12 2.02 3.47
CA ALA A 23 10.70 1.42 4.73
C ALA A 23 9.51 0.52 4.46
N LEU A 24 8.86 0.76 3.32
CA LEU A 24 7.66 0.08 2.91
C LEU A 24 8.04 -1.18 2.12
N GLU A 25 9.19 -1.14 1.46
CA GLU A 25 9.75 -2.33 0.82
C GLU A 25 10.40 -3.22 1.86
N ALA A 26 10.87 -2.59 2.94
CA ALA A 26 11.60 -3.25 3.99
C ALA A 26 10.67 -3.95 4.97
N VAL A 27 9.41 -3.49 5.03
CA VAL A 27 8.44 -3.99 5.99
C VAL A 27 7.44 -4.94 5.36
N PHE A 28 7.08 -4.71 4.11
CA PHE A 28 6.22 -5.63 3.38
C PHE A 28 7.05 -6.67 2.63
N GLY A 29 8.36 -6.46 2.52
CA GLY A 29 9.25 -7.43 1.90
C GLY A 29 9.48 -8.62 2.83
N LYS A 30 8.95 -8.53 4.05
CA LYS A 30 9.08 -9.54 5.09
C LYS A 30 8.09 -10.67 4.85
N TYR A 31 7.14 -10.45 3.94
CA TYR A 31 6.07 -11.38 3.65
C TYR A 31 6.15 -11.96 2.25
N GLY A 32 6.96 -11.38 1.36
CA GLY A 32 7.02 -11.85 -0.01
C GLY A 32 7.87 -10.95 -0.89
N ARG A 33 8.13 -11.40 -2.12
CA ARG A 33 8.97 -10.67 -3.03
C ARG A 33 8.18 -9.54 -3.68
N ILE A 34 8.60 -8.33 -3.36
CA ILE A 34 8.01 -7.11 -3.92
C ILE A 34 8.46 -6.94 -5.36
N VAL A 35 7.54 -6.46 -6.21
CA VAL A 35 7.82 -6.16 -7.60
C VAL A 35 7.68 -4.66 -7.85
N GLU A 36 6.94 -3.96 -6.99
CA GLU A 36 6.75 -2.52 -7.08
C GLU A 36 6.28 -1.98 -5.73
N VAL A 37 6.62 -0.74 -5.41
CA VAL A 37 6.09 -0.05 -4.23
C VAL A 37 5.71 1.37 -4.57
N LEU A 38 4.66 1.85 -3.92
CA LEU A 38 4.19 3.23 -4.01
C LEU A 38 4.16 3.81 -2.61
N LEU A 39 4.27 5.13 -2.53
CA LEU A 39 4.07 5.84 -1.29
C LEU A 39 3.62 7.24 -1.68
N MET A 40 2.43 7.63 -1.24
CA MET A 40 1.83 8.85 -1.73
C MET A 40 2.21 9.99 -0.79
N LYS A 41 2.51 11.17 -1.32
CA LYS A 41 2.86 12.30 -0.47
C LYS A 41 2.23 13.61 -0.89
N ASP A 42 2.19 14.55 0.06
CA ASP A 42 1.76 15.91 -0.15
C ASP A 42 2.73 16.61 -1.10
N ARG A 43 2.23 17.56 -1.90
CA ARG A 43 3.02 18.25 -2.90
C ARG A 43 3.62 19.55 -2.38
N GLU A 44 3.22 19.96 -1.17
CA GLU A 44 3.68 21.19 -0.55
C GLU A 44 4.45 20.93 0.74
N THR A 45 4.39 19.71 1.28
CA THR A 45 5.14 19.37 2.49
C THR A 45 6.04 18.17 2.25
N ASN A 46 5.80 17.43 1.16
CA ASN A 46 6.65 16.30 0.79
C ASN A 46 6.72 15.24 1.89
N LYS A 47 5.76 15.26 2.81
CA LYS A 47 5.65 14.30 3.90
C LYS A 47 5.08 12.98 3.37
N SER A 48 3.83 12.71 3.73
CA SER A 48 3.08 11.58 3.23
C SER A 48 1.60 11.94 3.21
N ARG A 49 0.84 11.38 2.25
CA ARG A 49 -0.61 11.50 2.21
C ARG A 49 -1.19 10.63 3.31
N GLY A 50 -0.34 9.79 3.90
CA GLY A 50 -0.74 8.86 4.94
C GLY A 50 -1.24 7.54 4.37
N PHE A 51 -1.17 7.35 3.05
CA PHE A 51 -1.55 6.09 2.43
C PHE A 51 -0.57 5.73 1.32
N ALA A 52 -0.48 4.45 0.98
CA ALA A 52 0.49 3.96 0.03
C ALA A 52 0.02 2.65 -0.62
N PHE A 53 0.85 2.09 -1.50
CA PHE A 53 0.55 0.84 -2.18
C PHE A 53 1.80 0.00 -2.33
N VAL A 54 1.63 -1.30 -2.57
CA VAL A 54 2.75 -2.21 -2.81
C VAL A 54 2.28 -3.39 -3.63
N THR A 55 3.10 -3.81 -4.60
CA THR A 55 2.79 -4.97 -5.42
C THR A 55 3.74 -6.11 -5.09
N PHE A 56 3.15 -7.27 -4.78
CA PHE A 56 3.91 -8.48 -4.52
C PHE A 56 3.92 -9.36 -5.78
N GLU A 57 4.87 -10.31 -5.83
CA GLU A 57 5.00 -11.24 -6.94
C GLU A 57 3.88 -12.28 -6.98
N SER A 58 3.15 -12.48 -5.88
CA SER A 58 2.02 -13.39 -5.83
C SER A 58 0.83 -12.69 -5.20
N PRO A 59 -0.39 -13.13 -5.55
CA PRO A 59 -1.59 -12.67 -4.90
C PRO A 59 -1.80 -13.42 -3.59
N ALA A 60 -0.87 -14.31 -3.23
CA ALA A 60 -1.00 -15.12 -2.03
C ALA A 60 0.15 -14.88 -1.04
N ASP A 61 1.24 -14.27 -1.48
CA ASP A 61 2.33 -13.88 -0.58
C ASP A 61 2.03 -12.50 -0.01
N ALA A 62 1.18 -11.76 -0.72
CA ALA A 62 0.63 -10.50 -0.27
C ALA A 62 -0.41 -10.70 0.83
N LYS A 63 -1.08 -11.86 0.82
CA LYS A 63 -2.12 -12.15 1.79
C LYS A 63 -1.50 -12.36 3.17
N ASP A 64 -0.27 -12.88 3.19
CA ASP A 64 0.40 -13.18 4.44
C ASP A 64 0.82 -11.89 5.14
N ALA A 65 0.94 -10.80 4.36
CA ALA A 65 1.16 -9.48 4.91
C ALA A 65 -0.18 -8.85 5.28
N ALA A 66 -1.18 -8.98 4.40
CA ALA A 66 -2.46 -8.32 4.60
C ALA A 66 -3.25 -8.95 5.74
N ARG A 67 -2.87 -10.15 6.18
CA ARG A 67 -3.44 -10.80 7.35
C ARG A 67 -2.58 -10.64 8.60
N ASP A 68 -1.50 -9.84 8.55
CA ASP A 68 -0.57 -9.74 9.65
C ASP A 68 -0.38 -8.28 10.01
N MET A 69 0.00 -7.52 8.99
CA MET A 69 0.31 -6.11 9.09
C MET A 69 -0.94 -5.25 9.15
N ASN A 70 -2.11 -5.83 8.87
CA ASN A 70 -3.36 -5.08 8.92
C ASN A 70 -3.73 -4.83 10.38
N GLY A 71 -4.04 -3.57 10.70
CA GLY A 71 -4.44 -3.16 12.04
C GLY A 71 -3.24 -2.87 12.95
N LYS A 72 -2.03 -3.21 12.50
CA LYS A 72 -0.80 -2.92 13.20
C LYS A 72 -0.36 -1.50 12.88
N SER A 73 0.92 -1.23 13.11
CA SER A 73 1.50 0.09 12.95
C SER A 73 2.79 0.02 12.17
N LEU A 74 3.12 1.11 11.48
CA LEU A 74 4.29 1.11 10.60
C LEU A 74 5.51 1.67 11.32
N ASP A 75 5.40 2.94 11.68
CA ASP A 75 6.49 3.68 12.30
C ASP A 75 6.00 4.37 13.55
N GLY A 76 4.73 4.17 13.86
CA GLY A 76 4.12 4.80 15.02
C GLY A 76 2.62 5.03 14.83
N LYS A 77 2.16 4.91 13.58
CA LYS A 77 0.76 5.13 13.24
C LYS A 77 0.17 3.83 12.75
N ALA A 78 -1.03 3.50 13.24
CA ALA A 78 -1.68 2.25 12.91
C ALA A 78 -2.28 2.30 11.51
N ILE A 79 -2.07 1.23 10.74
CA ILE A 79 -2.45 1.18 9.35
C ILE A 79 -3.55 0.16 9.05
N LYS A 80 -3.99 0.18 7.80
CA LYS A 80 -4.87 -0.80 7.20
C LYS A 80 -4.12 -1.46 6.06
N VAL A 81 -4.30 -2.76 5.87
CA VAL A 81 -3.69 -3.47 4.74
C VAL A 81 -4.75 -4.34 4.09
N GLU A 82 -4.93 -4.18 2.78
CA GLU A 82 -5.96 -4.88 2.03
C GLU A 82 -5.58 -4.87 0.56
N GLN A 83 -6.21 -5.70 -0.28
CA GLN A 83 -5.98 -5.61 -1.71
C GLN A 83 -6.49 -4.24 -2.17
N ALA A 84 -5.70 -3.58 -3.02
CA ALA A 84 -5.98 -2.20 -3.42
C ALA A 84 -7.08 -2.12 -4.47
N THR A 85 -7.69 -0.94 -4.57
CA THR A 85 -8.66 -0.65 -5.61
C THR A 85 -8.14 0.48 -6.48
N LYS A 86 -8.76 0.63 -7.66
CA LYS A 86 -8.38 1.66 -8.62
C LYS A 86 -8.59 3.06 -8.03
N PRO A 87 -7.78 4.04 -8.46
CA PRO A 87 -7.85 5.41 -7.97
C PRO A 87 -9.16 6.05 -8.43
N SER A 88 -9.56 7.13 -7.76
CA SER A 88 -10.84 7.79 -7.98
C SER A 88 -10.85 8.67 -9.23
N PHE A 89 -9.67 8.89 -9.83
CA PHE A 89 -9.57 9.66 -11.07
C PHE A 89 -9.48 8.72 -12.27
N GLU A 90 -9.91 7.47 -12.10
CA GLU A 90 -9.81 6.46 -13.15
C GLU A 90 -11.00 5.52 -13.12
N SER A 91 -11.25 4.85 -14.24
CA SER A 91 -12.39 3.94 -14.39
C SER A 91 -12.11 2.89 -15.45
N GLY A 92 -12.80 1.76 -15.37
CA GLY A 92 -12.68 0.71 -16.37
C GLY A 92 -11.24 0.26 -16.55
N ARG A 93 -10.81 0.14 -17.82
CA ARG A 93 -9.47 -0.29 -18.19
C ARG A 93 -9.06 0.35 -19.50
N ARG A 94 -7.75 0.33 -19.80
CA ARG A 94 -7.11 0.88 -20.99
C ARG A 94 -7.52 2.32 -21.33
N GLY A 95 -8.12 3.03 -20.37
CA GLY A 95 -8.60 4.39 -20.55
C GLY A 95 -10.05 4.41 -21.05
N MET A 1 -21.23 -2.64 -7.57
CA MET A 1 -19.87 -2.08 -7.77
C MET A 1 -18.91 -2.61 -6.72
N VAL A 2 -17.98 -3.46 -7.16
CA VAL A 2 -16.85 -3.89 -6.37
C VAL A 2 -15.68 -4.09 -7.32
N GLU A 3 -14.59 -3.36 -7.08
CA GLU A 3 -13.40 -3.41 -7.91
C GLU A 3 -12.14 -3.44 -7.07
N ALA A 4 -11.24 -4.36 -7.42
CA ALA A 4 -9.94 -4.50 -6.80
C ALA A 4 -8.96 -4.90 -7.90
N ASP A 5 -8.02 -3.99 -8.20
CA ASP A 5 -7.11 -4.13 -9.33
C ASP A 5 -5.85 -4.92 -8.96
N ARG A 6 -5.48 -5.85 -9.86
CA ARG A 6 -4.29 -6.69 -9.84
C ARG A 6 -3.98 -7.36 -8.49
N PRO A 7 -4.09 -8.69 -8.39
CA PRO A 7 -3.65 -9.44 -7.23
C PRO A 7 -2.19 -9.11 -6.92
N GLY A 8 -1.83 -9.13 -5.64
CA GLY A 8 -0.47 -8.84 -5.21
C GLY A 8 -0.33 -7.35 -4.93
N LYS A 9 -1.23 -6.53 -5.48
CA LYS A 9 -1.23 -5.11 -5.18
C LYS A 9 -2.01 -4.88 -3.90
N LEU A 10 -1.40 -4.16 -2.97
CA LEU A 10 -2.00 -3.88 -1.68
C LEU A 10 -2.17 -2.38 -1.50
N PHE A 11 -3.12 -2.00 -0.66
CA PHE A 11 -3.34 -0.63 -0.24
C PHE A 11 -2.92 -0.52 1.21
N ILE A 12 -2.10 0.48 1.52
CA ILE A 12 -1.52 0.64 2.85
C ILE A 12 -1.91 2.00 3.41
N GLY A 13 -3.08 2.10 4.06
CA GLY A 13 -3.57 3.37 4.57
C GLY A 13 -3.34 3.53 6.06
N GLY A 14 -3.05 4.77 6.50
CA GLY A 14 -2.97 5.11 7.91
C GLY A 14 -1.51 5.22 8.38
N LEU A 15 -0.58 5.17 7.42
CA LEU A 15 0.85 5.18 7.71
C LEU A 15 1.29 6.48 8.36
N ASN A 16 2.48 6.41 8.98
CA ASN A 16 3.17 7.52 9.58
C ASN A 16 3.67 8.47 8.49
N THR A 17 3.67 9.78 8.78
CA THR A 17 4.03 10.81 7.79
C THR A 17 5.52 10.79 7.47
N GLU A 18 6.26 9.95 8.19
CA GLU A 18 7.70 9.87 8.13
C GLU A 18 8.12 8.56 7.45
N THR A 19 7.13 7.71 7.16
CA THR A 19 7.33 6.42 6.49
C THR A 19 7.54 6.69 5.00
N ASN A 20 8.41 5.89 4.38
CA ASN A 20 8.71 6.03 2.97
C ASN A 20 8.76 4.65 2.32
N GLU A 21 9.30 4.61 1.10
CA GLU A 21 9.36 3.39 0.32
C GLU A 21 10.33 2.41 0.97
N LYS A 22 11.35 2.91 1.67
CA LYS A 22 12.35 2.06 2.31
C LYS A 22 11.69 1.28 3.46
N ALA A 23 10.67 1.86 4.09
CA ALA A 23 10.03 1.24 5.24
C ALA A 23 8.89 0.36 4.76
N LEU A 24 8.46 0.57 3.51
CA LEU A 24 7.34 -0.11 2.91
C LEU A 24 7.83 -1.31 2.11
N GLU A 25 9.05 -1.25 1.60
CA GLU A 25 9.65 -2.40 0.95
C GLU A 25 10.26 -3.34 1.97
N ALA A 26 10.70 -2.75 3.09
CA ALA A 26 11.36 -3.48 4.16
C ALA A 26 10.36 -4.19 5.04
N VAL A 27 9.15 -3.65 5.14
CA VAL A 27 8.14 -4.18 6.02
C VAL A 27 7.22 -5.19 5.33
N PHE A 28 6.91 -4.92 4.06
CA PHE A 28 6.09 -5.82 3.28
C PHE A 28 6.93 -6.84 2.52
N GLY A 29 8.25 -6.63 2.48
CA GLY A 29 9.15 -7.59 1.84
C GLY A 29 9.35 -8.81 2.73
N LYS A 30 8.75 -8.77 3.93
CA LYS A 30 8.83 -9.82 4.93
C LYS A 30 7.87 -10.95 4.62
N TYR A 31 6.93 -10.68 3.71
CA TYR A 31 5.88 -11.61 3.36
C TYR A 31 6.02 -12.14 1.93
N GLY A 32 6.79 -11.47 1.08
CA GLY A 32 6.96 -11.89 -0.30
C GLY A 32 7.91 -10.99 -1.07
N ARG A 33 8.37 -11.47 -2.22
CA ARG A 33 9.23 -10.70 -3.06
C ARG A 33 8.43 -9.59 -3.72
N ILE A 34 8.82 -8.36 -3.41
CA ILE A 34 8.20 -7.17 -3.97
C ILE A 34 8.65 -6.96 -5.41
N VAL A 35 7.72 -6.53 -6.26
CA VAL A 35 8.01 -6.22 -7.65
C VAL A 35 7.89 -4.73 -7.90
N GLU A 36 7.12 -4.04 -7.06
CA GLU A 36 6.94 -2.59 -7.14
C GLU A 36 6.40 -2.07 -5.81
N VAL A 37 6.73 -0.83 -5.45
CA VAL A 37 6.15 -0.17 -4.30
C VAL A 37 5.78 1.27 -4.65
N LEU A 38 4.70 1.73 -4.03
CA LEU A 38 4.22 3.10 -4.14
C LEU A 38 4.24 3.71 -2.75
N LEU A 39 4.41 5.01 -2.69
CA LEU A 39 4.30 5.74 -1.46
C LEU A 39 3.83 7.14 -1.82
N MET A 40 2.66 7.52 -1.33
CA MET A 40 2.04 8.75 -1.78
C MET A 40 2.42 9.91 -0.87
N LYS A 41 2.70 11.08 -1.44
CA LYS A 41 3.03 12.26 -0.65
C LYS A 41 2.46 13.54 -1.27
N ASP A 42 2.23 14.54 -0.41
CA ASP A 42 1.70 15.84 -0.77
C ASP A 42 2.68 16.62 -1.64
N ARG A 43 2.19 17.69 -2.28
CA ARG A 43 3.01 18.54 -3.15
C ARG A 43 3.30 19.89 -2.49
N GLU A 44 2.67 20.17 -1.35
CA GLU A 44 2.89 21.40 -0.61
C GLU A 44 3.76 21.15 0.62
N THR A 45 3.94 19.89 1.01
CA THR A 45 4.76 19.52 2.17
C THR A 45 5.70 18.38 1.85
N ASN A 46 5.46 17.66 0.76
CA ASN A 46 6.28 16.52 0.40
C ASN A 46 6.21 15.40 1.44
N LYS A 47 5.28 15.54 2.41
CA LYS A 47 5.04 14.54 3.44
C LYS A 47 4.09 13.49 2.89
N SER A 48 4.19 12.29 3.45
CA SER A 48 3.35 11.18 3.02
C SER A 48 1.88 11.55 3.19
N ARG A 49 1.04 11.14 2.22
CA ARG A 49 -0.39 11.37 2.24
C ARG A 49 -1.02 10.53 3.36
N GLY A 50 -0.22 9.65 3.96
CA GLY A 50 -0.66 8.72 4.98
C GLY A 50 -1.13 7.40 4.35
N PHE A 51 -1.03 7.25 3.03
CA PHE A 51 -1.38 6.00 2.39
C PHE A 51 -0.38 5.66 1.28
N ALA A 52 -0.31 4.37 0.92
CA ALA A 52 0.66 3.87 -0.03
C ALA A 52 0.15 2.59 -0.69
N PHE A 53 0.96 1.99 -1.57
CA PHE A 53 0.61 0.73 -2.23
C PHE A 53 1.88 -0.12 -2.40
N VAL A 54 1.70 -1.41 -2.65
CA VAL A 54 2.82 -2.33 -2.87
C VAL A 54 2.37 -3.49 -3.74
N THR A 55 3.22 -3.93 -4.66
CA THR A 55 2.94 -5.07 -5.52
C THR A 55 3.88 -6.22 -5.19
N PHE A 56 3.28 -7.37 -4.85
CA PHE A 56 4.00 -8.60 -4.57
C PHE A 56 4.12 -9.48 -5.82
N GLU A 57 5.12 -10.36 -5.83
CA GLU A 57 5.28 -11.34 -6.88
C GLU A 57 4.22 -12.45 -6.77
N SER A 58 3.66 -12.67 -5.58
CA SER A 58 2.57 -13.62 -5.41
C SER A 58 1.34 -12.93 -4.85
N PRO A 59 0.16 -13.31 -5.33
CA PRO A 59 -1.09 -12.72 -4.89
C PRO A 59 -1.49 -13.25 -3.51
N ALA A 60 -0.69 -14.16 -2.94
CA ALA A 60 -0.96 -14.73 -1.64
C ALA A 60 0.13 -14.38 -0.64
N ASP A 61 1.30 -13.95 -1.13
CA ASP A 61 2.31 -13.38 -0.25
C ASP A 61 1.80 -12.03 0.22
N ALA A 62 0.98 -11.39 -0.61
CA ALA A 62 0.34 -10.13 -0.27
C ALA A 62 -0.82 -10.38 0.69
N LYS A 63 -1.47 -11.54 0.60
CA LYS A 63 -2.53 -11.88 1.54
C LYS A 63 -1.93 -12.15 2.90
N ASP A 64 -0.78 -12.81 2.93
CA ASP A 64 -0.12 -13.14 4.19
C ASP A 64 0.36 -11.88 4.88
N ALA A 65 0.69 -10.85 4.09
CA ALA A 65 1.05 -9.55 4.61
C ALA A 65 -0.20 -8.80 5.06
N ALA A 66 -1.24 -8.82 4.23
CA ALA A 66 -2.47 -8.08 4.50
C ALA A 66 -3.25 -8.74 5.65
N ARG A 67 -2.87 -9.95 6.03
CA ARG A 67 -3.42 -10.65 7.18
C ARG A 67 -2.52 -10.50 8.42
N ASP A 68 -1.47 -9.67 8.36
CA ASP A 68 -0.52 -9.57 9.44
C ASP A 68 -0.32 -8.13 9.83
N MET A 69 -0.04 -7.32 8.81
CA MET A 69 0.26 -5.92 8.91
C MET A 69 -1.00 -5.07 9.02
N ASN A 70 -2.17 -5.64 8.71
CA ASN A 70 -3.42 -4.93 8.84
C ASN A 70 -3.78 -4.84 10.32
N GLY A 71 -3.83 -3.61 10.85
CA GLY A 71 -4.18 -3.34 12.23
C GLY A 71 -2.94 -3.10 13.09
N LYS A 72 -1.74 -3.34 12.53
CA LYS A 72 -0.49 -3.04 13.16
C LYS A 72 -0.15 -1.57 12.96
N SER A 73 1.14 -1.26 13.03
CA SER A 73 1.64 0.10 12.94
C SER A 73 2.97 0.16 12.22
N LEU A 74 3.25 1.36 11.73
CA LEU A 74 4.49 1.64 11.03
C LEU A 74 5.03 2.94 11.55
N ASP A 75 6.29 2.92 12.01
CA ASP A 75 6.99 4.07 12.57
C ASP A 75 6.33 4.66 13.82
N GLY A 76 5.03 4.47 13.99
CA GLY A 76 4.33 4.95 15.16
C GLY A 76 2.83 5.05 14.99
N LYS A 77 2.31 4.92 13.76
CA LYS A 77 0.89 5.10 13.47
C LYS A 77 0.31 3.81 12.92
N ALA A 78 -0.89 3.45 13.40
CA ALA A 78 -1.52 2.20 13.04
C ALA A 78 -1.98 2.22 11.58
N ILE A 79 -1.78 1.11 10.86
CA ILE A 79 -2.09 1.05 9.44
C ILE A 79 -3.11 -0.03 9.09
N LYS A 80 -3.66 0.11 7.88
CA LYS A 80 -4.59 -0.80 7.26
C LYS A 80 -3.90 -1.45 6.06
N VAL A 81 -4.19 -2.71 5.80
CA VAL A 81 -3.67 -3.38 4.64
C VAL A 81 -4.80 -4.17 3.98
N GLU A 82 -4.96 -4.00 2.67
CA GLU A 82 -6.07 -4.58 1.93
C GLU A 82 -5.69 -4.71 0.47
N GLN A 83 -6.39 -5.53 -0.31
CA GLN A 83 -6.13 -5.60 -1.75
C GLN A 83 -6.60 -4.28 -2.35
N ALA A 84 -5.69 -3.58 -3.04
CA ALA A 84 -5.94 -2.22 -3.50
C ALA A 84 -7.13 -2.11 -4.44
N THR A 85 -7.84 -0.98 -4.35
CA THR A 85 -8.91 -0.65 -5.27
C THR A 85 -8.41 0.34 -6.30
N LYS A 86 -9.21 0.55 -7.35
CA LYS A 86 -8.87 1.48 -8.42
C LYS A 86 -8.88 2.92 -7.90
N PRO A 87 -8.06 3.80 -8.50
CA PRO A 87 -7.95 5.19 -8.09
C PRO A 87 -9.24 5.94 -8.45
N SER A 88 -9.45 7.08 -7.80
CA SER A 88 -10.71 7.82 -7.89
C SER A 88 -10.54 9.21 -8.49
N PHE A 89 -9.34 9.56 -8.96
CA PHE A 89 -9.11 10.85 -9.61
C PHE A 89 -9.36 10.79 -11.12
N GLU A 90 -9.93 9.68 -11.60
CA GLU A 90 -10.16 9.49 -13.02
C GLU A 90 -11.50 8.81 -13.25
N SER A 91 -12.13 9.14 -14.38
CA SER A 91 -13.47 8.68 -14.73
C SER A 91 -13.63 8.51 -16.23
N GLY A 92 -12.53 8.49 -16.98
CA GLY A 92 -12.58 8.41 -18.43
C GLY A 92 -13.25 7.12 -18.89
N ARG A 93 -14.05 7.21 -19.96
CA ARG A 93 -14.75 6.09 -20.57
C ARG A 93 -15.57 5.31 -19.53
N ARG A 94 -16.12 6.01 -18.54
CA ARG A 94 -16.93 5.38 -17.49
C ARG A 94 -17.97 6.37 -16.96
N GLY A 95 -19.08 5.84 -16.43
CA GLY A 95 -20.17 6.66 -15.90
C GLY A 95 -19.75 7.36 -14.61
N MET A 1 -19.24 2.05 -8.47
CA MET A 1 -18.22 1.26 -9.19
C MET A 1 -17.43 0.40 -8.23
N VAL A 2 -17.57 -0.93 -8.36
CA VAL A 2 -16.79 -1.87 -7.58
C VAL A 2 -15.63 -2.34 -8.45
N GLU A 3 -14.43 -1.90 -8.12
CA GLU A 3 -13.24 -2.19 -8.89
C GLU A 3 -12.07 -2.60 -8.01
N ALA A 4 -11.39 -3.66 -8.45
CA ALA A 4 -10.22 -4.21 -7.77
C ALA A 4 -9.21 -4.59 -8.85
N ASP A 5 -8.10 -3.87 -8.86
CA ASP A 5 -6.99 -4.12 -9.77
C ASP A 5 -6.37 -5.49 -9.45
N ARG A 6 -5.44 -5.95 -10.31
CA ARG A 6 -4.88 -7.29 -10.24
C ARG A 6 -4.34 -7.65 -8.85
N PRO A 7 -4.40 -8.93 -8.47
CA PRO A 7 -3.87 -9.45 -7.22
C PRO A 7 -2.42 -9.04 -6.96
N GLY A 8 -2.03 -9.02 -5.68
CA GLY A 8 -0.64 -8.77 -5.32
C GLY A 8 -0.45 -7.30 -4.99
N LYS A 9 -1.42 -6.45 -5.33
CA LYS A 9 -1.30 -5.04 -5.04
C LYS A 9 -2.07 -4.74 -3.77
N LEU A 10 -1.41 -4.11 -2.82
CA LEU A 10 -1.99 -3.84 -1.52
C LEU A 10 -2.17 -2.34 -1.34
N PHE A 11 -3.14 -1.97 -0.50
CA PHE A 11 -3.38 -0.61 -0.08
C PHE A 11 -2.93 -0.49 1.36
N ILE A 12 -2.09 0.52 1.64
CA ILE A 12 -1.50 0.70 2.95
C ILE A 12 -1.90 2.05 3.51
N GLY A 13 -3.10 2.15 4.10
CA GLY A 13 -3.60 3.42 4.61
C GLY A 13 -3.29 3.58 6.11
N GLY A 14 -2.97 4.80 6.54
CA GLY A 14 -2.81 5.11 7.95
C GLY A 14 -1.34 5.21 8.35
N LEU A 15 -0.45 5.23 7.35
CA LEU A 15 0.98 5.27 7.58
C LEU A 15 1.40 6.60 8.21
N ASN A 16 2.61 6.60 8.79
CA ASN A 16 3.19 7.77 9.39
C ASN A 16 3.70 8.73 8.31
N THR A 17 3.81 10.02 8.66
CA THR A 17 4.34 11.04 7.77
C THR A 17 5.84 10.86 7.57
N GLU A 18 6.42 9.96 8.36
CA GLU A 18 7.85 9.72 8.43
C GLU A 18 8.23 8.48 7.62
N THR A 19 7.22 7.72 7.19
CA THR A 19 7.42 6.50 6.42
C THR A 19 7.64 6.84 4.95
N ASN A 20 8.48 6.05 4.28
CA ASN A 20 8.71 6.19 2.86
C ASN A 20 8.74 4.82 2.22
N GLU A 21 9.21 4.77 0.97
CA GLU A 21 9.17 3.55 0.17
C GLU A 21 10.15 2.52 0.70
N LYS A 22 11.30 2.95 1.21
CA LYS A 22 12.33 2.02 1.68
C LYS A 22 11.86 1.28 2.92
N ALA A 23 10.99 1.89 3.71
CA ALA A 23 10.51 1.28 4.94
C ALA A 23 9.34 0.36 4.59
N LEU A 24 8.72 0.64 3.43
CA LEU A 24 7.55 -0.04 2.94
C LEU A 24 7.98 -1.27 2.16
N GLU A 25 9.17 -1.22 1.56
CA GLU A 25 9.73 -2.39 0.91
C GLU A 25 10.36 -3.31 1.96
N ALA A 26 10.81 -2.71 3.05
CA ALA A 26 11.53 -3.39 4.11
C ALA A 26 10.57 -4.10 5.05
N VAL A 27 9.31 -3.66 5.08
CA VAL A 27 8.31 -4.18 6.01
C VAL A 27 7.32 -5.12 5.34
N PHE A 28 6.98 -4.85 4.09
CA PHE A 28 6.13 -5.75 3.33
C PHE A 28 6.97 -6.76 2.54
N GLY A 29 8.28 -6.54 2.48
CA GLY A 29 9.16 -7.50 1.82
C GLY A 29 9.40 -8.71 2.72
N LYS A 30 8.83 -8.66 3.93
CA LYS A 30 8.94 -9.70 4.94
C LYS A 30 7.94 -10.83 4.67
N TYR A 31 7.00 -10.57 3.76
CA TYR A 31 5.95 -11.51 3.43
C TYR A 31 6.08 -12.05 2.01
N GLY A 32 6.83 -11.38 1.14
CA GLY A 32 7.01 -11.82 -0.24
C GLY A 32 7.97 -10.94 -1.02
N ARG A 33 8.38 -11.43 -2.18
CA ARG A 33 9.26 -10.70 -3.04
C ARG A 33 8.48 -9.58 -3.70
N ILE A 34 8.89 -8.35 -3.41
CA ILE A 34 8.27 -7.16 -3.96
C ILE A 34 8.70 -6.94 -5.41
N VAL A 35 7.77 -6.49 -6.24
CA VAL A 35 8.04 -6.15 -7.64
C VAL A 35 7.89 -4.64 -7.85
N GLU A 36 7.15 -3.98 -6.96
CA GLU A 36 6.96 -2.52 -7.01
C GLU A 36 6.47 -2.03 -5.66
N VAL A 37 6.80 -0.78 -5.31
CA VAL A 37 6.23 -0.13 -4.13
C VAL A 37 5.87 1.29 -4.47
N LEU A 38 4.79 1.77 -3.85
CA LEU A 38 4.32 3.13 -3.94
C LEU A 38 4.27 3.73 -2.56
N LEU A 39 4.37 5.05 -2.48
CA LEU A 39 4.16 5.77 -1.25
C LEU A 39 3.71 7.16 -1.66
N MET A 40 2.50 7.55 -1.25
CA MET A 40 1.91 8.77 -1.77
C MET A 40 2.25 9.93 -0.86
N LYS A 41 2.53 11.10 -1.44
CA LYS A 41 2.84 12.28 -0.62
C LYS A 41 2.18 13.54 -1.12
N ASP A 42 2.07 14.53 -0.22
CA ASP A 42 1.55 15.84 -0.50
C ASP A 42 2.40 16.55 -1.57
N ARG A 43 1.79 17.40 -2.39
CA ARG A 43 2.48 18.05 -3.49
C ARG A 43 3.04 19.42 -3.11
N GLU A 44 2.82 19.85 -1.86
CA GLU A 44 3.32 21.14 -1.37
C GLU A 44 4.19 20.96 -0.13
N THR A 45 4.17 19.79 0.50
CA THR A 45 4.98 19.54 1.69
C THR A 45 5.83 18.28 1.52
N ASN A 46 5.50 17.46 0.53
CA ASN A 46 6.27 16.28 0.19
C ASN A 46 6.44 15.32 1.37
N LYS A 47 5.54 15.42 2.36
CA LYS A 47 5.50 14.57 3.54
C LYS A 47 5.01 13.18 3.17
N SER A 48 3.77 12.89 3.52
CA SER A 48 3.07 11.68 3.12
C SER A 48 1.57 11.97 3.10
N ARG A 49 0.85 11.33 2.16
CA ARG A 49 -0.60 11.40 2.12
C ARG A 49 -1.17 10.51 3.21
N GLY A 50 -0.28 9.72 3.84
CA GLY A 50 -0.66 8.77 4.87
C GLY A 50 -1.15 7.45 4.28
N PHE A 51 -1.16 7.31 2.95
CA PHE A 51 -1.52 6.04 2.32
C PHE A 51 -0.54 5.69 1.22
N ALA A 52 -0.44 4.40 0.90
CA ALA A 52 0.54 3.90 -0.04
C ALA A 52 0.08 2.58 -0.67
N PHE A 53 0.94 2.01 -1.53
CA PHE A 53 0.63 0.76 -2.20
C PHE A 53 1.90 -0.09 -2.33
N VAL A 54 1.74 -1.38 -2.59
CA VAL A 54 2.85 -2.29 -2.80
C VAL A 54 2.40 -3.44 -3.67
N THR A 55 3.27 -3.87 -4.59
CA THR A 55 2.98 -5.01 -5.46
C THR A 55 3.91 -6.17 -5.12
N PHE A 56 3.31 -7.31 -4.78
CA PHE A 56 4.02 -8.55 -4.51
C PHE A 56 4.17 -9.41 -5.76
N GLU A 57 5.16 -10.30 -5.77
CA GLU A 57 5.34 -11.27 -6.84
C GLU A 57 4.32 -12.39 -6.73
N SER A 58 3.75 -12.63 -5.54
CA SER A 58 2.69 -13.61 -5.37
C SER A 58 1.46 -12.94 -4.80
N PRO A 59 0.26 -13.31 -5.29
CA PRO A 59 -0.98 -12.74 -4.84
C PRO A 59 -1.39 -13.28 -3.48
N ALA A 60 -0.57 -14.18 -2.91
CA ALA A 60 -0.83 -14.75 -1.60
C ALA A 60 0.26 -14.40 -0.61
N ASP A 61 1.41 -13.92 -1.09
CA ASP A 61 2.41 -13.34 -0.20
C ASP A 61 1.87 -12.00 0.28
N ALA A 62 1.04 -11.37 -0.56
CA ALA A 62 0.37 -10.13 -0.21
C ALA A 62 -0.78 -10.39 0.75
N LYS A 63 -1.38 -11.58 0.68
CA LYS A 63 -2.44 -11.96 1.61
C LYS A 63 -1.83 -12.25 2.97
N ASP A 64 -0.64 -12.86 2.97
CA ASP A 64 0.03 -13.20 4.21
C ASP A 64 0.48 -11.95 4.94
N ALA A 65 0.69 -10.86 4.19
CA ALA A 65 0.96 -9.57 4.77
C ALA A 65 -0.35 -8.88 5.17
N ALA A 66 -1.36 -8.95 4.29
CA ALA A 66 -2.61 -8.25 4.52
C ALA A 66 -3.46 -8.91 5.59
N ARG A 67 -3.06 -10.10 6.06
CA ARG A 67 -3.66 -10.76 7.21
C ARG A 67 -2.78 -10.70 8.45
N ASP A 68 -1.69 -9.92 8.42
CA ASP A 68 -0.74 -9.89 9.52
C ASP A 68 -0.51 -8.45 9.94
N MET A 69 -0.15 -7.65 8.94
CA MET A 69 0.18 -6.25 9.06
C MET A 69 -1.06 -5.37 9.08
N ASN A 70 -2.25 -5.93 8.79
CA ASN A 70 -3.48 -5.17 8.82
C ASN A 70 -3.88 -4.88 10.26
N GLY A 71 -4.11 -3.60 10.58
CA GLY A 71 -4.52 -3.18 11.91
C GLY A 71 -3.32 -2.96 12.84
N LYS A 72 -2.11 -3.30 12.38
CA LYS A 72 -0.88 -3.06 13.10
C LYS A 72 -0.42 -1.63 12.86
N SER A 73 0.88 -1.40 13.03
CA SER A 73 1.48 -0.09 12.93
C SER A 73 2.78 -0.14 12.15
N LEU A 74 3.13 0.98 11.53
CA LEU A 74 4.30 1.02 10.66
C LEU A 74 5.48 1.68 11.36
N ASP A 75 5.32 2.96 11.65
CA ASP A 75 6.36 3.78 12.25
C ASP A 75 5.88 4.37 13.56
N GLY A 76 4.79 3.82 14.05
CA GLY A 76 4.16 4.30 15.26
C GLY A 76 2.71 4.69 15.01
N LYS A 77 2.30 4.65 13.73
CA LYS A 77 0.96 5.00 13.30
C LYS A 77 0.27 3.75 12.79
N ALA A 78 -0.95 3.50 13.26
CA ALA A 78 -1.65 2.28 12.96
C ALA A 78 -2.25 2.32 11.55
N ILE A 79 -2.07 1.23 10.81
CA ILE A 79 -2.45 1.17 9.40
C ILE A 79 -3.57 0.18 9.11
N LYS A 80 -3.98 0.20 7.83
CA LYS A 80 -4.87 -0.76 7.21
C LYS A 80 -4.09 -1.42 6.08
N VAL A 81 -4.29 -2.73 5.88
CA VAL A 81 -3.69 -3.43 4.75
C VAL A 81 -4.77 -4.27 4.09
N GLU A 82 -4.92 -4.11 2.77
CA GLU A 82 -5.97 -4.77 2.01
C GLU A 82 -5.56 -4.83 0.54
N GLN A 83 -6.22 -5.67 -0.26
CA GLN A 83 -6.00 -5.64 -1.70
C GLN A 83 -6.47 -4.28 -2.19
N ALA A 84 -5.67 -3.63 -3.04
CA ALA A 84 -5.92 -2.27 -3.45
C ALA A 84 -7.06 -2.15 -4.46
N THR A 85 -7.71 -0.99 -4.45
CA THR A 85 -8.67 -0.63 -5.49
C THR A 85 -8.05 0.42 -6.38
N LYS A 86 -8.76 0.80 -7.43
CA LYS A 86 -8.30 1.77 -8.41
C LYS A 86 -8.45 3.19 -7.85
N PRO A 87 -7.65 4.15 -8.35
CA PRO A 87 -7.65 5.52 -7.84
C PRO A 87 -8.99 6.22 -8.07
N SER A 88 -9.26 7.26 -7.30
CA SER A 88 -10.55 7.92 -7.28
C SER A 88 -10.53 9.33 -7.84
N PHE A 89 -9.42 9.79 -8.41
CA PHE A 89 -9.37 11.11 -9.03
C PHE A 89 -9.98 11.12 -10.42
N GLU A 90 -10.52 9.98 -10.87
CA GLU A 90 -11.01 9.88 -12.23
C GLU A 90 -12.17 8.89 -12.35
N SER A 91 -13.00 9.11 -13.36
CA SER A 91 -14.24 8.36 -13.59
C SER A 91 -14.54 8.29 -15.08
N GLY A 92 -13.49 8.24 -15.91
CA GLY A 92 -13.63 8.23 -17.37
C GLY A 92 -14.29 6.96 -17.91
N ARG A 93 -14.55 5.97 -17.05
CA ARG A 93 -15.21 4.72 -17.45
C ARG A 93 -16.06 4.21 -16.30
N ARG A 94 -17.30 3.78 -16.63
CA ARG A 94 -18.29 3.29 -15.67
C ARG A 94 -18.55 4.25 -14.52
N GLY A 95 -19.44 3.86 -13.60
CA GLY A 95 -19.81 4.66 -12.44
C GLY A 95 -20.87 3.95 -11.61
#